data_2YKY
#
_entry.id   2YKY
#
_cell.length_a   183.583
_cell.length_b   94.461
_cell.length_c   103.671
_cell.angle_alpha   90.00
_cell.angle_beta   113.83
_cell.angle_gamma   90.00
#
_symmetry.space_group_name_H-M   'C 1 2 1'
#
loop_
_entity.id
_entity.type
_entity.pdbx_description
1 polymer BETA-TRANSAMINASE
2 non-polymer 1,2-ETHANEDIOL
3 non-polymer "PYRIDOXAL-5'-PHOSPHATE"
4 non-polymer '(3S)-3-amino-3-phenylpropanoic acid'
5 non-polymer BENZENE
6 non-polymer GLYCEROL
7 water water
#
_entity_poly.entity_id   1
_entity_poly.type   'polypeptide(L)'
_entity_poly.pdbx_seq_one_letter_code
;MGSSHHHHHHSSGLVPRGSHMNEPIGEPGRSPASDTAEKAQAIAAARNTFARDNPVSAGHHERARRSMPGGNTRSILFHR
PFPLVIAQGTGSRFQDVDGHAYVNFLGEYTAGLFGHSHPVIRAAVERALAVGLNLSTQTENEALFAEAVCDRFPSIDLVR
FTNSGTEANLMALATATAITGRKTVLAFDGGYHGGLLNFASGHAPTNAPYHVVLGVYNDVEGTADLLKRHGHDCAAILVE
PMLGAGGCVPAERAFLDLLRAEASRCGALLIFDEVMTSRLSGGGAQEMLGISADLTTLGKYIGGGMSFGAFGGRRDLMER
FDPARDGAFAHAGTFNNNILTMSAGHAALTQIYTRQAASDLSASGDRFRANLNRIAVENQAPLQFTGLGSLGTIHFSRAP
IRSAGDVRAADQQLKELFFFHMLRKGIYLAPRGMYALSLEIADAGRDAFAEALADFIGEQRALLM
;
_entity_poly.pdbx_strand_id   A,B,C
#
# COMPACT_ATOMS: atom_id res chain seq x y z
N SER A 34 30.79 42.22 10.01
CA SER A 34 31.51 42.21 8.70
C SER A 34 32.79 41.36 8.78
N ASP A 35 33.23 40.85 7.63
CA ASP A 35 34.39 39.96 7.56
C ASP A 35 35.66 40.63 8.07
N THR A 36 36.44 39.88 8.85
CA THR A 36 37.74 40.36 9.31
C THR A 36 38.84 39.39 8.91
N ALA A 37 40.06 39.94 8.79
CA ALA A 37 41.22 39.12 8.49
C ALA A 37 41.51 38.09 9.59
N GLU A 38 41.33 38.51 10.85
CA GLU A 38 41.51 37.63 12.02
C GLU A 38 40.62 36.39 11.92
N LYS A 39 39.34 36.63 11.63
CA LYS A 39 38.37 35.53 11.53
C LYS A 39 38.67 34.65 10.32
N ALA A 40 39.09 35.27 9.22
CA ALA A 40 39.43 34.51 8.01
C ALA A 40 40.62 33.59 8.25
N GLN A 41 41.60 34.07 9.02
CA GLN A 41 42.76 33.25 9.36
C GLN A 41 42.38 32.07 10.26
N ALA A 42 41.49 32.32 11.23
CA ALA A 42 41.00 31.28 12.12
C ALA A 42 40.29 30.19 11.31
N ILE A 43 39.46 30.61 10.35
CA ILE A 43 38.73 29.65 9.49
C ILE A 43 39.71 28.86 8.62
N ALA A 44 40.69 29.53 8.03
CA ALA A 44 41.68 28.84 7.20
C ALA A 44 42.40 27.77 8.01
N ALA A 45 42.75 28.10 9.25
CA ALA A 45 43.40 27.15 10.13
C ALA A 45 42.49 25.95 10.43
N ALA A 46 41.22 26.23 10.71
CA ALA A 46 40.23 25.19 10.97
C ALA A 46 40.01 24.30 9.75
N ARG A 47 39.92 24.91 8.56
CA ARG A 47 39.78 24.13 7.33
C ARG A 47 41.01 23.27 7.06
N ASN A 48 42.20 23.82 7.35
CA ASN A 48 43.43 23.08 7.09
C ASN A 48 43.58 21.87 7.99
N THR A 49 43.20 22.02 9.26
CA THR A 49 43.20 20.92 10.22
C THR A 49 42.20 19.85 9.79
N PHE A 50 41.00 20.28 9.42
CA PHE A 50 39.97 19.39 8.91
C PHE A 50 40.51 18.58 7.71
N ALA A 51 41.16 19.27 6.78
CA ALA A 51 41.71 18.63 5.58
C ALA A 51 42.79 17.62 5.92
N ARG A 52 43.73 18.02 6.78
CA ARG A 52 44.85 17.15 7.18
C ARG A 52 44.35 15.89 7.88
N ASP A 53 43.28 16.04 8.66
CA ASP A 53 42.76 14.93 9.46
C ASP A 53 41.83 14.00 8.68
N ASN A 54 41.38 14.46 7.50
CA ASN A 54 40.44 13.68 6.69
C ASN A 54 40.89 13.41 5.25
N PRO A 55 42.08 12.80 5.07
CA PRO A 55 42.63 12.58 3.73
C PRO A 55 41.83 11.60 2.86
N VAL A 56 41.19 10.60 3.49
CA VAL A 56 40.37 9.64 2.72
C VAL A 56 39.14 10.34 2.14
N SER A 57 38.46 11.15 2.96
CA SER A 57 37.35 11.99 2.46
C SER A 57 37.83 12.93 1.36
N ALA A 58 39.02 13.52 1.54
CA ALA A 58 39.60 14.40 0.53
C ALA A 58 39.74 13.72 -0.83
N GLY A 59 40.27 12.50 -0.81
CA GLY A 59 40.49 11.72 -2.03
C GLY A 59 39.17 11.34 -2.69
N HIS A 60 38.18 11.00 -1.87
CA HIS A 60 36.88 10.63 -2.40
C HIS A 60 36.21 11.80 -3.12
N HIS A 61 36.36 13.01 -2.58
CA HIS A 61 35.80 14.19 -3.24
C HIS A 61 36.37 14.33 -4.66
N GLU A 62 37.68 14.19 -4.80
CA GLU A 62 38.30 14.28 -6.13
C GLU A 62 37.74 13.23 -7.10
N ARG A 63 37.57 12.01 -6.61
CA ARG A 63 36.98 10.93 -7.40
C ARG A 63 35.53 11.25 -7.79
N ALA A 64 34.73 11.69 -6.82
CA ALA A 64 33.31 12.03 -7.05
C ALA A 64 33.09 13.08 -8.14
N ARG A 65 34.03 14.02 -8.27
CA ARG A 65 34.00 15.08 -9.29
C ARG A 65 33.92 14.57 -10.72
N ARG A 66 34.35 13.33 -10.94
CA ARG A 66 34.37 12.74 -12.27
C ARG A 66 32.99 12.30 -12.78
N SER A 67 32.02 12.16 -11.87
N SER A 67 32.03 12.13 -11.86
CA SER A 67 30.71 11.64 -12.26
CA SER A 67 30.71 11.61 -12.23
C SER A 67 29.52 12.51 -11.82
C SER A 67 29.54 12.51 -11.84
N MET A 68 29.74 13.36 -10.83
CA MET A 68 28.72 14.32 -10.39
C MET A 68 29.33 15.73 -10.38
N PRO A 69 28.53 16.76 -10.72
CA PRO A 69 29.08 18.13 -10.73
C PRO A 69 29.61 18.53 -9.36
N GLY A 70 30.89 18.89 -9.31
CA GLY A 70 31.56 19.15 -8.03
C GLY A 70 31.54 18.00 -7.04
N GLY A 71 31.36 16.77 -7.53
CA GLY A 71 31.26 15.58 -6.68
C GLY A 71 30.01 15.57 -5.81
N ASN A 72 28.94 16.17 -6.33
CA ASN A 72 27.78 16.51 -5.52
C ASN A 72 26.46 16.18 -6.22
N THR A 73 25.49 15.67 -5.46
CA THR A 73 24.13 15.45 -5.97
C THR A 73 23.05 16.07 -5.06
N ARG A 74 23.48 16.82 -4.05
CA ARG A 74 22.58 17.48 -3.14
C ARG A 74 23.36 18.65 -2.58
N SER A 75 23.06 19.86 -3.07
CA SER A 75 23.97 21.01 -2.94
C SER A 75 24.35 21.29 -1.50
N ILE A 76 23.40 21.13 -0.59
CA ILE A 76 23.62 21.54 0.80
C ILE A 76 24.59 20.64 1.57
N LEU A 77 24.91 19.47 0.99
CA LEU A 77 25.92 18.58 1.57
C LEU A 77 27.33 19.09 1.29
N PHE A 78 27.49 19.95 0.29
CA PHE A 78 28.82 20.49 0.02
C PHE A 78 29.22 21.62 0.96
N HIS A 79 30.45 21.54 1.47
CA HIS A 79 31.11 22.69 2.08
C HIS A 79 32.60 22.59 1.80
N ARG A 80 33.28 23.73 1.81
CA ARG A 80 34.74 23.72 1.70
C ARG A 80 35.41 23.23 2.99
N PRO A 81 36.61 22.64 2.89
CA PRO A 81 37.36 22.38 1.65
C PRO A 81 36.78 21.21 0.85
N PHE A 82 36.08 20.33 1.56
CA PHE A 82 35.36 19.19 0.98
C PHE A 82 34.47 18.63 2.10
N PRO A 83 33.39 17.91 1.74
CA PRO A 83 32.53 17.36 2.79
C PRO A 83 33.06 16.05 3.36
N LEU A 84 32.63 15.70 4.56
CA LEU A 84 32.90 14.38 5.12
C LEU A 84 32.18 13.31 4.32
N VAL A 85 32.89 12.21 4.05
CA VAL A 85 32.25 10.99 3.53
C VAL A 85 32.10 10.03 4.71
N ILE A 86 30.87 9.57 4.92
CA ILE A 86 30.57 8.68 6.05
C ILE A 86 30.58 7.23 5.60
N ALA A 87 31.12 6.36 6.46
CA ALA A 87 31.23 4.94 6.16
C ALA A 87 30.02 4.14 6.63
N GLN A 88 29.56 4.42 7.85
CA GLN A 88 28.52 3.61 8.49
C GLN A 88 27.95 4.39 9.65
N GLY A 89 26.69 4.11 10.00
CA GLY A 89 26.10 4.67 11.21
C GLY A 89 25.02 3.80 11.81
N THR A 90 24.92 3.84 13.14
CA THR A 90 23.91 3.12 13.90
C THR A 90 23.35 4.09 14.94
N GLY A 91 22.03 4.07 15.15
CA GLY A 91 21.42 4.91 16.18
C GLY A 91 21.69 6.38 15.93
N SER A 92 22.24 7.08 16.93
CA SER A 92 22.53 8.51 16.79
C SER A 92 23.95 8.80 16.29
N ARG A 93 24.73 7.75 16.05
CA ARG A 93 26.15 7.91 15.74
C ARG A 93 26.53 7.49 14.34
N PHE A 94 27.55 8.15 13.79
CA PHE A 94 28.16 7.66 12.55
C PHE A 94 29.67 7.82 12.57
N GLN A 95 30.33 7.15 11.62
CA GLN A 95 31.78 7.17 11.53
C GLN A 95 32.19 7.53 10.11
N ASP A 96 33.12 8.46 9.98
CA ASP A 96 33.58 8.84 8.65
C ASP A 96 34.61 7.84 8.13
N VAL A 97 35.02 8.05 6.87
CA VAL A 97 35.93 7.13 6.20
C VAL A 97 37.38 7.26 6.70
N ASP A 98 37.64 8.28 7.52
CA ASP A 98 38.93 8.45 8.18
C ASP A 98 38.91 7.97 9.63
N GLY A 99 37.81 7.31 10.01
CA GLY A 99 37.70 6.65 11.32
C GLY A 99 37.22 7.50 12.49
N HIS A 100 36.79 8.74 12.24
CA HIS A 100 36.27 9.58 13.32
C HIS A 100 34.80 9.29 13.58
N ALA A 101 34.42 9.29 14.86
CA ALA A 101 33.03 9.06 15.24
C ALA A 101 32.35 10.38 15.67
N TYR A 102 31.06 10.49 15.36
CA TYR A 102 30.28 11.68 15.69
C TYR A 102 28.89 11.30 16.19
N VAL A 103 28.31 12.18 17.00
CA VAL A 103 26.89 12.13 17.28
C VAL A 103 26.20 13.03 16.24
N ASN A 104 25.16 12.51 15.61
CA ASN A 104 24.48 13.21 14.52
C ASN A 104 23.35 14.10 15.04
N PHE A 105 23.65 15.39 15.22
CA PHE A 105 22.67 16.40 15.61
C PHE A 105 21.92 17.00 14.44
N LEU A 106 22.36 16.70 13.22
CA LEU A 106 21.69 17.21 12.01
C LEU A 106 20.38 16.47 11.74
N GLY A 107 20.38 15.17 11.96
CA GLY A 107 19.17 14.36 11.78
C GLY A 107 18.50 14.55 10.44
N GLU A 108 19.31 14.53 9.38
CA GLU A 108 18.86 14.62 7.98
C GLU A 108 17.93 15.82 7.71
N TYR A 109 18.32 16.98 8.24
CA TYR A 109 17.53 18.21 8.09
C TYR A 109 16.07 17.97 8.45
N THR A 110 15.88 17.28 9.57
CA THR A 110 14.59 16.95 10.20
C THR A 110 13.91 15.66 9.70
N ALA A 111 14.40 15.09 8.60
CA ALA A 111 13.85 13.82 8.10
C ALA A 111 14.30 12.62 8.93
N GLY A 112 15.48 12.75 9.54
CA GLY A 112 16.17 11.62 10.18
C GLY A 112 15.82 11.46 11.64
N LEU A 113 14.52 11.54 11.91
CA LEU A 113 13.98 11.53 13.26
C LEU A 113 14.23 10.22 14.03
N PHE A 114 14.50 9.14 13.31
CA PHE A 114 14.53 7.81 13.91
C PHE A 114 15.94 7.29 14.10
N GLY A 115 16.92 8.15 13.82
CA GLY A 115 18.32 7.72 13.79
C GLY A 115 18.63 6.83 12.60
N HIS A 116 19.79 6.19 12.64
CA HIS A 116 20.31 5.48 11.47
C HIS A 116 19.84 4.04 11.32
N SER A 117 19.23 3.49 12.37
CA SER A 117 18.95 2.05 12.40
C SER A 117 17.80 1.69 13.34
N HIS A 118 16.69 2.42 13.21
CA HIS A 118 15.56 2.20 14.12
C HIS A 118 14.91 0.83 13.89
N PRO A 119 14.77 0.02 14.96
CA PRO A 119 14.23 -1.33 14.74
C PRO A 119 12.80 -1.37 14.24
N VAL A 120 11.99 -0.38 14.59
CA VAL A 120 10.59 -0.35 14.14
C VAL A 120 10.54 0.03 12.67
N ILE A 121 11.38 0.98 12.26
CA ILE A 121 11.52 1.29 10.83
C ILE A 121 12.00 0.04 10.06
N ARG A 122 13.01 -0.65 10.59
CA ARG A 122 13.53 -1.85 9.94
C ARG A 122 12.43 -2.90 9.77
N ALA A 123 11.62 -3.08 10.81
CA ALA A 123 10.50 -4.03 10.74
C ALA A 123 9.50 -3.65 9.66
N ALA A 124 9.23 -2.35 9.50
CA ALA A 124 8.33 -1.86 8.45
C ALA A 124 8.91 -2.11 7.04
N VAL A 125 10.22 -1.95 6.90
CA VAL A 125 10.91 -2.26 5.63
C VAL A 125 10.75 -3.75 5.30
N GLU A 126 10.96 -4.60 6.30
CA GLU A 126 10.79 -6.05 6.14
C GLU A 126 9.37 -6.42 5.73
N ARG A 127 8.38 -5.78 6.37
CA ARG A 127 6.97 -6.01 6.03
CA ARG A 127 6.97 -6.01 6.03
C ARG A 127 6.69 -5.56 4.59
N ALA A 128 7.27 -4.43 4.19
CA ALA A 128 7.07 -3.93 2.83
C ALA A 128 7.60 -4.89 1.79
N LEU A 129 8.79 -5.45 2.05
CA LEU A 129 9.40 -6.43 1.15
C LEU A 129 8.53 -7.68 1.04
N ALA A 130 7.91 -8.07 2.16
CA ALA A 130 7.00 -9.23 2.21
C ALA A 130 5.73 -9.03 1.38
N VAL A 131 5.20 -7.80 1.39
CA VAL A 131 4.06 -7.43 0.55
C VAL A 131 4.47 -7.49 -0.92
N GLY A 132 5.63 -6.91 -1.22
CA GLY A 132 6.17 -6.93 -2.59
C GLY A 132 6.44 -5.52 -3.12
N LEU A 133 7.52 -5.39 -3.88
CA LEU A 133 7.95 -4.12 -4.44
C LEU A 133 7.35 -3.91 -5.82
N ASN A 134 7.11 -2.64 -6.18
CA ASN A 134 6.72 -2.26 -7.55
C ASN A 134 5.50 -3.04 -8.05
N LEU A 135 4.49 -3.18 -7.19
CA LEU A 135 3.30 -3.99 -7.48
C LEU A 135 2.36 -3.38 -8.54
N SER A 136 2.64 -2.14 -8.94
CA SER A 136 1.97 -1.51 -10.09
C SER A 136 0.48 -1.25 -9.87
N THR A 137 0.08 -1.24 -8.59
CA THR A 137 -1.32 -1.20 -8.18
C THR A 137 -1.41 -0.60 -6.79
N GLN A 138 -2.63 -0.26 -6.37
CA GLN A 138 -2.86 0.19 -5.01
C GLN A 138 -2.76 -0.97 -4.03
N THR A 139 -2.27 -0.67 -2.83
CA THR A 139 -2.40 -1.62 -1.72
C THR A 139 -3.11 -0.90 -0.59
N GLU A 140 -3.57 -1.68 0.39
CA GLU A 140 -4.24 -1.12 1.54
C GLU A 140 -3.33 -0.19 2.36
N ASN A 141 -2.04 -0.41 2.26
CA ASN A 141 -1.05 0.35 3.02
C ASN A 141 -1.12 1.85 2.74
N GLU A 142 -1.44 2.21 1.49
CA GLU A 142 -1.69 3.61 1.11
C GLU A 142 -2.76 4.26 1.95
N ALA A 143 -3.91 3.58 2.04
CA ALA A 143 -5.08 4.09 2.72
C ALA A 143 -4.83 4.19 4.22
N LEU A 144 -4.16 3.18 4.78
CA LEU A 144 -3.83 3.20 6.21
C LEU A 144 -2.91 4.37 6.56
N PHE A 145 -1.90 4.60 5.73
CA PHE A 145 -0.99 5.75 5.90
C PHE A 145 -1.75 7.07 5.76
N ALA A 146 -2.61 7.18 4.74
CA ALA A 146 -3.39 8.42 4.55
C ALA A 146 -4.31 8.71 5.74
N GLU A 147 -4.92 7.66 6.29
CA GLU A 147 -5.74 7.80 7.49
C GLU A 147 -4.91 8.31 8.68
N ALA A 148 -3.71 7.77 8.85
CA ALA A 148 -2.81 8.22 9.93
C ALA A 148 -2.48 9.70 9.80
N VAL A 149 -2.25 10.14 8.57
CA VAL A 149 -1.98 11.55 8.31
C VAL A 149 -3.21 12.42 8.61
N CYS A 150 -4.36 12.05 8.06
CA CYS A 150 -5.59 12.82 8.28
C CYS A 150 -5.98 12.87 9.76
N ASP A 151 -5.74 11.78 10.50
CA ASP A 151 -6.14 11.70 11.90
C ASP A 151 -5.45 12.77 12.75
N ARG A 152 -4.16 13.01 12.51
CA ARG A 152 -3.42 13.87 13.42
C ARG A 152 -3.22 15.29 12.94
N PHE A 153 -3.39 15.54 11.64
CA PHE A 153 -3.23 16.91 11.14
C PHE A 153 -4.60 17.57 10.97
N PRO A 154 -4.89 18.55 11.83
CA PRO A 154 -6.26 19.03 12.02
C PRO A 154 -6.90 19.72 10.83
N SER A 155 -6.08 20.24 9.92
CA SER A 155 -6.61 20.92 8.74
C SER A 155 -6.51 20.08 7.45
N ILE A 156 -5.99 18.86 7.58
CA ILE A 156 -5.88 17.96 6.43
C ILE A 156 -7.07 16.99 6.43
N ASP A 157 -8.06 17.25 5.58
CA ASP A 157 -9.24 16.39 5.45
C ASP A 157 -8.96 15.24 4.47
N LEU A 158 -8.19 15.54 3.44
CA LEU A 158 -7.77 14.57 2.42
C LEU A 158 -6.33 14.87 2.09
N VAL A 159 -5.59 13.82 1.72
CA VAL A 159 -4.16 13.97 1.43
C VAL A 159 -3.77 13.16 0.18
N ARG A 160 -2.73 13.62 -0.51
CA ARG A 160 -2.08 12.84 -1.57
C ARG A 160 -0.58 12.83 -1.31
N PHE A 161 0.06 11.70 -1.59
CA PHE A 161 1.49 11.55 -1.35
C PHE A 161 2.29 11.88 -2.59
N THR A 162 3.45 12.48 -2.36
CA THR A 162 4.42 12.77 -3.41
C THR A 162 5.75 12.13 -3.01
N ASN A 163 6.80 12.43 -3.78
CA ASN A 163 8.11 11.83 -3.54
C ASN A 163 9.12 12.74 -2.87
N SER A 164 8.67 13.95 -2.54
CA SER A 164 9.54 14.96 -1.93
C SER A 164 8.70 16.14 -1.47
N GLY A 165 9.27 16.96 -0.58
CA GLY A 165 8.63 18.21 -0.21
C GLY A 165 8.56 19.15 -1.40
N THR A 166 9.56 19.07 -2.29
CA THR A 166 9.57 19.87 -3.52
C THR A 166 8.31 19.60 -4.36
N GLU A 167 8.02 18.34 -4.57
CA GLU A 167 6.81 17.95 -5.29
C GLU A 167 5.54 18.38 -4.56
N ALA A 168 5.53 18.26 -3.24
CA ALA A 168 4.36 18.64 -2.43
C ALA A 168 4.03 20.12 -2.62
N ASN A 169 5.05 20.97 -2.55
CA ASN A 169 4.82 22.41 -2.72
C ASN A 169 4.46 22.79 -4.14
N LEU A 170 5.09 22.16 -5.13
CA LEU A 170 4.70 22.37 -6.51
C LEU A 170 3.24 21.98 -6.75
N MET A 171 2.82 20.83 -6.21
CA MET A 171 1.44 20.40 -6.38
C MET A 171 0.45 21.31 -5.65
N ALA A 172 0.87 21.87 -4.52
CA ALA A 172 0.01 22.82 -3.81
C ALA A 172 -0.17 24.09 -4.63
N LEU A 173 0.89 24.57 -5.29
CA LEU A 173 0.76 25.73 -6.18
C LEU A 173 -0.05 25.42 -7.42
N ALA A 174 0.13 24.20 -7.95
CA ALA A 174 -0.67 23.72 -9.07
C ALA A 174 -2.16 23.71 -8.72
N THR A 175 -2.46 23.26 -7.51
CA THR A 175 -3.84 23.25 -7.02
C THR A 175 -4.36 24.68 -6.91
N ALA A 176 -3.60 25.54 -6.27
CA ALA A 176 -4.04 26.93 -6.05
C ALA A 176 -4.29 27.68 -7.36
N THR A 177 -3.33 27.59 -8.27
CA THR A 177 -3.44 28.29 -9.56
C THR A 177 -4.58 27.73 -10.42
N ALA A 178 -4.73 26.41 -10.47
CA ALA A 178 -5.78 25.78 -11.26
C ALA A 178 -7.18 26.08 -10.69
N ILE A 179 -7.32 26.08 -9.36
CA ILE A 179 -8.62 26.36 -8.73
C ILE A 179 -9.03 27.84 -8.88
N THR A 180 -8.10 28.74 -8.58
CA THR A 180 -8.39 30.18 -8.58
C THR A 180 -8.34 30.81 -9.98
N GLY A 181 -7.62 30.19 -10.92
CA GLY A 181 -7.40 30.79 -12.24
C GLY A 181 -6.42 31.95 -12.25
N ARG A 182 -5.73 32.15 -11.12
CA ARG A 182 -4.80 33.27 -10.94
C ARG A 182 -3.35 32.83 -11.06
N LYS A 183 -2.45 33.80 -11.26
CA LYS A 183 -1.05 33.50 -11.50
C LYS A 183 -0.10 33.94 -10.40
N THR A 184 -0.50 34.92 -9.58
CA THR A 184 0.45 35.48 -8.62
C THR A 184 0.55 34.65 -7.34
N VAL A 185 1.78 34.45 -6.88
CA VAL A 185 2.06 33.76 -5.62
C VAL A 185 2.84 34.67 -4.68
N LEU A 186 2.34 34.85 -3.47
CA LEU A 186 3.06 35.58 -2.46
C LEU A 186 3.85 34.61 -1.61
N ALA A 187 5.16 34.82 -1.57
CA ALA A 187 6.05 34.03 -0.72
C ALA A 187 7.01 34.98 -0.02
N PHE A 188 7.97 34.45 0.73
CA PHE A 188 8.81 35.30 1.55
C PHE A 188 10.29 35.10 1.35
N ASP A 189 11.01 36.23 1.27
CA ASP A 189 12.47 36.22 1.23
C ASP A 189 13.03 35.39 2.40
N GLY A 190 13.92 34.45 2.08
CA GLY A 190 14.45 33.52 3.07
C GLY A 190 13.69 32.20 3.09
N GLY A 191 12.51 32.19 2.47
CA GLY A 191 11.67 31.00 2.40
C GLY A 191 12.27 29.94 1.49
N TYR A 192 12.13 28.68 1.89
CA TYR A 192 12.60 27.56 1.08
C TYR A 192 11.49 26.52 0.94
N HIS A 193 11.08 26.24 -0.30
CA HIS A 193 9.97 25.34 -0.56
C HIS A 193 10.32 24.22 -1.53
N GLY A 194 11.62 24.02 -1.73
CA GLY A 194 12.10 22.92 -2.58
C GLY A 194 12.99 23.39 -3.72
N GLY A 195 13.43 22.44 -4.53
CA GLY A 195 14.44 22.70 -5.56
C GLY A 195 14.01 23.68 -6.64
N LEU A 196 12.70 23.75 -6.89
CA LEU A 196 12.15 24.64 -7.89
C LEU A 196 11.48 25.88 -7.28
N LEU A 197 11.54 26.00 -5.96
CA LEU A 197 10.87 27.07 -5.22
C LEU A 197 11.77 27.54 -4.09
N ASN A 198 12.95 27.99 -4.49
CA ASN A 198 14.01 28.35 -3.57
C ASN A 198 14.14 29.87 -3.48
N PHE A 199 13.70 30.43 -2.36
CA PHE A 199 13.80 31.87 -2.14
C PHE A 199 14.75 32.23 -1.00
N ALA A 200 15.63 31.29 -0.66
CA ALA A 200 16.58 31.43 0.44
C ALA A 200 17.44 32.69 0.31
N SER A 201 17.78 33.02 -0.94
CA SER A 201 18.55 34.22 -1.29
C SER A 201 17.81 35.04 -2.35
N GLY A 202 16.50 35.21 -2.15
CA GLY A 202 15.66 35.89 -3.13
C GLY A 202 15.36 35.00 -4.32
N HIS A 203 15.07 35.60 -5.46
CA HIS A 203 14.72 34.82 -6.64
C HIS A 203 15.95 34.08 -7.16
N ALA A 204 15.78 32.79 -7.45
CA ALA A 204 16.84 31.96 -8.04
C ALA A 204 16.48 31.77 -9.51
N PRO A 205 17.48 31.83 -10.41
CA PRO A 205 17.17 31.76 -11.84
C PRO A 205 16.66 30.38 -12.27
N THR A 206 16.85 29.39 -11.41
CA THR A 206 16.40 28.01 -11.66
C THR A 206 14.98 27.74 -11.17
N ASN A 207 14.37 28.67 -10.44
CA ASN A 207 13.01 28.43 -9.93
C ASN A 207 12.01 28.24 -11.05
N ALA A 208 11.02 27.37 -10.83
CA ALA A 208 9.89 27.27 -11.75
C ALA A 208 9.27 28.66 -11.86
N PRO A 209 8.90 29.08 -13.08
CA PRO A 209 8.52 30.47 -13.36
C PRO A 209 7.09 30.87 -12.96
N TYR A 210 6.65 30.44 -11.77
CA TYR A 210 5.46 31.02 -11.16
C TYR A 210 5.69 32.51 -10.98
N HIS A 211 4.64 33.30 -11.06
CA HIS A 211 4.79 34.74 -10.84
C HIS A 211 4.85 35.00 -9.34
N VAL A 212 6.05 34.95 -8.79
CA VAL A 212 6.23 35.07 -7.34
C VAL A 212 6.60 36.48 -6.92
N VAL A 213 5.83 37.03 -5.98
CA VAL A 213 6.16 38.27 -5.32
C VAL A 213 6.70 37.94 -3.93
N LEU A 214 7.88 38.48 -3.60
CA LEU A 214 8.51 38.19 -2.32
C LEU A 214 8.33 39.29 -1.31
N GLY A 215 7.78 38.92 -0.15
CA GLY A 215 7.70 39.80 1.01
C GLY A 215 8.83 39.57 1.99
N VAL A 216 8.84 40.33 3.07
CA VAL A 216 9.79 40.17 4.15
C VAL A 216 9.10 39.36 5.26
N TYR A 217 9.75 38.28 5.69
CA TYR A 217 9.17 37.42 6.72
C TYR A 217 8.92 38.23 7.99
N ASN A 218 7.73 38.05 8.57
CA ASN A 218 7.33 38.73 9.82
C ASN A 218 7.04 40.23 9.70
N ASP A 219 7.07 40.76 8.48
CA ASP A 219 6.84 42.19 8.24
C ASP A 219 5.34 42.41 7.97
N VAL A 220 4.60 42.78 9.01
CA VAL A 220 3.15 42.94 8.86
C VAL A 220 2.79 44.09 7.91
N GLU A 221 3.32 45.28 8.17
CA GLU A 221 2.96 46.47 7.38
C GLU A 221 3.36 46.30 5.90
N GLY A 222 4.60 45.87 5.68
CA GLY A 222 5.11 45.59 4.33
C GLY A 222 4.29 44.57 3.58
N THR A 223 3.93 43.48 4.26
CA THR A 223 3.14 42.42 3.62
C THR A 223 1.70 42.86 3.35
N ALA A 224 1.11 43.62 4.27
CA ALA A 224 -0.22 44.18 4.05
C ALA A 224 -0.25 45.02 2.76
N ASP A 225 0.80 45.81 2.55
CA ASP A 225 0.92 46.64 1.35
C ASP A 225 1.00 45.80 0.08
N LEU A 226 1.80 44.74 0.12
CA LEU A 226 1.89 43.82 -1.02
C LEU A 226 0.55 43.16 -1.32
N LEU A 227 -0.19 42.80 -0.27
CA LEU A 227 -1.50 42.17 -0.46
C LEU A 227 -2.54 43.15 -1.01
N LYS A 228 -2.42 44.42 -0.66
CA LYS A 228 -3.31 45.45 -1.23
C LYS A 228 -3.07 45.60 -2.72
N ARG A 229 -1.80 45.54 -3.13
CA ARG A 229 -1.42 45.64 -4.55
C ARG A 229 -1.72 44.38 -5.37
N HIS A 230 -1.44 43.21 -4.78
CA HIS A 230 -1.45 41.95 -5.53
C HIS A 230 -2.59 40.99 -5.16
N GLY A 231 -3.20 41.19 -4.01
CA GLY A 231 -4.18 40.25 -3.45
C GLY A 231 -5.26 39.74 -4.39
N HIS A 232 -5.85 40.64 -5.18
CA HIS A 232 -6.93 40.23 -6.08
C HIS A 232 -6.48 39.24 -7.15
N ASP A 233 -5.18 39.19 -7.45
CA ASP A 233 -4.70 38.15 -8.39
C ASP A 233 -3.76 37.13 -7.77
N CYS A 234 -3.86 36.97 -6.47
N CYS A 234 -3.78 37.02 -6.45
CA CYS A 234 -3.03 36.03 -5.73
CA CYS A 234 -2.95 36.01 -5.76
C CYS A 234 -3.70 34.66 -5.70
C CYS A 234 -3.67 34.67 -5.70
N ALA A 235 -3.09 33.67 -6.36
CA ALA A 235 -3.59 32.29 -6.28
C ALA A 235 -3.34 31.71 -4.90
N ALA A 236 -2.22 32.10 -4.30
CA ALA A 236 -1.74 31.50 -3.07
C ALA A 236 -0.79 32.39 -2.30
N ILE A 237 -0.80 32.20 -0.99
CA ILE A 237 0.25 32.68 -0.11
C ILE A 237 0.96 31.43 0.41
N LEU A 238 2.27 31.35 0.13
CA LEU A 238 3.06 30.16 0.50
C LEU A 238 4.04 30.55 1.59
N VAL A 239 3.95 29.90 2.75
CA VAL A 239 4.74 30.31 3.91
C VAL A 239 5.05 29.15 4.86
N GLU A 240 6.28 29.12 5.36
CA GLU A 240 6.66 28.23 6.46
C GLU A 240 6.28 28.89 7.79
N PRO A 241 5.67 28.13 8.71
CA PRO A 241 5.38 28.71 10.04
C PRO A 241 6.63 29.05 10.85
N MET A 242 7.79 28.57 10.38
CA MET A 242 9.11 28.92 10.93
C MET A 242 10.07 28.74 9.77
N LEU A 243 10.85 29.76 9.44
CA LEU A 243 11.85 29.58 8.38
C LEU A 243 12.75 28.44 8.82
N GLY A 244 12.94 27.45 7.94
CA GLY A 244 13.71 26.25 8.32
C GLY A 244 15.15 26.38 7.89
N ALA A 245 15.41 26.13 6.61
CA ALA A 245 16.70 26.38 5.98
C ALA A 245 17.14 27.82 6.20
N GLY A 246 16.16 28.72 6.25
CA GLY A 246 16.38 30.15 6.42
C GLY A 246 16.77 30.60 7.82
N GLY A 247 16.84 29.68 8.78
CA GLY A 247 17.47 29.97 10.08
C GLY A 247 16.73 29.59 11.34
N CYS A 248 15.72 28.73 11.23
CA CYS A 248 14.85 28.38 12.37
C CYS A 248 14.32 29.67 13.01
N VAL A 249 13.65 30.45 12.17
CA VAL A 249 13.09 31.75 12.54
C VAL A 249 11.58 31.61 12.69
N PRO A 250 11.07 31.61 13.94
CA PRO A 250 9.62 31.43 14.08
C PRO A 250 8.81 32.59 13.50
N ALA A 251 7.67 32.27 12.89
CA ALA A 251 6.71 33.31 12.50
C ALA A 251 6.05 33.87 13.74
N GLU A 252 5.77 35.16 13.72
CA GLU A 252 5.04 35.83 14.79
C GLU A 252 3.54 35.71 14.52
N ARG A 253 2.75 35.63 15.59
CA ARG A 253 1.30 35.47 15.44
C ARG A 253 0.66 36.56 14.59
N ALA A 254 1.07 37.81 14.78
CA ALA A 254 0.48 38.94 14.03
C ALA A 254 0.69 38.78 12.52
N PHE A 255 1.84 38.22 12.16
CA PHE A 255 2.18 37.97 10.76
C PHE A 255 1.29 36.87 10.17
N LEU A 256 1.22 35.72 10.86
CA LEU A 256 0.37 34.62 10.38
C LEU A 256 -1.12 34.99 10.38
N ASP A 257 -1.55 35.74 11.38
CA ASP A 257 -2.93 36.26 11.41
C ASP A 257 -3.25 37.11 10.18
N LEU A 258 -2.32 37.97 9.79
CA LEU A 258 -2.49 38.80 8.59
C LEU A 258 -2.69 37.90 7.37
N LEU A 259 -1.82 36.91 7.21
CA LEU A 259 -1.88 36.04 6.05
C LEU A 259 -3.17 35.27 5.98
N ARG A 260 -3.63 34.76 7.13
CA ARG A 260 -4.87 34.01 7.17
C ARG A 260 -6.07 34.90 6.84
N ALA A 261 -6.11 36.08 7.45
CA ALA A 261 -7.20 37.03 7.20
C ALA A 261 -7.25 37.46 5.74
N GLU A 262 -6.10 37.84 5.18
CA GLU A 262 -6.05 38.37 3.83
C GLU A 262 -6.20 37.32 2.75
N ALA A 263 -5.69 36.10 2.97
CA ALA A 263 -5.95 35.03 2.02
C ALA A 263 -7.46 34.84 1.84
N SER A 264 -8.18 34.76 2.94
CA SER A 264 -9.63 34.59 2.89
C SER A 264 -10.30 35.76 2.19
N ARG A 265 -9.92 36.96 2.57
CA ARG A 265 -10.52 38.17 2.00
C ARG A 265 -10.33 38.23 0.49
N CYS A 266 -9.10 37.92 0.08
N CYS A 266 -9.13 37.98 0.00
CA CYS A 266 -8.66 38.04 -1.32
CA CYS A 266 -8.88 38.14 -1.48
C CYS A 266 -9.17 36.88 -2.25
C CYS A 266 -9.08 36.84 -2.31
N GLY A 267 -9.32 35.71 -1.63
CA GLY A 267 -9.64 34.47 -2.34
C GLY A 267 -8.38 33.72 -2.76
N ALA A 268 -7.28 33.97 -2.07
CA ALA A 268 -6.04 33.20 -2.26
C ALA A 268 -6.05 31.99 -1.35
N LEU A 269 -5.42 30.90 -1.77
CA LEU A 269 -5.27 29.77 -0.87
C LEU A 269 -4.07 30.01 0.03
N LEU A 270 -4.28 29.93 1.35
CA LEU A 270 -3.17 29.98 2.28
C LEU A 270 -2.55 28.59 2.37
N ILE A 271 -1.28 28.50 1.98
CA ILE A 271 -0.55 27.23 2.03
C ILE A 271 0.54 27.30 3.11
N PHE A 272 0.39 26.48 4.16
CA PHE A 272 1.43 26.37 5.16
C PHE A 272 2.38 25.25 4.72
N ASP A 273 3.62 25.62 4.50
CA ASP A 273 4.66 24.64 4.21
C ASP A 273 5.16 24.13 5.56
N GLU A 274 4.64 22.95 5.96
CA GLU A 274 5.03 22.31 7.22
C GLU A 274 5.97 21.14 6.99
N VAL A 275 6.69 21.17 5.87
CA VAL A 275 7.69 20.13 5.59
C VAL A 275 8.62 19.92 6.79
N MET A 276 9.10 21.01 7.39
CA MET A 276 9.84 20.89 8.64
C MET A 276 8.99 21.03 9.90
N THR A 277 8.08 22.01 9.92
CA THR A 277 7.38 22.32 11.18
C THR A 277 6.34 21.27 11.61
N SER A 278 5.97 20.34 10.74
CA SER A 278 4.91 19.39 11.11
C SER A 278 5.25 18.57 12.36
N ARG A 279 6.54 18.43 12.67
CA ARG A 279 6.98 17.62 13.81
C ARG A 279 6.74 18.30 15.16
N LEU A 280 6.47 19.60 15.13
CA LEU A 280 6.52 20.40 16.38
C LEU A 280 5.45 20.04 17.41
N SER A 281 4.32 19.54 16.92
N SER A 281 4.33 19.52 16.91
CA SER A 281 3.30 18.92 17.77
CA SER A 281 3.29 18.94 17.75
C SER A 281 2.68 17.80 16.97
C SER A 281 2.69 17.78 16.98
N GLY A 282 1.78 17.04 17.60
CA GLY A 282 1.07 15.96 16.89
C GLY A 282 0.41 16.47 15.63
N GLY A 283 -0.09 17.70 15.69
CA GLY A 283 -0.75 18.33 14.54
C GLY A 283 0.03 19.50 13.97
N GLY A 284 1.35 19.47 14.13
CA GLY A 284 2.22 20.51 13.56
C GLY A 284 2.02 21.89 14.13
N ALA A 285 2.48 22.91 13.39
CA ALA A 285 2.35 24.30 13.83
C ALA A 285 0.89 24.73 13.91
N GLN A 286 0.06 24.21 13.02
CA GLN A 286 -1.35 24.61 12.99
C GLN A 286 -2.09 24.25 14.27
N GLU A 287 -1.79 23.09 14.85
CA GLU A 287 -2.37 22.72 16.14
C GLU A 287 -1.90 23.67 17.25
N MET A 288 -0.62 24.01 17.23
CA MET A 288 -0.03 24.88 18.24
C MET A 288 -0.64 26.28 18.19
N LEU A 289 -0.87 26.77 16.97
CA LEU A 289 -1.32 28.14 16.74
C LEU A 289 -2.82 28.33 16.81
N GLY A 290 -3.57 27.29 16.51
CA GLY A 290 -5.00 27.43 16.27
C GLY A 290 -5.31 28.23 15.03
N ILE A 291 -4.43 28.12 14.02
CA ILE A 291 -4.63 28.75 12.71
C ILE A 291 -4.62 27.60 11.71
N SER A 292 -5.61 27.57 10.83
CA SER A 292 -5.73 26.54 9.82
C SER A 292 -5.43 27.09 8.44
N ALA A 293 -4.52 26.43 7.73
CA ALA A 293 -4.23 26.76 6.35
C ALA A 293 -5.22 26.05 5.42
N ASP A 294 -5.38 26.57 4.20
CA ASP A 294 -6.24 25.93 3.20
C ASP A 294 -5.63 24.64 2.66
N LEU A 295 -4.33 24.69 2.40
CA LEU A 295 -3.53 23.50 2.08
C LEU A 295 -2.29 23.46 2.97
N THR A 296 -1.82 22.24 3.24
CA THR A 296 -0.64 22.02 4.05
C THR A 296 0.26 21.07 3.29
N THR A 297 1.54 21.41 3.21
CA THR A 297 2.53 20.51 2.63
C THR A 297 3.38 19.86 3.72
N LEU A 298 3.77 18.62 3.46
CA LEU A 298 4.44 17.79 4.43
C LEU A 298 5.62 17.09 3.78
N GLY A 299 6.56 16.65 4.58
CA GLY A 299 7.70 15.90 4.05
C GLY A 299 8.53 15.30 5.17
N LYS A 300 9.81 15.12 4.88
CA LYS A 300 10.81 14.77 5.89
C LYS A 300 10.51 13.43 6.60
N TYR A 301 10.27 13.45 7.91
CA TYR A 301 10.22 12.23 8.75
C TYR A 301 8.94 11.39 8.60
N ILE A 302 7.89 11.94 7.97
CA ILE A 302 6.57 11.32 8.03
C ILE A 302 6.52 9.97 7.31
N GLY A 303 7.37 9.81 6.30
CA GLY A 303 7.52 8.54 5.58
C GLY A 303 8.55 7.60 6.21
N GLY A 304 8.83 7.79 7.50
CA GLY A 304 9.73 6.87 8.21
C GLY A 304 11.19 6.96 7.81
N GLY A 305 11.56 8.07 7.17
CA GLY A 305 12.90 8.21 6.62
C GLY A 305 13.04 7.74 5.18
N MET A 306 11.97 7.18 4.61
CA MET A 306 11.91 6.84 3.18
C MET A 306 11.55 8.08 2.37
N SER A 307 11.77 8.03 1.06
CA SER A 307 11.31 9.12 0.18
C SER A 307 9.88 9.52 0.50
N PHE A 308 9.63 10.81 0.61
CA PHE A 308 8.31 11.25 1.05
C PHE A 308 8.07 12.73 0.87
N GLY A 309 6.85 13.04 0.44
CA GLY A 309 6.24 14.37 0.61
C GLY A 309 4.74 14.14 0.61
N ALA A 310 3.96 15.17 0.96
CA ALA A 310 2.51 15.08 0.82
C ALA A 310 1.91 16.47 0.74
N PHE A 311 0.79 16.56 0.03
CA PHE A 311 -0.04 17.75 0.11
C PHE A 311 -1.47 17.37 0.42
N GLY A 312 -2.06 18.14 1.33
CA GLY A 312 -3.43 17.87 1.76
C GLY A 312 -4.07 19.17 2.21
N GLY A 313 -5.30 19.10 2.69
CA GLY A 313 -5.97 20.31 3.15
C GLY A 313 -7.47 20.16 3.11
N ARG A 314 -8.17 21.27 2.91
CA ARG A 314 -9.62 21.30 2.97
C ARG A 314 -10.23 20.36 1.92
N ARG A 315 -11.26 19.62 2.34
CA ARG A 315 -11.92 18.63 1.51
C ARG A 315 -12.32 19.15 0.13
N ASP A 316 -12.96 20.31 0.09
CA ASP A 316 -13.51 20.81 -1.18
C ASP A 316 -12.41 21.18 -2.18
N LEU A 317 -11.22 21.51 -1.68
CA LEU A 317 -10.07 21.79 -2.54
C LEU A 317 -9.44 20.50 -3.04
N MET A 318 -9.17 19.57 -2.11
CA MET A 318 -8.52 18.31 -2.47
C MET A 318 -9.38 17.39 -3.35
N GLU A 319 -10.71 17.49 -3.22
CA GLU A 319 -11.62 16.68 -4.04
C GLU A 319 -11.47 16.95 -5.54
N ARG A 320 -10.82 18.05 -5.88
CA ARG A 320 -10.56 18.36 -7.28
C ARG A 320 -9.65 17.32 -7.94
N PHE A 321 -8.99 16.49 -7.11
CA PHE A 321 -8.14 15.39 -7.59
C PHE A 321 -8.83 14.02 -7.65
N ASP A 322 -10.10 13.96 -7.28
CA ASP A 322 -10.87 12.70 -7.36
C ASP A 322 -10.94 12.29 -8.83
N PRO A 323 -10.25 11.19 -9.22
CA PRO A 323 -10.18 10.88 -10.66
C PRO A 323 -11.52 10.49 -11.30
N ALA A 324 -12.54 10.24 -10.49
CA ALA A 324 -13.88 9.91 -11.02
C ALA A 324 -14.63 11.17 -11.47
N ARG A 325 -14.17 12.33 -11.04
CA ARG A 325 -14.83 13.60 -11.33
C ARG A 325 -14.51 14.09 -12.73
N ASP A 326 -15.52 14.68 -13.39
CA ASP A 326 -15.31 15.33 -14.67
C ASP A 326 -14.38 16.52 -14.47
N GLY A 327 -13.34 16.58 -15.30
CA GLY A 327 -12.34 17.65 -15.22
C GLY A 327 -11.43 17.53 -14.01
N ALA A 328 -11.30 16.31 -13.48
CA ALA A 328 -10.39 16.03 -12.38
C ALA A 328 -8.99 16.49 -12.72
N PHE A 329 -8.27 17.04 -11.74
CA PHE A 329 -6.87 17.38 -11.91
C PHE A 329 -6.08 16.07 -11.87
N ALA A 330 -5.03 15.98 -12.68
CA ALA A 330 -4.19 14.78 -12.75
C ALA A 330 -2.98 14.91 -11.84
N HIS A 331 -2.71 13.85 -11.09
CA HIS A 331 -1.51 13.78 -10.26
C HIS A 331 -1.01 12.34 -10.21
N ALA A 332 -0.20 11.98 -11.21
CA ALA A 332 0.47 10.69 -11.20
C ALA A 332 1.81 10.83 -10.48
N GLY A 333 2.69 9.86 -10.66
CA GLY A 333 3.98 9.87 -9.99
C GLY A 333 4.32 8.44 -9.62
N THR A 334 5.33 7.91 -10.29
CA THR A 334 5.68 6.49 -10.22
C THR A 334 5.76 5.97 -8.79
N PHE A 335 6.45 6.72 -7.94
CA PHE A 335 6.75 6.24 -6.60
C PHE A 335 5.85 6.81 -5.50
N ASN A 336 4.80 7.54 -5.90
CA ASN A 336 3.92 8.20 -4.92
C ASN A 336 3.46 7.26 -3.82
N ASN A 337 3.05 6.05 -4.24
CA ASN A 337 2.46 5.06 -3.35
C ASN A 337 3.40 3.88 -3.08
N ASN A 338 4.71 4.09 -3.21
CA ASN A 338 5.66 2.97 -3.09
C ASN A 338 5.54 2.31 -1.71
N ILE A 339 5.69 0.99 -1.67
CA ILE A 339 5.34 0.22 -0.47
C ILE A 339 6.25 0.54 0.72
N LEU A 340 7.52 0.88 0.45
CA LEU A 340 8.45 1.21 1.53
C LEU A 340 7.99 2.47 2.28
N THR A 341 7.66 3.51 1.54
CA THR A 341 7.16 4.75 2.17
C THR A 341 5.83 4.50 2.88
N MET A 342 4.91 3.78 2.24
CA MET A 342 3.59 3.57 2.85
C MET A 342 3.72 2.82 4.17
N SER A 343 4.58 1.82 4.19
N SER A 343 4.57 1.80 4.17
CA SER A 343 4.75 0.95 5.36
CA SER A 343 4.76 0.96 5.35
C SER A 343 5.57 1.61 6.47
C SER A 343 5.52 1.68 6.45
N ALA A 344 6.70 2.21 6.11
CA ALA A 344 7.54 2.90 7.09
C ALA A 344 6.84 4.14 7.62
N GLY A 345 6.05 4.78 6.76
CA GLY A 345 5.32 6.00 7.14
C GLY A 345 4.25 5.72 8.16
N HIS A 346 3.44 4.69 7.90
CA HIS A 346 2.41 4.31 8.86
C HIS A 346 3.04 3.96 10.22
N ALA A 347 4.16 3.23 10.19
CA ALA A 347 4.89 2.88 11.42
C ALA A 347 5.45 4.13 12.12
N ALA A 348 5.98 5.07 11.33
CA ALA A 348 6.50 6.32 11.90
C ALA A 348 5.44 7.06 12.70
N LEU A 349 4.24 7.19 12.12
CA LEU A 349 3.19 8.01 12.76
C LEU A 349 2.44 7.30 13.87
N THR A 350 2.31 5.98 13.76
CA THR A 350 1.47 5.22 14.71
C THR A 350 2.24 4.38 15.72
N GLN A 351 3.47 3.98 15.39
CA GLN A 351 4.25 3.11 16.27
C GLN A 351 5.44 3.79 16.92
N ILE A 352 5.87 4.93 16.38
CA ILE A 352 7.05 5.61 16.91
C ILE A 352 6.73 7.03 17.35
N TYR A 353 6.53 7.91 16.36
CA TYR A 353 6.33 9.33 16.64
C TYR A 353 4.85 9.65 16.74
N THR A 354 4.22 9.16 17.81
CA THR A 354 2.84 9.46 18.12
C THR A 354 2.70 10.94 18.45
N ARG A 355 1.45 11.39 18.60
CA ARG A 355 1.21 12.79 18.98
C ARG A 355 1.89 13.10 20.30
N GLN A 356 1.78 12.19 21.28
CA GLN A 356 2.44 12.41 22.57
C GLN A 356 3.96 12.48 22.42
N ALA A 357 4.50 11.62 21.57
CA ALA A 357 5.95 11.59 21.35
C ALA A 357 6.43 12.92 20.76
N ALA A 358 5.59 13.52 19.90
CA ALA A 358 5.89 14.85 19.32
C ALA A 358 5.94 15.93 20.40
N SER A 359 4.92 15.95 21.26
N SER A 359 4.92 15.94 21.26
CA SER A 359 4.88 16.87 22.39
CA SER A 359 4.87 16.89 22.39
C SER A 359 6.11 16.69 23.28
C SER A 359 6.09 16.70 23.30
N ASP A 360 6.44 15.44 23.59
CA ASP A 360 7.59 15.11 24.45
C ASP A 360 8.93 15.55 23.86
N LEU A 361 9.14 15.27 22.58
CA LEU A 361 10.37 15.67 21.90
C LEU A 361 10.49 17.19 21.79
N SER A 362 9.36 17.87 21.55
CA SER A 362 9.38 19.32 21.45
C SER A 362 9.68 19.95 22.81
N ALA A 363 9.13 19.36 23.87
CA ALA A 363 9.46 19.83 25.23
C ALA A 363 10.96 19.64 25.52
N SER A 364 11.48 18.47 25.18
CA SER A 364 12.91 18.16 25.30
C SER A 364 13.78 19.15 24.54
N GLY A 365 13.38 19.44 23.30
CA GLY A 365 14.06 20.44 22.46
C GLY A 365 14.03 21.84 23.05
N ASP A 366 12.88 22.23 23.61
CA ASP A 366 12.76 23.55 24.25
C ASP A 366 13.69 23.69 25.44
N ARG A 367 13.78 22.66 26.26
CA ARG A 367 14.71 22.64 27.41
C ARG A 367 16.16 22.72 26.93
N PHE A 368 16.47 21.97 25.87
CA PHE A 368 17.81 21.96 25.27
C PHE A 368 18.19 23.35 24.76
N ARG A 369 17.31 23.96 23.97
CA ARG A 369 17.57 25.27 23.39
C ARG A 369 17.71 26.34 24.47
N ALA A 370 16.86 26.24 25.50
CA ALA A 370 16.91 27.18 26.62
C ALA A 370 18.25 27.08 27.35
N ASN A 371 18.73 25.86 27.54
CA ASN A 371 20.04 25.64 28.17
C ASN A 371 21.17 26.24 27.34
N LEU A 372 21.12 26.03 26.03
CA LEU A 372 22.12 26.63 25.14
C LEU A 372 22.16 28.16 25.23
N ASN A 373 20.98 28.78 25.23
CA ASN A 373 20.87 30.23 25.35
C ASN A 373 21.30 30.71 26.73
N ARG A 374 21.00 29.91 27.75
CA ARG A 374 21.48 30.17 29.11
C ARG A 374 23.01 30.23 29.17
N ILE A 375 23.67 29.25 28.54
CA ILE A 375 25.13 29.21 28.45
C ILE A 375 25.70 30.46 27.76
N ALA A 376 25.06 30.88 26.67
CA ALA A 376 25.45 32.11 25.96
C ALA A 376 25.35 33.34 26.87
N VAL A 377 24.20 33.48 27.53
CA VAL A 377 23.92 34.65 28.36
C VAL A 377 24.88 34.72 29.55
N GLU A 378 25.13 33.58 30.20
CA GLU A 378 26.01 33.52 31.37
C GLU A 378 27.45 33.89 31.06
N ASN A 379 27.86 33.60 29.82
CA ASN A 379 29.19 33.91 29.33
C ASN A 379 29.25 35.22 28.54
N GLN A 380 28.11 35.93 28.50
CA GLN A 380 27.97 37.19 27.76
C GLN A 380 28.40 37.06 26.30
N ALA A 381 28.12 35.89 25.72
CA ALA A 381 28.51 35.60 24.34
C ALA A 381 27.54 36.22 23.34
N PRO A 382 28.06 36.79 22.24
CA PRO A 382 27.21 37.39 21.22
C PRO A 382 26.65 36.32 20.28
N LEU A 383 25.85 35.42 20.83
CA LEU A 383 25.24 34.35 20.05
C LEU A 383 23.94 33.92 20.71
N GLN A 384 23.07 33.34 19.89
CA GLN A 384 21.80 32.83 20.37
C GLN A 384 21.41 31.63 19.53
N PHE A 385 20.51 30.81 20.07
CA PHE A 385 19.87 29.76 19.28
C PHE A 385 18.41 30.10 19.12
N THR A 386 17.95 30.13 17.87
CA THR A 386 16.55 30.39 17.58
C THR A 386 15.89 29.09 17.14
N GLY A 387 14.58 29.01 17.29
CA GLY A 387 13.85 27.84 16.82
C GLY A 387 12.63 27.52 17.68
N LEU A 388 12.12 26.31 17.49
CA LEU A 388 10.94 25.82 18.18
C LEU A 388 11.12 24.34 18.43
N GLY A 389 10.65 23.87 19.57
CA GLY A 389 10.71 22.44 19.88
C GLY A 389 12.10 21.87 19.69
N SER A 390 12.19 20.82 18.87
CA SER A 390 13.44 20.09 18.63
C SER A 390 14.29 20.65 17.49
N LEU A 391 13.92 21.83 16.97
CA LEU A 391 14.64 22.46 15.86
C LEU A 391 15.33 23.74 16.33
N GLY A 392 16.61 23.91 15.97
CA GLY A 392 17.32 25.12 16.36
C GLY A 392 18.49 25.46 15.46
N THR A 393 18.82 26.75 15.40
CA THR A 393 19.98 27.21 14.63
C THR A 393 20.72 28.28 15.43
N ILE A 394 22.05 28.20 15.41
CA ILE A 394 22.88 29.25 16.02
C ILE A 394 22.93 30.48 15.12
N HIS A 395 22.91 31.67 15.74
CA HIS A 395 23.13 32.94 15.03
C HIS A 395 24.06 33.80 15.88
N PHE A 396 25.11 34.30 15.25
CA PHE A 396 26.06 35.16 15.95
C PHE A 396 25.62 36.61 15.85
N SER A 397 24.64 36.93 16.69
CA SER A 397 24.05 38.26 16.79
C SER A 397 23.34 38.35 18.13
N ARG A 398 23.25 39.57 18.66
CA ARG A 398 22.48 39.82 19.88
C ARG A 398 21.09 40.35 19.53
N ALA A 399 20.88 40.72 18.27
CA ALA A 399 19.63 41.31 17.80
C ALA A 399 18.49 40.29 17.74
N PRO A 400 17.23 40.77 17.80
CA PRO A 400 16.13 39.84 17.55
C PRO A 400 16.23 39.28 16.13
N ILE A 401 16.08 37.97 15.99
CA ILE A 401 16.17 37.33 14.68
C ILE A 401 14.74 37.10 14.20
N ARG A 402 14.30 37.95 13.27
CA ARG A 402 12.90 37.96 12.87
C ARG A 402 12.65 37.75 11.38
N SER A 403 13.66 38.01 10.55
CA SER A 403 13.52 37.86 9.11
C SER A 403 14.84 37.38 8.50
N ALA A 404 14.83 37.09 7.20
CA ALA A 404 16.05 36.66 6.49
C ALA A 404 17.17 37.69 6.62
N GLY A 405 16.81 38.97 6.57
CA GLY A 405 17.78 40.06 6.76
C GLY A 405 18.57 39.94 8.05
N ASP A 406 17.89 39.58 9.14
CA ASP A 406 18.54 39.43 10.44
C ASP A 406 19.51 38.27 10.45
N VAL A 407 19.11 37.18 9.79
CA VAL A 407 19.94 35.98 9.70
C VAL A 407 21.22 36.30 8.91
N ARG A 408 21.05 36.97 7.78
CA ARG A 408 22.18 37.32 6.92
C ARG A 408 23.15 38.30 7.59
N ALA A 409 22.59 39.21 8.38
CA ALA A 409 23.37 40.25 9.08
C ALA A 409 24.21 39.69 10.22
N ALA A 410 23.85 38.51 10.73
CA ALA A 410 24.61 37.87 11.81
C ALA A 410 25.96 37.40 11.27
N ASP A 411 26.89 37.12 12.17
CA ASP A 411 28.29 36.87 11.79
C ASP A 411 28.43 35.48 11.15
N GLN A 412 28.74 35.47 9.86
CA GLN A 412 28.83 34.22 9.09
C GLN A 412 30.18 33.52 9.24
N GLN A 413 31.21 34.29 9.57
CA GLN A 413 32.53 33.71 9.82
C GLN A 413 32.55 32.93 11.12
N LEU A 414 31.95 33.49 12.17
CA LEU A 414 31.86 32.80 13.44
C LEU A 414 31.03 31.52 13.29
N LYS A 415 30.01 31.59 12.42
CA LYS A 415 29.15 30.43 12.15
C LYS A 415 29.98 29.27 11.56
N GLU A 416 30.86 29.59 10.63
CA GLU A 416 31.71 28.57 10.02
C GLU A 416 32.70 27.99 11.03
N LEU A 417 33.31 28.87 11.84
CA LEU A 417 34.22 28.45 12.88
C LEU A 417 33.53 27.49 13.85
N PHE A 418 32.27 27.80 14.19
CA PHE A 418 31.47 26.96 15.09
C PHE A 418 31.30 25.54 14.51
N PHE A 419 30.97 25.44 13.23
CA PHE A 419 30.80 24.13 12.58
C PHE A 419 32.04 23.25 12.72
N PHE A 420 33.20 23.79 12.36
CA PHE A 420 34.43 23.03 12.46
C PHE A 420 34.80 22.69 13.90
N HIS A 421 34.52 23.61 14.83
CA HIS A 421 34.77 23.35 16.24
C HIS A 421 33.95 22.14 16.70
N MET A 422 32.65 22.15 16.39
CA MET A 422 31.78 21.04 16.78
C MET A 422 32.27 19.70 16.20
N LEU A 423 32.69 19.69 14.93
CA LEU A 423 33.29 18.48 14.34
C LEU A 423 34.46 17.94 15.15
N ARG A 424 35.38 18.82 15.55
CA ARG A 424 36.55 18.38 16.34
C ARG A 424 36.15 17.77 17.68
N LYS A 425 34.97 18.17 18.17
CA LYS A 425 34.41 17.64 19.42
C LYS A 425 33.52 16.42 19.20
N GLY A 426 33.51 15.88 17.98
CA GLY A 426 32.72 14.69 17.65
C GLY A 426 31.22 14.93 17.58
N ILE A 427 30.85 16.17 17.26
CA ILE A 427 29.44 16.55 17.18
C ILE A 427 29.17 17.05 15.76
N TYR A 428 28.25 16.38 15.07
CA TYR A 428 27.93 16.78 13.70
C TYR A 428 26.61 17.52 13.64
N LEU A 429 26.63 18.78 13.17
CA LEU A 429 25.39 19.50 12.84
C LEU A 429 25.56 20.15 11.46
N ALA A 430 24.52 20.81 10.95
CA ALA A 430 24.62 21.44 9.63
C ALA A 430 25.74 22.48 9.60
N PRO A 431 26.42 22.61 8.44
CA PRO A 431 27.34 23.73 8.23
C PRO A 431 26.70 25.07 8.60
N ARG A 432 25.40 25.24 8.33
CA ARG A 432 24.70 26.49 8.64
C ARG A 432 24.32 26.65 10.13
N GLY A 433 24.70 25.67 10.94
CA GLY A 433 24.54 25.76 12.41
C GLY A 433 23.18 25.31 12.90
N MET A 434 22.50 24.49 12.10
CA MET A 434 21.19 23.97 12.45
C MET A 434 21.30 22.56 13.02
N TYR A 435 20.53 22.30 14.09
CA TYR A 435 20.31 20.94 14.57
C TYR A 435 18.83 20.58 14.46
N ALA A 436 18.56 19.29 14.35
CA ALA A 436 17.20 18.78 14.37
C ALA A 436 17.26 17.50 15.18
N LEU A 437 16.83 17.57 16.43
CA LEU A 437 17.01 16.46 17.36
C LEU A 437 16.23 15.23 16.90
N SER A 438 16.94 14.11 16.79
CA SER A 438 16.28 12.83 16.54
C SER A 438 15.80 12.24 17.86
N LEU A 439 15.01 11.16 17.75
CA LEU A 439 14.54 10.44 18.92
C LEU A 439 15.66 9.65 19.60
N GLU A 440 16.82 9.55 18.94
CA GLU A 440 17.95 8.79 19.47
C GLU A 440 18.93 9.66 20.25
N ILE A 441 18.77 10.98 20.18
CA ILE A 441 19.58 11.89 21.01
C ILE A 441 19.20 11.72 22.48
N ALA A 442 20.21 11.48 23.32
CA ALA A 442 19.96 11.28 24.74
C ALA A 442 20.76 12.29 25.58
N ASP A 443 20.76 12.09 26.90
CA ASP A 443 21.46 12.98 27.83
C ASP A 443 22.92 13.17 27.47
N ALA A 444 23.61 12.06 27.15
CA ALA A 444 25.04 12.08 26.82
C ALA A 444 25.36 13.01 25.66
N GLY A 445 24.53 12.93 24.60
CA GLY A 445 24.68 13.79 23.43
C GLY A 445 24.41 15.25 23.71
N ARG A 446 23.31 15.52 24.41
CA ARG A 446 22.92 16.90 24.75
C ARG A 446 23.96 17.54 25.67
N ASP A 447 24.46 16.76 26.64
CA ASP A 447 25.53 17.23 27.51
C ASP A 447 26.80 17.56 26.73
N ALA A 448 27.20 16.67 25.82
CA ALA A 448 28.39 16.89 24.98
C ALA A 448 28.24 18.14 24.12
N PHE A 449 27.03 18.36 23.57
CA PHE A 449 26.77 19.57 22.78
C PHE A 449 26.96 20.84 23.61
N ALA A 450 26.31 20.89 24.77
CA ALA A 450 26.37 22.05 25.67
C ALA A 450 27.80 22.34 26.13
N GLU A 451 28.54 21.28 26.48
CA GLU A 451 29.94 21.40 26.88
C GLU A 451 30.79 21.95 25.74
N ALA A 452 30.54 21.45 24.53
CA ALA A 452 31.28 21.91 23.35
C ALA A 452 30.99 23.37 23.04
N LEU A 453 29.77 23.82 23.29
CA LEU A 453 29.41 25.23 23.11
C LEU A 453 30.19 26.10 24.10
N ALA A 454 30.19 25.69 25.36
CA ALA A 454 30.95 26.38 26.41
C ALA A 454 32.43 26.46 26.04
N ASP A 455 32.97 25.36 25.53
CA ASP A 455 34.37 25.33 25.09
C ASP A 455 34.64 26.31 23.94
N PHE A 456 33.72 26.36 22.98
CA PHE A 456 33.83 27.31 21.86
C PHE A 456 33.90 28.76 22.35
N ILE A 457 33.02 29.10 23.29
CA ILE A 457 32.95 30.45 23.82
C ILE A 457 34.26 30.83 24.52
N GLY A 458 34.79 29.91 25.31
CA GLY A 458 36.08 30.09 25.99
C GLY A 458 37.25 30.20 25.02
N GLU A 459 37.34 29.25 24.10
CA GLU A 459 38.45 29.19 23.15
C GLU A 459 38.46 30.34 22.12
N GLN A 460 37.29 30.86 21.79
CA GLN A 460 37.17 31.90 20.77
C GLN A 460 36.88 33.28 21.35
N ARG A 461 37.18 33.46 22.64
CA ARG A 461 36.92 34.71 23.37
C ARG A 461 37.41 35.96 22.61
N ALA A 462 38.60 35.88 22.04
CA ALA A 462 39.22 37.00 21.32
C ALA A 462 38.41 37.44 20.10
N LEU A 463 37.78 36.49 19.43
CA LEU A 463 36.97 36.79 18.25
C LEU A 463 35.51 37.13 18.59
N LEU A 464 35.16 36.99 19.88
CA LEU A 464 33.79 37.23 20.34
C LEU A 464 33.67 38.55 21.08
N THR B 36 -20.25 3.26 -30.45
CA THR B 36 -21.58 2.61 -30.65
C THR B 36 -22.24 2.26 -29.32
N ALA B 37 -23.55 2.03 -29.38
CA ALA B 37 -24.33 1.61 -28.22
C ALA B 37 -24.02 0.16 -27.87
N GLU B 38 -23.67 -0.64 -28.87
CA GLU B 38 -23.33 -2.04 -28.68
C GLU B 38 -22.05 -2.17 -27.84
N LYS B 39 -21.06 -1.35 -28.16
CA LYS B 39 -19.81 -1.35 -27.41
C LYS B 39 -20.01 -0.77 -26.00
N ALA B 40 -20.85 0.27 -25.88
CA ALA B 40 -21.20 0.84 -24.58
C ALA B 40 -21.85 -0.19 -23.66
N GLN B 41 -22.74 -1.01 -24.23
CA GLN B 41 -23.41 -2.09 -23.49
C GLN B 41 -22.42 -3.16 -23.06
N ALA B 42 -21.46 -3.46 -23.94
CA ALA B 42 -20.42 -4.43 -23.64
C ALA B 42 -19.54 -3.92 -22.49
N ILE B 43 -19.22 -2.63 -22.51
CA ILE B 43 -18.42 -2.01 -21.43
C ILE B 43 -19.20 -2.05 -20.11
N ALA B 44 -20.48 -1.69 -20.16
CA ALA B 44 -21.34 -1.79 -18.97
C ALA B 44 -21.31 -3.19 -18.37
N ALA B 45 -21.44 -4.20 -19.22
CA ALA B 45 -21.41 -5.61 -18.80
C ALA B 45 -20.05 -5.99 -18.22
N ALA B 46 -18.98 -5.49 -18.85
CA ALA B 46 -17.63 -5.81 -18.37
C ALA B 46 -17.34 -5.17 -17.01
N ARG B 47 -17.77 -3.91 -16.84
CA ARG B 47 -17.61 -3.21 -15.55
C ARG B 47 -18.40 -3.90 -14.45
N ASN B 48 -19.62 -4.34 -14.77
N ASN B 48 -19.62 -4.34 -14.78
CA ASN B 48 -20.46 -5.07 -13.82
CA ASN B 48 -20.48 -5.08 -13.84
C ASN B 48 -19.86 -6.42 -13.41
C ASN B 48 -19.87 -6.41 -13.41
N THR B 49 -19.29 -7.15 -14.36
CA THR B 49 -18.64 -8.42 -14.08
C THR B 49 -17.42 -8.21 -13.16
N PHE B 50 -16.58 -7.25 -13.52
CA PHE B 50 -15.45 -6.84 -12.67
C PHE B 50 -15.92 -6.49 -11.25
N ALA B 51 -16.99 -5.71 -11.14
CA ALA B 51 -17.52 -5.32 -9.82
C ALA B 51 -17.99 -6.54 -9.01
N ARG B 52 -18.70 -7.44 -9.68
CA ARG B 52 -19.18 -8.68 -9.06
C ARG B 52 -18.04 -9.58 -8.61
N ASP B 53 -16.98 -9.61 -9.41
CA ASP B 53 -15.79 -10.41 -9.13
C ASP B 53 -15.01 -9.89 -7.92
N ASN B 54 -15.07 -8.58 -7.68
CA ASN B 54 -14.17 -7.89 -6.75
C ASN B 54 -14.82 -7.05 -5.66
N PRO B 55 -15.76 -7.65 -4.89
CA PRO B 55 -16.42 -6.87 -3.85
C PRO B 55 -15.47 -6.43 -2.72
N VAL B 56 -14.41 -7.20 -2.43
CA VAL B 56 -13.48 -6.76 -1.38
C VAL B 56 -12.73 -5.50 -1.83
N SER B 57 -12.27 -5.48 -3.08
CA SER B 57 -11.68 -4.25 -3.62
C SER B 57 -12.66 -3.08 -3.59
N ALA B 58 -13.94 -3.35 -3.85
CA ALA B 58 -14.97 -2.29 -3.81
C ALA B 58 -15.08 -1.72 -2.39
N GLY B 59 -15.05 -2.61 -1.40
CA GLY B 59 -15.08 -2.20 0.01
C GLY B 59 -13.89 -1.31 0.36
N HIS B 60 -12.70 -1.72 -0.08
CA HIS B 60 -11.48 -0.92 0.16
C HIS B 60 -11.62 0.49 -0.43
N HIS B 61 -12.18 0.57 -1.64
CA HIS B 61 -12.31 1.85 -2.33
C HIS B 61 -13.18 2.81 -1.55
N GLU B 62 -14.31 2.32 -1.03
CA GLU B 62 -15.20 3.18 -0.26
C GLU B 62 -14.51 3.73 0.98
N ARG B 63 -13.70 2.91 1.64
CA ARG B 63 -12.96 3.36 2.81
C ARG B 63 -11.86 4.34 2.42
N ALA B 64 -11.14 4.05 1.35
CA ALA B 64 -10.02 4.88 0.90
C ALA B 64 -10.44 6.32 0.54
N ARG B 65 -11.67 6.46 0.04
CA ARG B 65 -12.22 7.76 -0.32
C ARG B 65 -12.33 8.72 0.86
N ARG B 66 -12.23 8.20 2.07
CA ARG B 66 -12.34 9.03 3.27
C ARG B 66 -11.06 9.81 3.60
N SER B 67 -9.92 9.41 3.05
CA SER B 67 -8.64 10.02 3.39
CA SER B 67 -8.65 10.04 3.39
C SER B 67 -7.85 10.54 2.19
N MET B 68 -8.19 10.04 1.01
CA MET B 68 -7.54 10.47 -0.24
C MET B 68 -8.59 10.80 -1.28
N PRO B 69 -8.34 11.81 -2.13
CA PRO B 69 -9.36 12.19 -3.11
C PRO B 69 -9.64 11.04 -4.07
N GLY B 70 -10.89 10.59 -4.14
CA GLY B 70 -11.24 9.39 -4.89
C GLY B 70 -10.51 8.12 -4.46
N GLY B 71 -10.10 8.08 -3.19
CA GLY B 71 -9.33 6.96 -2.66
C GLY B 71 -8.02 6.74 -3.40
N ASN B 72 -7.44 7.83 -3.90
CA ASN B 72 -6.37 7.79 -4.88
C ASN B 72 -5.19 8.71 -4.52
N THR B 73 -3.98 8.25 -4.77
CA THR B 73 -2.79 9.10 -4.58
C THR B 73 -1.87 9.08 -5.81
N ARG B 74 -2.34 8.44 -6.88
CA ARG B 74 -1.61 8.33 -8.13
C ARG B 74 -2.67 8.14 -9.21
N SER B 75 -2.96 9.20 -9.96
CA SER B 75 -4.20 9.24 -10.77
C SER B 75 -4.34 8.06 -11.73
N ILE B 76 -3.23 7.67 -12.35
CA ILE B 76 -3.24 6.59 -13.34
C ILE B 76 -3.70 5.23 -12.77
N LEU B 77 -3.65 5.07 -11.44
CA LEU B 77 -4.11 3.83 -10.81
C LEU B 77 -5.63 3.70 -10.74
N PHE B 78 -6.34 4.83 -10.84
CA PHE B 78 -7.80 4.77 -10.86
C PHE B 78 -8.32 4.32 -12.23
N HIS B 79 -9.33 3.45 -12.20
CA HIS B 79 -10.18 3.18 -13.36
C HIS B 79 -11.56 2.81 -12.84
N ARG B 80 -12.57 2.98 -13.70
CA ARG B 80 -13.92 2.58 -13.38
C ARG B 80 -14.07 1.07 -13.44
N PRO B 81 -15.00 0.50 -12.66
CA PRO B 81 -15.86 1.16 -11.66
C PRO B 81 -15.08 1.56 -10.40
N PHE B 82 -13.97 0.87 -10.16
CA PHE B 82 -13.04 1.13 -9.06
C PHE B 82 -11.78 0.31 -9.39
N PRO B 83 -10.62 0.70 -8.84
CA PRO B 83 -9.40 -0.06 -9.09
C PRO B 83 -9.30 -1.29 -8.20
N LEU B 84 -8.47 -2.25 -8.62
CA LEU B 84 -8.13 -3.38 -7.75
C LEU B 84 -7.28 -2.88 -6.59
N VAL B 85 -7.38 -3.57 -5.45
CA VAL B 85 -6.38 -3.44 -4.41
C VAL B 85 -5.62 -4.76 -4.38
N ILE B 86 -4.29 -4.68 -4.40
CA ILE B 86 -3.44 -5.86 -4.38
C ILE B 86 -2.96 -6.13 -2.95
N ALA B 87 -2.95 -7.42 -2.59
CA ALA B 87 -2.58 -7.86 -1.26
C ALA B 87 -1.09 -8.15 -1.13
N GLN B 88 -0.54 -8.83 -2.15
CA GLN B 88 0.80 -9.38 -2.07
C GLN B 88 1.26 -9.76 -3.46
N GLY B 89 2.57 -9.75 -3.67
CA GLY B 89 3.14 -10.28 -4.90
C GLY B 89 4.57 -10.75 -4.75
N THR B 90 4.92 -11.74 -5.58
CA THR B 90 6.25 -12.35 -5.61
CA THR B 90 6.26 -12.32 -5.63
C THR B 90 6.62 -12.56 -7.08
N GLY B 91 7.86 -12.21 -7.44
CA GLY B 91 8.31 -12.41 -8.83
C GLY B 91 7.41 -11.64 -9.78
N SER B 92 6.86 -12.35 -10.76
CA SER B 92 6.01 -11.70 -11.77
C SER B 92 4.53 -11.74 -11.43
N ARG B 93 4.19 -12.34 -10.29
CA ARG B 93 2.78 -12.57 -9.95
C ARG B 93 2.31 -11.71 -8.79
N PHE B 94 1.04 -11.32 -8.82
CA PHE B 94 0.41 -10.76 -7.62
C PHE B 94 -1.01 -11.25 -7.40
N GLN B 95 -1.54 -10.97 -6.21
CA GLN B 95 -2.86 -11.43 -5.85
C GLN B 95 -3.66 -10.24 -5.32
N ASP B 96 -4.89 -10.09 -5.80
CA ASP B 96 -5.74 -9.01 -5.30
C ASP B 96 -6.39 -9.39 -3.98
N VAL B 97 -7.08 -8.43 -3.38
CA VAL B 97 -7.68 -8.65 -2.05
C VAL B 97 -8.88 -9.61 -2.06
N ASP B 98 -9.40 -9.91 -3.25
CA ASP B 98 -10.43 -10.95 -3.40
C ASP B 98 -9.82 -12.34 -3.59
N GLY B 99 -8.48 -12.38 -3.70
CA GLY B 99 -7.75 -13.63 -3.83
C GLY B 99 -7.42 -14.07 -5.26
N HIS B 100 -7.74 -13.24 -6.25
CA HIS B 100 -7.46 -13.57 -7.65
C HIS B 100 -5.98 -13.38 -7.92
N ALA B 101 -5.38 -14.27 -8.71
CA ALA B 101 -3.96 -14.14 -9.07
C ALA B 101 -3.81 -13.62 -10.50
N TYR B 102 -2.73 -12.88 -10.74
CA TYR B 102 -2.42 -12.32 -12.06
C TYR B 102 -0.93 -12.39 -12.34
N VAL B 103 -0.57 -12.41 -13.63
CA VAL B 103 0.78 -12.11 -14.04
C VAL B 103 0.85 -10.62 -14.33
N ASN B 104 1.86 -9.96 -13.78
CA ASN B 104 1.99 -8.51 -13.88
C ASN B 104 2.77 -8.10 -15.12
N PHE B 105 2.04 -7.80 -16.19
CA PHE B 105 2.65 -7.30 -17.43
C PHE B 105 2.85 -5.79 -17.42
N LEU B 106 2.28 -5.10 -16.44
CA LEU B 106 2.45 -3.65 -16.34
C LEU B 106 3.86 -3.27 -15.88
N GLY B 107 4.41 -4.03 -14.92
CA GLY B 107 5.78 -3.81 -14.46
C GLY B 107 6.06 -2.37 -14.03
N GLU B 108 5.14 -1.81 -13.25
CA GLU B 108 5.24 -0.47 -12.67
C GLU B 108 5.55 0.62 -13.69
N TYR B 109 4.84 0.57 -14.83
CA TYR B 109 5.04 1.56 -15.91
C TYR B 109 6.53 1.72 -16.22
N THR B 110 7.18 0.56 -16.35
CA THR B 110 8.62 0.39 -16.68
C THR B 110 9.62 0.49 -15.51
N ALA B 111 9.18 0.92 -14.33
CA ALA B 111 10.06 0.97 -13.16
C ALA B 111 10.29 -0.40 -12.55
N GLY B 112 9.32 -1.30 -12.74
CA GLY B 112 9.24 -2.57 -11.99
C GLY B 112 9.91 -3.70 -12.73
N LEU B 113 11.11 -3.43 -13.23
CA LEU B 113 11.86 -4.31 -14.12
C LEU B 113 12.32 -5.60 -13.42
N PHE B 114 12.33 -5.57 -12.10
CA PHE B 114 12.92 -6.64 -11.29
C PHE B 114 11.90 -7.59 -10.71
N GLY B 115 10.63 -7.36 -11.05
CA GLY B 115 9.53 -8.09 -10.41
C GLY B 115 9.37 -7.64 -8.96
N HIS B 116 8.59 -8.38 -8.20
CA HIS B 116 8.13 -7.95 -6.88
C HIS B 116 9.06 -8.32 -5.73
N SER B 117 10.04 -9.18 -5.98
CA SER B 117 10.81 -9.77 -4.89
C SER B 117 12.20 -10.23 -5.35
N HIS B 118 12.91 -9.36 -6.07
CA HIS B 118 14.20 -9.75 -6.66
C HIS B 118 15.25 -9.93 -5.57
N PRO B 119 15.92 -11.10 -5.54
CA PRO B 119 16.87 -11.35 -4.46
C PRO B 119 18.08 -10.42 -4.43
N VAL B 120 18.51 -9.95 -5.61
CA VAL B 120 19.66 -9.03 -5.67
C VAL B 120 19.26 -7.64 -5.17
N ILE B 121 18.06 -7.19 -5.53
CA ILE B 121 17.52 -5.95 -4.96
C ILE B 121 17.37 -6.08 -3.44
N ARG B 122 16.82 -7.20 -2.97
CA ARG B 122 16.70 -7.42 -1.52
C ARG B 122 18.06 -7.33 -0.81
N ALA B 123 19.09 -7.95 -1.40
CA ALA B 123 20.45 -7.90 -0.85
C ALA B 123 20.97 -6.47 -0.77
N ALA B 124 20.66 -5.66 -1.80
CA ALA B 124 21.06 -4.25 -1.82
C ALA B 124 20.35 -3.43 -0.73
N VAL B 125 19.08 -3.75 -0.49
CA VAL B 125 18.31 -3.10 0.58
C VAL B 125 18.94 -3.42 1.94
N GLU B 126 19.27 -4.70 2.15
CA GLU B 126 19.92 -5.13 3.38
C GLU B 126 21.28 -4.44 3.58
N ARG B 127 22.08 -4.33 2.51
CA ARG B 127 23.36 -3.63 2.57
C ARG B 127 23.16 -2.16 2.94
N ALA B 128 22.15 -1.53 2.34
CA ALA B 128 21.82 -0.14 2.65
C ALA B 128 21.49 0.04 4.13
N LEU B 129 20.67 -0.86 4.67
CA LEU B 129 20.31 -0.79 6.08
C LEU B 129 21.55 -0.94 6.96
N ALA B 130 22.49 -1.77 6.52
CA ALA B 130 23.76 -1.97 7.23
C ALA B 130 24.64 -0.72 7.22
N VAL B 131 24.62 0.02 6.11
CA VAL B 131 25.34 1.30 6.03
C VAL B 131 24.70 2.29 7.01
N GLY B 132 23.37 2.38 6.97
CA GLY B 132 22.63 3.24 7.88
C GLY B 132 21.71 4.18 7.11
N LEU B 133 20.53 4.43 7.67
CA LEU B 133 19.53 5.30 7.06
C LEU B 133 19.71 6.74 7.52
N ASN B 134 19.40 7.67 6.62
CA ASN B 134 19.30 9.11 6.96
C ASN B 134 20.59 9.64 7.62
N LEU B 135 21.73 9.23 7.06
CA LEU B 135 23.04 9.55 7.61
C LEU B 135 23.43 11.02 7.48
N SER B 136 22.64 11.80 6.72
CA SER B 136 22.75 13.28 6.70
C SER B 136 24.05 13.78 6.06
N THR B 137 24.69 12.89 5.31
CA THR B 137 26.02 13.07 4.74
C THR B 137 26.18 12.21 3.50
N GLN B 138 27.22 12.46 2.73
CA GLN B 138 27.54 11.64 1.58
C GLN B 138 28.19 10.33 2.02
N THR B 139 27.96 9.27 1.27
CA THR B 139 28.71 8.02 1.39
C THR B 139 29.33 7.71 0.04
N GLU B 140 30.23 6.73 0.01
CA GLU B 140 30.86 6.29 -1.24
C GLU B 140 29.82 5.81 -2.25
N ASN B 141 28.67 5.36 -1.75
CA ASN B 141 27.66 4.72 -2.59
C ASN B 141 27.07 5.61 -3.68
N GLU B 142 26.91 6.90 -3.37
CA GLU B 142 26.41 7.81 -4.40
C GLU B 142 27.37 7.97 -5.58
N ALA B 143 28.66 8.12 -5.30
CA ALA B 143 29.69 8.16 -6.36
C ALA B 143 29.72 6.87 -7.17
N LEU B 144 29.61 5.72 -6.50
CA LEU B 144 29.60 4.44 -7.23
C LEU B 144 28.42 4.34 -8.20
N PHE B 145 27.25 4.78 -7.74
CA PHE B 145 26.05 4.75 -8.56
C PHE B 145 26.19 5.75 -9.72
N ALA B 146 26.66 6.96 -9.41
CA ALA B 146 26.88 7.98 -10.45
C ALA B 146 27.87 7.49 -11.51
N GLU B 147 28.93 6.80 -11.09
CA GLU B 147 29.90 6.24 -12.04
C GLU B 147 29.24 5.23 -12.96
N ALA B 148 28.37 4.39 -12.41
CA ALA B 148 27.68 3.37 -13.22
C ALA B 148 26.75 4.02 -14.24
N VAL B 149 26.07 5.09 -13.84
CA VAL B 149 25.17 5.82 -14.73
C VAL B 149 25.93 6.51 -15.86
N CYS B 150 27.00 7.24 -15.52
CA CYS B 150 27.78 7.92 -16.54
C CYS B 150 28.42 6.93 -17.51
N ASP B 151 28.89 5.79 -16.97
CA ASP B 151 29.50 4.75 -17.81
CA ASP B 151 29.50 4.75 -17.82
C ASP B 151 28.51 4.20 -18.84
N ARG B 152 27.25 4.03 -18.42
CA ARG B 152 26.21 3.43 -19.26
C ARG B 152 25.69 4.34 -20.36
N PHE B 153 25.52 5.63 -20.04
CA PHE B 153 24.79 6.50 -20.95
C PHE B 153 25.73 7.45 -21.67
N PRO B 154 25.84 7.27 -23.00
CA PRO B 154 26.93 7.83 -23.81
C PRO B 154 26.96 9.35 -23.90
N SER B 155 25.83 10.00 -23.64
CA SER B 155 25.80 11.47 -23.64
C SER B 155 25.76 12.09 -22.25
N ILE B 156 25.78 11.25 -21.22
CA ILE B 156 25.80 11.76 -19.84
C ILE B 156 27.24 11.77 -19.30
N ASP B 157 27.86 12.95 -19.29
CA ASP B 157 29.21 13.13 -18.76
C ASP B 157 29.21 13.26 -17.25
N LEU B 158 28.18 13.93 -16.73
CA LEU B 158 27.98 14.13 -15.29
C LEU B 158 26.48 14.00 -15.03
N VAL B 159 26.13 13.55 -13.81
CA VAL B 159 24.73 13.30 -13.48
C VAL B 159 24.41 13.79 -12.07
N ARG B 160 23.15 14.15 -11.85
CA ARG B 160 22.64 14.41 -10.50
C ARG B 160 21.37 13.61 -10.31
N PHE B 161 21.18 13.08 -9.11
CA PHE B 161 20.01 12.28 -8.81
C PHE B 161 18.90 13.13 -8.22
N THR B 162 17.67 12.78 -8.59
CA THR B 162 16.47 13.39 -8.04
C THR B 162 15.60 12.28 -7.44
N ASN B 163 14.39 12.63 -7.03
CA ASN B 163 13.51 11.67 -6.37
C ASN B 163 12.39 11.14 -7.26
N SER B 164 12.40 11.58 -8.52
CA SER B 164 11.36 11.21 -9.47
C SER B 164 11.76 11.68 -10.86
N GLY B 165 11.13 11.10 -11.89
CA GLY B 165 11.27 11.61 -13.27
C GLY B 165 10.73 13.03 -13.41
N THR B 166 9.67 13.33 -12.65
CA THR B 166 9.09 14.69 -12.63
C THR B 166 10.15 15.71 -12.24
N GLU B 167 10.84 15.46 -11.12
CA GLU B 167 11.92 16.35 -10.68
C GLU B 167 13.06 16.44 -11.68
N ALA B 168 13.41 15.31 -12.29
CA ALA B 168 14.49 15.28 -13.27
C ALA B 168 14.19 16.21 -14.45
N ASN B 169 12.99 16.10 -15.01
CA ASN B 169 12.58 16.97 -16.12
C ASN B 169 12.45 18.45 -15.73
N LEU B 170 11.90 18.72 -14.54
CA LEU B 170 11.86 20.09 -14.04
C LEU B 170 13.27 20.69 -13.91
N MET B 171 14.20 19.90 -13.38
CA MET B 171 15.58 20.36 -13.23
C MET B 171 16.25 20.55 -14.58
N ALA B 172 15.92 19.70 -15.55
CA ALA B 172 16.47 19.87 -16.91
C ALA B 172 15.99 21.19 -17.52
N LEU B 173 14.70 21.51 -17.34
CA LEU B 173 14.16 22.79 -17.78
C LEU B 173 14.74 23.98 -17.00
N ALA B 174 14.93 23.81 -15.69
CA ALA B 174 15.59 24.83 -14.86
C ALA B 174 16.98 25.12 -15.41
N THR B 175 17.71 24.06 -15.77
CA THR B 175 19.05 24.18 -16.35
C THR B 175 19.02 24.94 -17.68
N ALA B 176 18.12 24.53 -18.58
CA ALA B 176 18.06 25.14 -19.92
C ALA B 176 17.68 26.60 -19.87
N THR B 177 16.65 26.92 -19.08
CA THR B 177 16.18 28.30 -18.97
C THR B 177 17.22 29.20 -18.28
N ALA B 178 17.84 28.70 -17.20
CA ALA B 178 18.84 29.49 -16.47
C ALA B 178 20.10 29.72 -17.30
N ILE B 179 20.55 28.70 -18.02
CA ILE B 179 21.77 28.83 -18.84
C ILE B 179 21.55 29.78 -20.03
N THR B 180 20.44 29.59 -20.74
CA THR B 180 20.18 30.36 -21.96
C THR B 180 19.60 31.73 -21.70
N GLY B 181 18.98 31.92 -20.52
CA GLY B 181 18.22 33.13 -20.22
C GLY B 181 16.92 33.23 -20.99
N ARG B 182 16.54 32.16 -21.66
CA ARG B 182 15.34 32.13 -22.50
C ARG B 182 14.15 31.46 -21.81
N LYS B 183 12.95 31.75 -22.29
CA LYS B 183 11.72 31.29 -21.63
C LYS B 183 10.93 30.18 -22.35
N THR B 184 11.08 30.07 -23.66
CA THR B 184 10.22 29.17 -24.43
C THR B 184 10.73 27.73 -24.44
N VAL B 185 9.79 26.81 -24.23
CA VAL B 185 10.09 25.38 -24.27
C VAL B 185 9.23 24.76 -25.36
N LEU B 186 9.86 24.05 -26.29
CA LEU B 186 9.10 23.29 -27.28
C LEU B 186 8.93 21.88 -26.76
N ALA B 187 7.68 21.45 -26.66
CA ALA B 187 7.36 20.06 -26.33
C ALA B 187 6.29 19.58 -27.28
N PHE B 188 5.79 18.37 -27.07
CA PHE B 188 4.89 17.75 -28.03
C PHE B 188 3.61 17.23 -27.42
N ASP B 189 2.52 17.51 -28.13
CA ASP B 189 1.20 17.00 -27.76
C ASP B 189 1.24 15.48 -27.61
N GLY B 190 0.76 14.98 -26.48
CA GLY B 190 0.88 13.55 -26.15
C GLY B 190 2.08 13.25 -25.27
N GLY B 191 3.03 14.20 -25.20
CA GLY B 191 4.22 14.05 -24.37
C GLY B 191 3.87 14.06 -22.90
N TYR B 192 4.57 13.23 -22.13
CA TYR B 192 4.39 13.21 -20.69
C TYR B 192 5.75 13.26 -20.02
N HIS B 193 5.96 14.29 -19.19
CA HIS B 193 7.27 14.55 -18.58
C HIS B 193 7.18 14.72 -17.08
N GLY B 194 6.05 14.32 -16.50
CA GLY B 194 5.90 14.37 -15.05
C GLY B 194 4.66 15.10 -14.62
N GLY B 195 4.40 15.09 -13.31
CA GLY B 195 3.17 15.67 -12.75
C GLY B 195 2.98 17.15 -13.02
N LEU B 196 4.08 17.87 -13.24
CA LEU B 196 4.02 19.30 -13.51
C LEU B 196 4.27 19.62 -14.98
N LEU B 197 4.42 18.57 -15.80
CA LEU B 197 4.78 18.73 -17.23
C LEU B 197 4.05 17.68 -18.05
N ASN B 198 2.72 17.74 -17.92
CA ASN B 198 1.81 16.76 -18.47
C ASN B 198 1.16 17.32 -19.73
N PHE B 199 1.57 16.82 -20.88
CA PHE B 199 0.98 17.27 -22.14
C PHE B 199 0.24 16.15 -22.84
N ALA B 200 -0.18 15.16 -22.05
CA ALA B 200 -0.84 13.96 -22.58
C ALA B 200 -2.11 14.33 -23.33
N SER B 201 -2.81 15.36 -22.86
CA SER B 201 -4.02 15.85 -23.50
C SER B 201 -3.90 17.35 -23.75
N GLY B 202 -2.75 17.77 -24.28
CA GLY B 202 -2.45 19.18 -24.47
C GLY B 202 -2.08 19.84 -23.15
N HIS B 203 -2.33 21.13 -23.04
CA HIS B 203 -1.98 21.86 -21.82
C HIS B 203 -2.91 21.45 -20.70
N ALA B 204 -2.34 21.19 -19.53
CA ALA B 204 -3.12 20.89 -18.33
C ALA B 204 -3.01 22.10 -17.41
N PRO B 205 -4.13 22.47 -16.74
CA PRO B 205 -4.11 23.71 -15.93
C PRO B 205 -3.18 23.63 -14.73
N THR B 206 -2.82 22.40 -14.35
CA THR B 206 -1.93 22.17 -13.22
C THR B 206 -0.44 22.20 -13.58
N ASN B 207 -0.12 22.29 -14.86
CA ASN B 207 1.31 22.33 -15.26
C ASN B 207 2.03 23.53 -14.70
N ALA B 208 3.30 23.33 -14.33
CA ALA B 208 4.16 24.45 -13.97
C ALA B 208 4.19 25.41 -15.18
N PRO B 209 4.10 26.72 -14.91
CA PRO B 209 3.85 27.70 -15.96
C PRO B 209 5.06 28.11 -16.80
N TYR B 210 5.84 27.11 -17.22
CA TYR B 210 6.83 27.33 -18.28
C TYR B 210 6.09 27.76 -19.53
N HIS B 211 6.72 28.60 -20.33
CA HIS B 211 6.11 29.01 -21.58
C HIS B 211 6.30 27.91 -22.63
N VAL B 212 5.35 26.99 -22.67
CA VAL B 212 5.45 25.80 -23.49
C VAL B 212 4.65 25.95 -24.76
N VAL B 213 5.31 25.74 -25.89
CA VAL B 213 4.65 25.62 -27.18
C VAL B 213 4.62 24.15 -27.56
N LEU B 214 3.43 23.66 -27.91
CA LEU B 214 3.25 22.25 -28.27
C LEU B 214 3.19 22.01 -29.77
N GLY B 215 4.09 21.15 -30.24
CA GLY B 215 4.02 20.64 -31.62
C GLY B 215 3.31 19.31 -31.69
N VAL B 216 3.21 18.76 -32.90
CA VAL B 216 2.67 17.43 -33.12
C VAL B 216 3.84 16.48 -33.22
N TYR B 217 3.81 15.39 -32.45
CA TYR B 217 4.88 14.40 -32.44
C TYR B 217 5.04 13.83 -33.86
N ASN B 218 6.30 13.71 -34.28
CA ASN B 218 6.68 13.17 -35.61
C ASN B 218 6.32 14.06 -36.81
N ASP B 219 5.82 15.27 -36.53
CA ASP B 219 5.42 16.20 -37.61
C ASP B 219 6.59 17.11 -37.96
N VAL B 220 7.32 16.75 -39.02
CA VAL B 220 8.51 17.51 -39.40
C VAL B 220 8.19 18.93 -39.88
N GLU B 221 7.28 19.07 -40.82
CA GLU B 221 6.98 20.37 -41.41
C GLU B 221 6.39 21.33 -40.38
N GLY B 222 5.41 20.85 -39.62
CA GLY B 222 4.78 21.67 -38.59
C GLY B 222 5.76 22.10 -37.52
N THR B 223 6.62 21.19 -37.10
CA THR B 223 7.61 21.49 -36.07
C THR B 223 8.68 22.45 -36.59
N ALA B 224 9.10 22.25 -37.84
CA ALA B 224 10.04 23.18 -38.47
C ALA B 224 9.50 24.61 -38.44
N ASP B 225 8.21 24.76 -38.74
CA ASP B 225 7.55 26.08 -38.71
C ASP B 225 7.55 26.68 -37.32
N LEU B 226 7.24 25.87 -36.31
CA LEU B 226 7.27 26.32 -34.93
C LEU B 226 8.66 26.78 -34.50
N LEU B 227 9.70 26.07 -34.94
CA LEU B 227 11.07 26.43 -34.60
C LEU B 227 11.53 27.70 -35.32
N LYS B 228 10.98 27.94 -36.51
CA LYS B 228 11.23 29.22 -37.20
C LYS B 228 10.63 30.38 -36.41
N ARG B 229 9.41 30.20 -35.93
CA ARG B 229 8.71 31.24 -35.16
C ARG B 229 9.28 31.47 -33.77
N HIS B 230 9.70 30.40 -33.09
CA HIS B 230 10.03 30.45 -31.66
C HIS B 230 11.52 30.26 -31.30
N GLY B 231 12.31 29.80 -32.27
CA GLY B 231 13.74 29.48 -32.05
C GLY B 231 14.57 30.51 -31.30
N HIS B 232 14.31 31.79 -31.58
CA HIS B 232 15.03 32.91 -30.96
C HIS B 232 14.97 32.90 -29.43
N ASP B 233 13.81 32.51 -28.88
CA ASP B 233 13.59 32.50 -27.42
C ASP B 233 13.43 31.08 -26.89
N CYS B 234 13.91 30.08 -27.64
CA CYS B 234 13.75 28.70 -27.22
C CYS B 234 14.88 28.27 -26.31
N ALA B 235 14.57 28.03 -25.03
CA ALA B 235 15.56 27.53 -24.07
C ALA B 235 15.84 26.06 -24.29
N ALA B 236 14.80 25.32 -24.69
CA ALA B 236 14.86 23.86 -24.73
C ALA B 236 13.84 23.25 -25.68
N ILE B 237 14.23 22.11 -26.25
CA ILE B 237 13.28 21.20 -26.88
C ILE B 237 13.24 19.97 -25.97
N LEU B 238 12.05 19.65 -25.48
CA LEU B 238 11.87 18.53 -24.55
C LEU B 238 11.07 17.43 -25.24
N VAL B 239 11.66 16.24 -25.36
CA VAL B 239 11.02 15.19 -26.15
C VAL B 239 11.40 13.76 -25.69
N GLU B 240 10.40 12.87 -25.69
CA GLU B 240 10.64 11.43 -25.48
C GLU B 240 11.02 10.81 -26.82
N PRO B 241 12.06 9.96 -26.84
CA PRO B 241 12.38 9.24 -28.09
C PRO B 241 11.30 8.24 -28.53
N MET B 242 10.35 7.96 -27.64
CA MET B 242 9.14 7.20 -27.92
C MET B 242 8.09 7.70 -26.94
N LEU B 243 6.93 8.14 -27.43
CA LEU B 243 5.86 8.52 -26.49
C LEU B 243 5.57 7.30 -25.61
N GLY B 244 5.61 7.49 -24.29
CA GLY B 244 5.47 6.35 -23.38
C GLY B 244 4.03 6.22 -22.94
N ALA B 245 3.65 7.02 -21.94
CA ALA B 245 2.26 7.14 -21.54
C ALA B 245 1.34 7.49 -22.70
N GLY B 246 1.89 8.20 -23.68
CA GLY B 246 1.13 8.63 -24.86
C GLY B 246 0.90 7.57 -25.92
N GLY B 247 1.40 6.35 -25.72
CA GLY B 247 1.01 5.23 -26.57
C GLY B 247 2.06 4.28 -27.11
N CYS B 248 3.28 4.35 -26.55
CA CYS B 248 4.42 3.59 -27.07
C CYS B 248 4.55 3.84 -28.58
N VAL B 249 4.69 5.13 -28.91
CA VAL B 249 4.77 5.62 -30.29
C VAL B 249 6.21 6.05 -30.57
N PRO B 250 6.96 5.24 -31.34
CA PRO B 250 8.36 5.60 -31.59
C PRO B 250 8.51 6.89 -32.38
N ALA B 251 9.51 7.70 -32.04
CA ALA B 251 9.89 8.85 -32.86
C ALA B 251 10.54 8.32 -34.13
N GLU B 252 10.28 9.04 -35.22
CA GLU B 252 10.92 8.75 -36.50
C GLU B 252 12.26 9.48 -36.58
N ARG B 253 13.24 8.87 -37.23
CA ARG B 253 14.56 9.49 -37.33
C ARG B 253 14.51 10.91 -37.92
N ALA B 254 13.70 11.13 -38.96
CA ALA B 254 13.60 12.45 -39.60
C ALA B 254 13.19 13.52 -38.60
N PHE B 255 12.25 13.16 -37.72
CA PHE B 255 11.78 14.04 -36.65
C PHE B 255 12.86 14.38 -35.63
N LEU B 256 13.56 13.37 -35.13
CA LEU B 256 14.65 13.62 -34.16
C LEU B 256 15.83 14.35 -34.78
N ASP B 257 16.13 14.06 -36.06
CA ASP B 257 17.19 14.76 -36.78
C ASP B 257 16.86 16.26 -36.91
N LEU B 258 15.60 16.58 -37.19
CA LEU B 258 15.14 17.97 -37.20
C LEU B 258 15.40 18.64 -35.86
N LEU B 259 14.98 17.99 -34.78
CA LEU B 259 15.14 18.57 -33.45
C LEU B 259 16.61 18.80 -33.10
N ARG B 260 17.48 17.84 -33.41
CA ARG B 260 18.89 17.96 -33.12
C ARG B 260 19.53 19.11 -33.91
N ALA B 261 19.24 19.19 -35.20
CA ALA B 261 19.78 20.26 -36.04
C ALA B 261 19.31 21.65 -35.64
N GLU B 262 18.01 21.78 -35.36
CA GLU B 262 17.42 23.07 -35.02
C GLU B 262 17.79 23.53 -33.62
N ALA B 263 17.86 22.60 -32.67
CA ALA B 263 18.35 22.99 -31.34
C ALA B 263 19.76 23.59 -31.43
N SER B 264 20.64 22.91 -32.16
CA SER B 264 22.01 23.39 -32.34
C SER B 264 22.05 24.73 -33.08
N ARG B 265 21.19 24.89 -34.09
CA ARG B 265 21.13 26.12 -34.89
C ARG B 265 20.71 27.34 -34.08
N CYS B 266 19.65 27.18 -33.28
N CYS B 266 19.65 27.17 -33.29
CA CYS B 266 19.06 28.31 -32.56
CA CYS B 266 19.03 28.27 -32.55
C CYS B 266 19.57 28.48 -31.13
C CYS B 266 19.66 28.53 -31.18
N GLY B 267 20.39 27.55 -30.66
CA GLY B 267 21.02 27.65 -29.34
C GLY B 267 20.16 27.13 -28.18
N ALA B 268 19.14 26.36 -28.50
CA ALA B 268 18.31 25.68 -27.48
C ALA B 268 18.99 24.38 -27.05
N LEU B 269 18.72 23.95 -25.83
CA LEU B 269 19.20 22.64 -25.39
C LEU B 269 18.20 21.58 -25.79
N LEU B 270 18.68 20.53 -26.46
CA LEU B 270 17.85 19.39 -26.76
C LEU B 270 17.88 18.49 -25.54
N ILE B 271 16.69 18.24 -24.97
CA ILE B 271 16.54 17.36 -23.81
C ILE B 271 15.78 16.12 -24.23
N PHE B 272 16.43 14.97 -24.16
CA PHE B 272 15.75 13.69 -24.39
C PHE B 272 15.28 13.16 -23.04
N ASP B 273 13.96 13.00 -22.92
CA ASP B 273 13.35 12.40 -21.75
C ASP B 273 13.38 10.90 -21.98
N GLU B 274 14.37 10.25 -21.36
CA GLU B 274 14.56 8.81 -21.44
C GLU B 274 14.11 8.11 -20.16
N VAL B 275 13.18 8.73 -19.43
CA VAL B 275 12.66 8.12 -18.21
C VAL B 275 12.15 6.71 -18.48
N MET B 276 11.44 6.52 -19.60
CA MET B 276 11.05 5.16 -20.03
C MET B 276 12.05 4.52 -21.00
N THR B 277 12.53 5.29 -21.96
CA THR B 277 13.30 4.69 -23.08
C THR B 277 14.73 4.24 -22.73
N SER B 278 15.26 4.70 -21.59
CA SER B 278 16.65 4.36 -21.24
C SER B 278 16.89 2.85 -21.18
N ARG B 279 15.82 2.08 -20.93
CA ARG B 279 15.96 0.61 -20.82
C ARG B 279 16.23 -0.08 -22.15
N LEU B 280 16.00 0.61 -23.26
CA LEU B 280 15.90 -0.07 -24.56
C LEU B 280 17.21 -0.68 -25.05
N SER B 281 18.32 -0.09 -24.61
N SER B 281 18.32 -0.11 -24.59
CA SER B 281 19.65 -0.67 -24.77
CA SER B 281 19.65 -0.67 -24.79
C SER B 281 20.46 -0.30 -23.53
C SER B 281 20.48 -0.25 -23.58
N GLY B 282 21.67 -0.82 -23.43
CA GLY B 282 22.57 -0.45 -22.33
C GLY B 282 22.74 1.07 -22.22
N GLY B 283 22.77 1.73 -23.38
CA GLY B 283 22.89 3.19 -23.42
C GLY B 283 21.63 3.91 -23.88
N GLY B 284 20.47 3.30 -23.65
CA GLY B 284 19.18 3.92 -23.99
C GLY B 284 18.94 4.16 -25.48
N ALA B 285 18.01 5.07 -25.79
CA ALA B 285 17.69 5.33 -27.18
C ALA B 285 18.84 6.02 -27.89
N GLN B 286 19.57 6.87 -27.17
CA GLN B 286 20.68 7.61 -27.80
C GLN B 286 21.77 6.69 -28.35
N GLU B 287 22.08 5.62 -27.64
CA GLU B 287 23.01 4.60 -28.16
C GLU B 287 22.46 3.96 -29.43
N MET B 288 21.17 3.64 -29.43
CA MET B 288 20.53 2.98 -30.58
C MET B 288 20.48 3.90 -31.82
N LEU B 289 20.28 5.19 -31.57
CA LEU B 289 20.04 6.16 -32.63
C LEU B 289 21.31 6.80 -33.17
N GLY B 290 22.34 6.86 -32.35
CA GLY B 290 23.53 7.67 -32.66
C GLY B 290 23.21 9.16 -32.73
N ILE B 291 22.23 9.58 -31.93
CA ILE B 291 21.88 11.00 -31.79
C ILE B 291 22.08 11.33 -30.32
N SER B 292 22.75 12.44 -30.05
CA SER B 292 23.04 12.84 -28.67
C SER B 292 22.27 14.08 -28.29
N ALA B 293 21.53 13.99 -27.20
CA ALA B 293 20.88 15.15 -26.62
C ALA B 293 21.87 15.93 -25.74
N ASP B 294 21.59 17.20 -25.53
CA ASP B 294 22.42 18.03 -24.66
C ASP B 294 22.21 17.67 -23.19
N LEU B 295 20.97 17.37 -22.83
CA LEU B 295 20.64 16.85 -21.51
C LEU B 295 19.74 15.63 -21.66
N THR B 296 19.84 14.72 -20.70
CA THR B 296 19.06 13.49 -20.70
C THR B 296 18.44 13.32 -19.33
N THR B 297 17.16 13.01 -19.29
CA THR B 297 16.51 12.70 -18.02
C THR B 297 16.23 11.20 -17.91
N LEU B 298 16.30 10.70 -16.69
CA LEU B 298 16.21 9.27 -16.41
C LEU B 298 15.28 9.02 -15.23
N GLY B 299 14.78 7.80 -15.11
CA GLY B 299 13.92 7.48 -13.96
C GLY B 299 13.67 6.01 -13.91
N LYS B 300 12.52 5.65 -13.35
CA LYS B 300 12.01 4.27 -13.40
C LYS B 300 12.92 3.23 -12.74
N TYR B 301 13.41 2.26 -13.52
CA TYR B 301 14.12 1.07 -13.00
C TYR B 301 15.55 1.33 -12.53
N ILE B 302 16.15 2.46 -12.91
CA ILE B 302 17.60 2.66 -12.67
C ILE B 302 17.98 2.67 -11.19
N GLY B 303 17.05 3.06 -10.32
CA GLY B 303 17.30 3.01 -8.87
C GLY B 303 16.88 1.70 -8.22
N GLY B 304 16.77 0.63 -9.02
CA GLY B 304 16.44 -0.70 -8.50
C GLY B 304 15.01 -0.87 -8.01
N GLY B 305 14.12 0.03 -8.44
CA GLY B 305 12.74 0.02 -7.98
C GLY B 305 12.50 0.92 -6.78
N MET B 306 13.56 1.55 -6.27
CA MET B 306 13.47 2.56 -5.21
C MET B 306 13.12 3.90 -5.85
N SER B 307 12.67 4.85 -5.05
CA SER B 307 12.46 6.22 -5.54
C SER B 307 13.67 6.69 -6.33
N PHE B 308 13.42 7.26 -7.51
CA PHE B 308 14.53 7.60 -8.40
C PHE B 308 14.14 8.50 -9.56
N GLY B 309 15.04 9.45 -9.82
CA GLY B 309 15.11 10.15 -11.10
C GLY B 309 16.54 10.63 -11.25
N ALA B 310 16.90 11.10 -12.44
CA ALA B 310 18.21 11.73 -12.63
C ALA B 310 18.20 12.66 -13.82
N PHE B 311 19.02 13.71 -13.75
CA PHE B 311 19.29 14.49 -14.94
C PHE B 311 20.80 14.62 -15.13
N GLY B 312 21.23 14.49 -16.37
CA GLY B 312 22.64 14.60 -16.69
C GLY B 312 22.81 15.03 -18.13
N GLY B 313 24.06 15.07 -18.59
CA GLY B 313 24.30 15.49 -19.97
C GLY B 313 25.70 16.03 -20.16
N ARG B 314 25.82 16.98 -21.09
CA ARG B 314 27.12 17.60 -21.41
C ARG B 314 27.83 18.10 -20.17
N ARG B 315 29.11 17.79 -20.05
CA ARG B 315 29.89 18.26 -18.91
C ARG B 315 29.77 19.76 -18.66
N ASP B 316 29.89 20.58 -19.71
CA ASP B 316 29.90 22.04 -19.51
C ASP B 316 28.57 22.61 -19.03
N LEU B 317 27.49 21.93 -19.36
CA LEU B 317 26.16 22.28 -18.86
C LEU B 317 26.01 21.85 -17.40
N MET B 318 26.38 20.60 -17.10
CA MET B 318 26.19 20.06 -15.76
C MET B 318 27.10 20.70 -14.71
N GLU B 319 28.27 21.19 -15.15
CA GLU B 319 29.20 21.82 -14.22
C GLU B 319 28.64 23.09 -13.60
N ARG B 320 27.56 23.63 -14.18
CA ARG B 320 26.87 24.78 -13.59
C ARG B 320 26.29 24.47 -12.20
N PHE B 321 26.18 23.18 -11.89
CA PHE B 321 25.71 22.71 -10.58
C PHE B 321 26.81 22.36 -9.58
N ASP B 322 28.07 22.51 -9.95
CA ASP B 322 29.15 22.35 -8.99
C ASP B 322 28.95 23.40 -7.88
N PRO B 323 28.68 22.97 -6.63
CA PRO B 323 28.35 23.97 -5.60
C PRO B 323 29.48 24.93 -5.27
N ALA B 324 30.70 24.55 -5.67
CA ALA B 324 31.88 25.39 -5.41
C ALA B 324 32.11 26.45 -6.50
N ARG B 325 31.37 26.38 -7.60
CA ARG B 325 31.59 27.34 -8.68
C ARG B 325 30.92 28.68 -8.39
N ASP B 326 31.47 29.74 -8.98
CA ASP B 326 30.89 31.07 -8.85
CA ASP B 326 30.88 31.07 -8.86
C ASP B 326 29.53 31.10 -9.54
N GLY B 327 28.50 31.56 -8.83
CA GLY B 327 27.14 31.59 -9.38
C GLY B 327 26.57 30.20 -9.63
N ALA B 328 26.99 29.24 -8.82
CA ALA B 328 26.48 27.86 -8.92
C ALA B 328 24.96 27.82 -8.83
N PHE B 329 24.35 26.94 -9.62
CA PHE B 329 22.93 26.63 -9.48
C PHE B 329 22.74 25.70 -8.28
N ALA B 330 21.65 25.91 -7.56
CA ALA B 330 21.36 25.15 -6.36
C ALA B 330 20.41 23.99 -6.68
N HIS B 331 20.73 22.81 -6.17
CA HIS B 331 19.88 21.64 -6.32
C HIS B 331 20.01 20.77 -5.06
N ALA B 332 19.27 21.16 -4.02
CA ALA B 332 19.15 20.33 -2.83
C ALA B 332 18.08 19.26 -3.08
N GLY B 333 17.66 18.58 -2.02
CA GLY B 333 16.63 17.55 -2.14
C GLY B 333 16.93 16.47 -1.12
N THR B 334 16.09 16.40 -0.09
CA THR B 334 16.34 15.57 1.09
C THR B 334 16.78 14.15 0.74
N PHE B 335 16.05 13.54 -0.19
CA PHE B 335 16.23 12.13 -0.48
C PHE B 335 17.05 11.87 -1.74
N ASN B 336 17.63 12.92 -2.34
CA ASN B 336 18.39 12.77 -3.59
C ASN B 336 19.42 11.63 -3.51
N ASN B 337 20.16 11.61 -2.41
CA ASN B 337 21.26 10.65 -2.23
C ASN B 337 20.92 9.54 -1.26
N ASN B 338 19.63 9.25 -1.09
CA ASN B 338 19.23 8.28 -0.07
C ASN B 338 19.88 6.92 -0.31
N ILE B 339 20.28 6.27 0.78
CA ILE B 339 21.12 5.06 0.68
C ILE B 339 20.45 3.87 -0.02
N LEU B 340 19.14 3.74 0.13
CA LEU B 340 18.39 2.67 -0.52
C LEU B 340 18.48 2.78 -2.05
N THR B 341 18.22 3.98 -2.56
CA THR B 341 18.32 4.22 -4.00
C THR B 341 19.77 4.05 -4.49
N MET B 342 20.73 4.61 -3.74
CA MET B 342 22.13 4.52 -4.19
C MET B 342 22.57 3.05 -4.26
N SER B 343 22.18 2.27 -3.25
N SER B 343 22.19 2.27 -3.25
CA SER B 343 22.57 0.86 -3.16
CA SER B 343 22.57 0.86 -3.18
C SER B 343 21.85 -0.01 -4.19
C SER B 343 21.86 -0.01 -4.21
N ALA B 344 20.53 0.07 -4.23
CA ALA B 344 19.72 -0.73 -5.14
C ALA B 344 19.98 -0.33 -6.60
N GLY B 345 20.23 0.94 -6.83
CA GLY B 345 20.53 1.43 -8.17
C GLY B 345 21.84 0.88 -8.70
N HIS B 346 22.88 0.92 -7.87
CA HIS B 346 24.16 0.39 -8.30
C HIS B 346 24.02 -1.09 -8.64
N ALA B 347 23.29 -1.83 -7.82
CA ALA B 347 23.03 -3.26 -8.08
C ALA B 347 22.22 -3.45 -9.36
N ALA B 348 21.20 -2.60 -9.56
CA ALA B 348 20.36 -2.69 -10.75
C ALA B 348 21.18 -2.59 -12.03
N LEU B 349 22.11 -1.65 -12.08
CA LEU B 349 22.87 -1.41 -13.30
C LEU B 349 24.03 -2.39 -13.49
N THR B 350 24.72 -2.73 -12.41
CA THR B 350 25.98 -3.49 -12.52
C THR B 350 25.82 -5.00 -12.32
N GLN B 351 24.76 -5.40 -11.62
CA GLN B 351 24.54 -6.81 -11.31
C GLN B 351 23.37 -7.46 -12.02
N ILE B 352 22.30 -6.70 -12.26
CA ILE B 352 21.06 -7.29 -12.76
C ILE B 352 20.84 -6.88 -14.22
N TYR B 353 20.52 -5.61 -14.43
CA TYR B 353 20.19 -5.13 -15.77
C TYR B 353 21.42 -4.54 -16.42
N THR B 354 22.34 -5.45 -16.75
CA THR B 354 23.57 -5.12 -17.46
C THR B 354 23.25 -4.77 -18.91
N ARG B 355 24.27 -4.28 -19.63
CA ARG B 355 24.12 -4.01 -21.06
C ARG B 355 23.61 -5.25 -21.81
N GLN B 356 24.16 -6.42 -21.49
CA GLN B 356 23.71 -7.66 -22.14
C GLN B 356 22.26 -7.98 -21.79
N ALA B 357 21.88 -7.80 -20.53
CA ALA B 357 20.51 -8.05 -20.10
C ALA B 357 19.54 -7.12 -20.83
N ALA B 358 19.97 -5.87 -21.05
CA ALA B 358 19.15 -4.90 -21.78
C ALA B 358 18.93 -5.32 -23.24
N SER B 359 20.01 -5.74 -23.90
N SER B 359 20.01 -5.74 -23.90
CA SER B 359 19.94 -6.26 -25.25
CA SER B 359 19.94 -6.26 -25.26
C SER B 359 19.00 -7.46 -25.35
C SER B 359 19.01 -7.47 -25.35
N ASP B 360 19.17 -8.40 -24.42
CA ASP B 360 18.38 -9.64 -24.39
C ASP B 360 16.89 -9.38 -24.14
N LEU B 361 16.59 -8.50 -23.18
CA LEU B 361 15.19 -8.19 -22.89
C LEU B 361 14.51 -7.43 -24.03
N SER B 362 15.23 -6.52 -24.67
CA SER B 362 14.67 -5.81 -25.81
C SER B 362 14.40 -6.75 -26.97
N ALA B 363 15.31 -7.69 -27.21
CA ALA B 363 15.13 -8.71 -28.25
C ALA B 363 13.93 -9.60 -27.94
N SER B 364 13.83 -10.02 -26.68
CA SER B 364 12.67 -10.80 -26.18
C SER B 364 11.37 -10.02 -26.42
N GLY B 365 11.39 -8.73 -26.07
CA GLY B 365 10.24 -7.86 -26.25
C GLY B 365 9.84 -7.69 -27.71
N ASP B 366 10.83 -7.53 -28.58
CA ASP B 366 10.58 -7.42 -30.02
C ASP B 366 9.91 -8.69 -30.56
N ARG B 367 10.39 -9.85 -30.13
CA ARG B 367 9.80 -11.13 -30.54
C ARG B 367 8.37 -11.26 -30.03
N PHE B 368 8.17 -10.87 -28.77
CA PHE B 368 6.85 -10.84 -28.14
C PHE B 368 5.86 -9.95 -28.91
N ARG B 369 6.25 -8.71 -29.19
CA ARG B 369 5.40 -7.77 -29.89
C ARG B 369 5.09 -8.26 -31.31
N ALA B 370 6.09 -8.78 -31.99
CA ALA B 370 5.89 -9.35 -33.33
C ALA B 370 4.90 -10.51 -33.30
N ASN B 371 4.98 -11.34 -32.25
CA ASN B 371 4.03 -12.45 -32.10
C ASN B 371 2.60 -11.97 -31.89
N LEU B 372 2.42 -10.94 -31.07
CA LEU B 372 1.11 -10.33 -30.86
C LEU B 372 0.55 -9.77 -32.17
N ASN B 373 1.39 -9.05 -32.93
CA ASN B 373 0.97 -8.51 -34.21
C ASN B 373 0.66 -9.60 -35.25
N ARG B 374 1.41 -10.70 -35.21
CA ARG B 374 1.15 -11.86 -36.06
C ARG B 374 -0.24 -12.44 -35.77
N ILE B 375 -0.56 -12.58 -34.49
CA ILE B 375 -1.88 -13.07 -34.07
C ILE B 375 -3.00 -12.16 -34.58
N ALA B 376 -2.78 -10.85 -34.50
CA ALA B 376 -3.73 -9.88 -35.01
C ALA B 376 -3.92 -10.08 -36.53
N VAL B 377 -2.82 -10.14 -37.25
CA VAL B 377 -2.83 -10.27 -38.71
C VAL B 377 -3.50 -11.58 -39.17
N GLU B 378 -3.14 -12.69 -38.52
CA GLU B 378 -3.68 -14.02 -38.85
C GLU B 378 -5.18 -14.10 -38.67
N ASN B 379 -5.70 -13.33 -37.71
CA ASN B 379 -7.12 -13.32 -37.40
C ASN B 379 -7.89 -12.11 -37.96
N GLN B 380 -7.22 -11.36 -38.85
CA GLN B 380 -7.83 -10.19 -39.49
C GLN B 380 -8.37 -9.17 -38.49
N ALA B 381 -7.69 -9.02 -37.36
CA ALA B 381 -8.15 -8.17 -36.27
C ALA B 381 -7.74 -6.72 -36.51
N PRO B 382 -8.68 -5.77 -36.36
CA PRO B 382 -8.38 -4.34 -36.52
C PRO B 382 -7.65 -3.77 -35.30
N LEU B 383 -6.46 -4.30 -35.03
CA LEU B 383 -5.64 -3.86 -33.89
C LEU B 383 -4.16 -4.09 -34.14
N GLN B 384 -3.33 -3.35 -33.42
CA GLN B 384 -1.89 -3.52 -33.51
C GLN B 384 -1.25 -3.22 -32.16
N PHE B 385 -0.03 -3.69 -31.98
CA PHE B 385 0.78 -3.29 -30.84
C PHE B 385 1.97 -2.47 -31.35
N THR B 386 2.09 -1.25 -30.82
CA THR B 386 3.20 -0.37 -31.16
C THR B 386 4.19 -0.36 -29.99
N GLY B 387 5.45 -0.08 -30.29
CA GLY B 387 6.46 0.10 -29.27
C GLY B 387 7.86 -0.26 -29.74
N LEU B 388 8.74 -0.46 -28.76
CA LEU B 388 10.15 -0.76 -28.97
C LEU B 388 10.60 -1.70 -27.86
N GLY B 389 11.47 -2.66 -28.20
CA GLY B 389 12.01 -3.57 -27.19
C GLY B 389 10.93 -4.18 -26.32
N SER B 390 11.08 -4.05 -25.01
CA SER B 390 10.18 -4.65 -24.01
C SER B 390 8.94 -3.78 -23.68
N LEU B 391 8.74 -2.70 -24.44
CA LEU B 391 7.60 -1.80 -24.21
C LEU B 391 6.60 -1.87 -25.35
N GLY B 392 5.31 -1.93 -25.02
CA GLY B 392 4.28 -1.98 -26.05
C GLY B 392 2.91 -1.54 -25.59
N THR B 393 2.12 -1.04 -26.53
CA THR B 393 0.74 -0.65 -26.25
C THR B 393 -0.17 -1.09 -27.40
N ILE B 394 -1.35 -1.62 -27.05
CA ILE B 394 -2.38 -1.96 -28.03
C ILE B 394 -3.10 -0.71 -28.54
N HIS B 395 -3.39 -0.68 -29.84
CA HIS B 395 -4.24 0.34 -30.42
C HIS B 395 -5.23 -0.31 -31.36
N PHE B 396 -6.51 0.04 -31.19
CA PHE B 396 -7.57 -0.51 -32.03
C PHE B 396 -7.73 0.32 -33.31
N SER B 397 -6.74 0.15 -34.18
CA SER B 397 -6.67 0.79 -35.49
C SER B 397 -5.58 0.06 -36.24
N ARG B 398 -5.69 0.00 -37.57
CA ARG B 398 -4.60 -0.50 -38.40
C ARG B 398 -3.93 0.62 -39.20
N ALA B 399 -4.36 1.85 -38.95
CA ALA B 399 -3.70 3.05 -39.48
C ALA B 399 -2.31 3.22 -38.83
N PRO B 400 -1.41 3.96 -39.50
CA PRO B 400 -0.13 4.23 -38.85
C PRO B 400 -0.34 4.99 -37.54
N ILE B 401 0.35 4.58 -36.49
CA ILE B 401 0.27 5.29 -35.21
C ILE B 401 1.55 6.08 -35.05
N ARG B 402 1.47 7.38 -35.34
CA ARG B 402 2.65 8.24 -35.43
C ARG B 402 2.61 9.45 -34.49
N SER B 403 1.42 9.82 -34.05
CA SER B 403 1.25 10.97 -33.15
C SER B 403 0.12 10.75 -32.17
N ALA B 404 -0.01 11.66 -31.21
CA ALA B 404 -1.10 11.62 -30.23
C ALA B 404 -2.48 11.55 -30.92
N GLY B 405 -2.62 12.28 -32.02
CA GLY B 405 -3.87 12.27 -32.79
C GLY B 405 -4.27 10.88 -33.25
N ASP B 406 -3.30 10.10 -33.71
CA ASP B 406 -3.52 8.72 -34.16
C ASP B 406 -3.95 7.82 -33.01
N VAL B 407 -3.31 8.00 -31.86
CA VAL B 407 -3.64 7.22 -30.67
C VAL B 407 -5.07 7.51 -30.23
N ARG B 408 -5.45 8.78 -30.22
CA ARG B 408 -6.78 9.19 -29.78
C ARG B 408 -7.87 8.74 -30.75
N ALA B 409 -7.54 8.71 -32.04
CA ALA B 409 -8.51 8.32 -33.09
C ALA B 409 -8.84 6.84 -33.10
N ALA B 410 -7.95 6.02 -32.54
CA ALA B 410 -8.16 4.58 -32.43
C ALA B 410 -9.32 4.30 -31.48
N ASP B 411 -9.90 3.10 -31.56
CA ASP B 411 -11.11 2.79 -30.77
C ASP B 411 -10.81 2.67 -29.27
N GLN B 412 -11.40 3.58 -28.50
CA GLN B 412 -11.14 3.66 -27.05
C GLN B 412 -12.04 2.71 -26.26
N GLN B 413 -13.22 2.42 -26.82
CA GLN B 413 -14.15 1.47 -26.21
C GLN B 413 -13.61 0.05 -26.22
N LEU B 414 -13.07 -0.38 -27.37
CA LEU B 414 -12.45 -1.69 -27.48
C LEU B 414 -11.22 -1.80 -26.56
N LYS B 415 -10.50 -0.69 -26.40
CA LYS B 415 -9.36 -0.65 -25.48
C LYS B 415 -9.80 -0.95 -24.04
N GLU B 416 -10.92 -0.38 -23.61
CA GLU B 416 -11.43 -0.65 -22.27
C GLU B 416 -11.89 -2.12 -22.13
N LEU B 417 -12.59 -2.64 -23.14
CA LEU B 417 -13.01 -4.03 -23.14
C LEU B 417 -11.82 -4.98 -23.06
N PHE B 418 -10.74 -4.64 -23.76
CA PHE B 418 -9.52 -5.46 -23.75
C PHE B 418 -8.91 -5.54 -22.35
N PHE B 419 -8.87 -4.41 -21.64
CA PHE B 419 -8.33 -4.40 -20.27
C PHE B 419 -9.11 -5.39 -19.38
N PHE B 420 -10.43 -5.29 -19.40
CA PHE B 420 -11.26 -6.15 -18.56
C PHE B 420 -11.13 -7.61 -18.95
N HIS B 421 -11.07 -7.89 -20.25
CA HIS B 421 -10.86 -9.25 -20.74
C HIS B 421 -9.58 -9.86 -20.20
N MET B 422 -8.47 -9.11 -20.30
CA MET B 422 -7.17 -9.61 -19.85
C MET B 422 -7.19 -9.91 -18.34
N LEU B 423 -7.80 -9.03 -17.56
CA LEU B 423 -7.97 -9.29 -16.12
C LEU B 423 -8.68 -10.61 -15.84
N ARG B 424 -9.75 -10.88 -16.60
CA ARG B 424 -10.52 -12.12 -16.43
C ARG B 424 -9.66 -13.34 -16.76
N LYS B 425 -8.62 -13.13 -17.57
CA LYS B 425 -7.69 -14.21 -17.93
C LYS B 425 -6.46 -14.27 -17.02
N GLY B 426 -6.47 -13.47 -15.96
CA GLY B 426 -5.34 -13.46 -15.01
C GLY B 426 -4.10 -12.76 -15.55
N ILE B 427 -4.31 -11.83 -16.48
CA ILE B 427 -3.20 -11.04 -17.05
C ILE B 427 -3.45 -9.58 -16.71
N TYR B 428 -2.52 -8.99 -15.97
CA TYR B 428 -2.65 -7.58 -15.62
C TYR B 428 -1.75 -6.68 -16.46
N LEU B 429 -2.35 -5.74 -17.19
CA LEU B 429 -1.57 -4.69 -17.82
C LEU B 429 -2.27 -3.36 -17.58
N ALA B 430 -1.68 -2.25 -18.05
CA ALA B 430 -2.30 -0.94 -17.84
C ALA B 430 -3.72 -0.86 -18.40
N PRO B 431 -4.61 -0.14 -17.71
CA PRO B 431 -5.92 0.19 -18.30
C PRO B 431 -5.80 0.73 -19.74
N ARG B 432 -4.76 1.51 -20.02
CA ARG B 432 -4.58 2.09 -21.35
C ARG B 432 -3.99 1.10 -22.37
N GLY B 433 -3.75 -0.15 -21.95
CA GLY B 433 -3.31 -1.20 -22.87
C GLY B 433 -1.81 -1.31 -23.07
N MET B 434 -1.06 -0.72 -22.15
CA MET B 434 0.40 -0.79 -22.17
C MET B 434 0.96 -1.93 -21.32
N TYR B 435 1.96 -2.62 -21.85
CA TYR B 435 2.78 -3.53 -21.04
C TYR B 435 4.23 -3.05 -21.02
N ALA B 436 4.93 -3.44 -19.96
CA ALA B 436 6.37 -3.17 -19.85
C ALA B 436 6.99 -4.42 -19.24
N LEU B 437 7.62 -5.25 -20.09
CA LEU B 437 8.08 -6.56 -19.63
C LEU B 437 9.16 -6.45 -18.57
N SER B 438 8.96 -7.16 -17.46
CA SER B 438 9.97 -7.25 -16.43
C SER B 438 10.92 -8.40 -16.78
N LEU B 439 12.02 -8.48 -16.05
CA LEU B 439 12.96 -9.58 -16.20
C LEU B 439 12.38 -10.90 -15.68
N GLU B 440 11.25 -10.83 -14.98
CA GLU B 440 10.62 -12.02 -14.40
C GLU B 440 9.56 -12.65 -15.30
N ILE B 441 9.16 -11.95 -16.37
CA ILE B 441 8.24 -12.51 -17.35
C ILE B 441 8.94 -13.66 -18.10
N ALA B 442 8.28 -14.81 -18.16
CA ALA B 442 8.84 -16.01 -18.77
C ALA B 442 7.90 -16.60 -19.82
N ASP B 443 8.27 -17.77 -20.35
CA ASP B 443 7.46 -18.42 -21.39
C ASP B 443 6.00 -18.55 -21.02
N ALA B 444 5.72 -19.05 -19.81
CA ALA B 444 4.35 -19.28 -19.36
C ALA B 444 3.50 -18.00 -19.43
N GLY B 445 4.04 -16.90 -18.92
CA GLY B 445 3.36 -15.61 -18.98
C GLY B 445 3.11 -15.10 -20.39
N ARG B 446 4.14 -15.15 -21.23
CA ARG B 446 4.03 -14.66 -22.62
C ARG B 446 3.01 -15.52 -23.39
N ASP B 447 3.08 -16.83 -23.19
CA ASP B 447 2.12 -17.75 -23.81
C ASP B 447 0.69 -17.41 -23.40
N ALA B 448 0.48 -17.19 -22.10
CA ALA B 448 -0.83 -16.85 -21.57
C ALA B 448 -1.36 -15.53 -22.13
N PHE B 449 -0.46 -14.54 -22.28
CA PHE B 449 -0.84 -13.25 -22.85
C PHE B 449 -1.32 -13.47 -24.31
N ALA B 450 -0.52 -14.18 -25.09
CA ALA B 450 -0.82 -14.45 -26.50
C ALA B 450 -2.15 -15.18 -26.67
N GLU B 451 -2.39 -16.19 -25.83
CA GLU B 451 -3.65 -16.95 -25.90
C GLU B 451 -4.85 -16.09 -25.50
N ALA B 452 -4.67 -15.22 -24.51
CA ALA B 452 -5.72 -14.31 -24.08
C ALA B 452 -6.08 -13.31 -25.19
N LEU B 453 -5.07 -12.86 -25.94
CA LEU B 453 -5.30 -11.98 -27.08
C LEU B 453 -6.13 -12.71 -28.14
N ALA B 454 -5.73 -13.93 -28.47
CA ALA B 454 -6.45 -14.76 -29.44
C ALA B 454 -7.91 -14.96 -29.02
N ASP B 455 -8.11 -15.26 -27.74
CA ASP B 455 -9.45 -15.41 -27.15
C ASP B 455 -10.30 -14.15 -27.25
N PHE B 456 -9.69 -12.99 -26.97
CA PHE B 456 -10.37 -11.70 -27.11
C PHE B 456 -10.85 -11.49 -28.53
N ILE B 457 -9.98 -11.79 -29.50
CA ILE B 457 -10.32 -11.59 -30.92
C ILE B 457 -11.52 -12.47 -31.30
N GLY B 458 -11.51 -13.74 -30.88
CA GLY B 458 -12.60 -14.66 -31.16
C GLY B 458 -13.89 -14.32 -30.44
N GLU B 459 -13.79 -14.05 -29.14
CA GLU B 459 -14.96 -13.73 -28.31
C GLU B 459 -15.62 -12.40 -28.66
N GLN B 460 -14.83 -11.45 -29.15
CA GLN B 460 -15.34 -10.10 -29.45
C GLN B 460 -15.48 -9.84 -30.95
N ARG B 461 -15.57 -10.91 -31.73
CA ARG B 461 -15.63 -10.83 -33.19
C ARG B 461 -16.72 -9.87 -33.70
N ALA B 462 -17.88 -9.89 -33.04
CA ALA B 462 -19.02 -9.07 -33.44
C ALA B 462 -18.72 -7.56 -33.35
N LEU B 463 -17.84 -7.19 -32.44
CA LEU B 463 -17.47 -5.79 -32.22
C LEU B 463 -16.21 -5.37 -32.99
N LEU B 464 -15.57 -6.33 -33.64
CA LEU B 464 -14.34 -6.10 -34.41
C LEU B 464 -14.62 -6.18 -35.91
N SER C 34 -34.58 -52.17 10.92
CA SER C 34 -33.37 -52.40 10.06
C SER C 34 -32.14 -52.82 10.86
N ASP C 35 -32.18 -52.61 12.18
CA ASP C 35 -31.18 -53.15 13.11
C ASP C 35 -31.13 -54.68 13.01
N THR C 36 -29.92 -55.22 12.81
CA THR C 36 -29.75 -56.68 12.79
C THR C 36 -28.73 -57.10 13.84
N ALA C 37 -28.81 -58.37 14.22
CA ALA C 37 -27.87 -58.96 15.16
C ALA C 37 -26.47 -59.07 14.54
N GLU C 38 -26.40 -59.37 13.24
CA GLU C 38 -25.12 -59.42 12.52
C GLU C 38 -24.35 -58.10 12.62
N LYS C 39 -25.07 -56.99 12.44
CA LYS C 39 -24.46 -55.66 12.53
C LYS C 39 -24.09 -55.30 13.98
N ALA C 40 -24.92 -55.70 14.93
CA ALA C 40 -24.62 -55.47 16.35
C ALA C 40 -23.36 -56.23 16.78
N GLN C 41 -23.21 -57.45 16.26
CA GLN C 41 -22.02 -58.27 16.53
C GLN C 41 -20.77 -57.64 15.91
N ALA C 42 -20.92 -57.10 14.70
CA ALA C 42 -19.83 -56.38 14.03
C ALA C 42 -19.43 -55.13 14.83
N ILE C 43 -20.41 -54.40 15.34
CA ILE C 43 -20.14 -53.21 16.16
C ILE C 43 -19.41 -53.57 17.45
N ALA C 44 -19.90 -54.59 18.15
CA ALA C 44 -19.21 -55.08 19.36
C ALA C 44 -17.75 -55.43 19.05
N ALA C 45 -17.51 -56.14 17.95
CA ALA C 45 -16.15 -56.49 17.53
C ALA C 45 -15.30 -55.25 17.19
N ALA C 46 -15.90 -54.28 16.52
CA ALA C 46 -15.19 -53.03 16.18
C ALA C 46 -14.80 -52.23 17.42
N ARG C 47 -15.73 -52.12 18.36
CA ARG C 47 -15.47 -51.40 19.62
C ARG C 47 -14.37 -52.10 20.42
N ASN C 48 -14.42 -53.43 20.44
CA ASN C 48 -13.39 -54.23 21.12
C ASN C 48 -12.00 -54.04 20.52
N THR C 49 -11.92 -54.07 19.19
CA THR C 49 -10.65 -53.81 18.48
C THR C 49 -10.12 -52.41 18.79
N PHE C 50 -11.00 -51.41 18.72
CA PHE C 50 -10.63 -50.04 19.08
C PHE C 50 -10.09 -49.96 20.53
N ALA C 51 -10.78 -50.61 21.47
CA ALA C 51 -10.36 -50.64 22.87
C ALA C 51 -8.97 -51.27 23.03
N ARG C 52 -8.76 -52.41 22.36
CA ARG C 52 -7.48 -53.12 22.41
C ARG C 52 -6.36 -52.29 21.81
N ASP C 53 -6.68 -51.55 20.75
CA ASP C 53 -5.72 -50.69 20.05
C ASP C 53 -5.31 -49.50 20.91
N ASN C 54 -6.20 -49.05 21.80
CA ASN C 54 -6.02 -47.76 22.45
C ASN C 54 -6.06 -47.75 23.99
N PRO C 55 -5.24 -48.60 24.64
CA PRO C 55 -5.30 -48.67 26.09
C PRO C 55 -4.88 -47.38 26.80
N VAL C 56 -3.95 -46.63 26.22
CA VAL C 56 -3.55 -45.35 26.84
C VAL C 56 -4.73 -44.36 26.84
N SER C 57 -5.43 -44.24 25.71
CA SER C 57 -6.66 -43.43 25.69
C SER C 57 -7.67 -43.92 26.74
N ALA C 58 -7.79 -45.24 26.89
CA ALA C 58 -8.72 -45.80 27.89
C ALA C 58 -8.34 -45.37 29.31
N GLY C 59 -7.04 -45.38 29.60
CA GLY C 59 -6.55 -44.91 30.90
C GLY C 59 -6.84 -43.45 31.15
N HIS C 60 -6.63 -42.62 30.13
CA HIS C 60 -6.98 -41.20 30.20
C HIS C 60 -8.46 -41.01 30.53
N HIS C 61 -9.33 -41.79 29.87
CA HIS C 61 -10.78 -41.63 30.07
C HIS C 61 -11.18 -41.86 31.52
N GLU C 62 -10.64 -42.91 32.13
CA GLU C 62 -10.96 -43.23 33.53
C GLU C 62 -10.55 -42.10 34.46
N ARG C 63 -9.40 -41.48 34.20
CA ARG C 63 -8.96 -40.33 35.00
C ARG C 63 -9.82 -39.10 34.75
N ALA C 64 -10.13 -38.84 33.48
CA ALA C 64 -10.95 -37.67 33.12
C ALA C 64 -12.33 -37.67 33.78
N ARG C 65 -12.89 -38.87 33.99
CA ARG C 65 -14.20 -39.03 34.60
C ARG C 65 -14.28 -38.46 36.02
N ARG C 66 -13.12 -38.27 36.65
CA ARG C 66 -13.10 -37.78 38.02
C ARG C 66 -13.35 -36.27 38.16
N SER C 67 -13.15 -35.52 37.07
N SER C 67 -13.15 -35.51 37.09
CA SER C 67 -13.24 -34.06 37.12
CA SER C 67 -13.30 -34.05 37.15
C SER C 67 -14.31 -33.47 36.19
C SER C 67 -14.33 -33.47 36.19
N MET C 68 -14.70 -34.23 35.17
CA MET C 68 -15.72 -33.81 34.20
C MET C 68 -16.75 -34.93 34.05
N PRO C 69 -18.03 -34.57 33.84
CA PRO C 69 -19.06 -35.61 33.67
C PRO C 69 -18.73 -36.49 32.47
N GLY C 70 -18.57 -37.79 32.69
CA GLY C 70 -18.16 -38.70 31.62
C GLY C 70 -16.82 -38.35 31.00
N GLY C 71 -15.98 -37.65 31.77
CA GLY C 71 -14.66 -37.21 31.29
C GLY C 71 -14.76 -36.30 30.08
N ASN C 72 -15.85 -35.54 30.04
CA ASN C 72 -16.28 -34.83 28.84
C ASN C 72 -16.62 -33.37 29.11
N THR C 73 -16.25 -32.49 28.19
CA THR C 73 -16.66 -31.09 28.28
C THR C 73 -17.28 -30.56 26.98
N ARG C 74 -17.48 -31.47 26.03
CA ARG C 74 -18.07 -31.13 24.74
C ARG C 74 -18.71 -32.42 24.26
N SER C 75 -20.05 -32.52 24.37
CA SER C 75 -20.74 -33.82 24.28
C SER C 75 -20.39 -34.61 23.03
N ILE C 76 -20.30 -33.91 21.90
CA ILE C 76 -20.06 -34.56 20.61
C ILE C 76 -18.69 -35.26 20.51
N LEU C 77 -17.77 -34.94 21.41
CA LEU C 77 -16.47 -35.61 21.43
C LEU C 77 -16.57 -37.03 22.01
N PHE C 78 -17.59 -37.29 22.82
CA PHE C 78 -17.76 -38.64 23.36
C PHE C 78 -18.29 -39.65 22.33
N HIS C 79 -17.67 -40.83 22.30
CA HIS C 79 -18.25 -42.00 21.64
C HIS C 79 -17.84 -43.25 22.41
N ARG C 80 -18.62 -44.31 22.25
CA ARG C 80 -18.28 -45.58 22.86
C ARG C 80 -17.17 -46.27 22.06
N PRO C 81 -16.36 -47.12 22.72
CA PRO C 81 -16.35 -47.42 24.16
C PRO C 81 -15.77 -46.27 24.99
N PHE C 82 -14.91 -45.47 24.35
CA PHE C 82 -14.37 -44.25 24.93
C PHE C 82 -13.75 -43.45 23.78
N PRO C 83 -13.58 -42.13 23.97
CA PRO C 83 -13.02 -41.32 22.88
C PRO C 83 -11.49 -41.40 22.85
N LEU C 84 -10.91 -41.13 21.68
CA LEU C 84 -9.45 -40.99 21.59
C LEU C 84 -9.00 -39.76 22.38
N VAL C 85 -7.80 -39.80 22.94
CA VAL C 85 -7.16 -38.58 23.38
C VAL C 85 -6.00 -38.35 22.42
N ILE C 86 -5.92 -37.13 21.91
CA ILE C 86 -4.87 -36.74 20.97
C ILE C 86 -3.72 -36.06 21.72
N ALA C 87 -2.51 -36.39 21.32
CA ALA C 87 -1.30 -35.87 21.95
C ALA C 87 -0.78 -34.61 21.28
N GLN C 88 -0.82 -34.57 19.94
CA GLN C 88 -0.13 -33.54 19.18
C GLN C 88 -0.59 -33.61 17.74
N GLY C 89 -0.56 -32.46 17.05
CA GLY C 89 -0.83 -32.43 15.61
C GLY C 89 -0.15 -31.28 14.91
N THR C 90 0.23 -31.52 13.65
N THR C 90 0.17 -31.52 13.64
CA THR C 90 0.80 -30.50 12.78
CA THR C 90 0.84 -30.56 12.76
C THR C 90 0.15 -30.65 11.42
C THR C 90 0.16 -30.67 11.39
N GLY C 91 -0.18 -29.52 10.79
CA GLY C 91 -0.83 -29.52 9.48
C GLY C 91 -2.15 -30.30 9.52
N SER C 92 -2.31 -31.26 8.60
CA SER C 92 -3.53 -32.07 8.58
C SER C 92 -3.47 -33.34 9.42
N ARG C 93 -2.34 -33.58 10.08
CA ARG C 93 -2.14 -34.85 10.77
C ARG C 93 -2.16 -34.69 12.28
N PHE C 94 -2.63 -35.71 12.98
CA PHE C 94 -2.44 -35.77 14.43
C PHE C 94 -2.10 -37.17 14.90
N GLN C 95 -1.69 -37.27 16.17
CA GLN C 95 -1.25 -38.53 16.75
C GLN C 95 -1.97 -38.70 18.07
N ASP C 96 -2.56 -39.89 18.29
CA ASP C 96 -3.22 -40.15 19.57
C ASP C 96 -2.19 -40.53 20.65
N VAL C 97 -2.66 -40.68 21.88
CA VAL C 97 -1.76 -40.94 23.00
C VAL C 97 -1.17 -42.34 22.98
N ASP C 98 -1.71 -43.21 22.12
CA ASP C 98 -1.12 -44.54 21.92
C ASP C 98 -0.08 -44.52 20.81
N GLY C 99 0.07 -43.36 20.14
CA GLY C 99 1.07 -43.16 19.10
C GLY C 99 0.59 -43.35 17.67
N HIS C 100 -0.70 -43.63 17.50
CA HIS C 100 -1.25 -43.85 16.15
C HIS C 100 -1.40 -42.52 15.45
N ALA C 101 -1.07 -42.47 14.15
CA ALA C 101 -1.24 -41.24 13.36
C ALA C 101 -2.48 -41.29 12.48
N TYR C 102 -3.09 -40.13 12.26
CA TYR C 102 -4.31 -40.01 11.43
C TYR C 102 -4.22 -38.74 10.60
N VAL C 103 -4.93 -38.74 9.47
CA VAL C 103 -5.25 -37.51 8.76
C VAL C 103 -6.59 -37.02 9.29
N ASN C 104 -6.64 -35.75 9.66
CA ASN C 104 -7.82 -35.16 10.28
C ASN C 104 -8.78 -34.62 9.22
N PHE C 105 -9.77 -35.44 8.87
CA PHE C 105 -10.83 -35.04 7.94
C PHE C 105 -11.99 -34.33 8.64
N LEU C 106 -12.00 -34.35 9.97
CA LEU C 106 -13.06 -33.68 10.72
C LEU C 106 -12.89 -32.15 10.70
N GLY C 107 -11.65 -31.68 10.83
CA GLY C 107 -11.35 -30.25 10.76
C GLY C 107 -12.21 -29.41 11.70
N GLU C 108 -12.31 -29.86 12.95
CA GLU C 108 -12.99 -29.15 14.05
C GLU C 108 -14.43 -28.74 13.71
N TYR C 109 -15.16 -29.68 13.12
CA TYR C 109 -16.54 -29.43 12.70
C TYR C 109 -16.64 -28.10 11.95
N THR C 110 -15.71 -27.96 11.00
CA THR C 110 -15.61 -26.81 10.06
C THR C 110 -14.84 -25.59 10.60
N ALA C 111 -14.56 -25.54 11.90
CA ALA C 111 -13.76 -24.44 12.45
C ALA C 111 -12.27 -24.57 12.12
N GLY C 112 -11.81 -25.80 11.97
CA GLY C 112 -10.37 -26.09 11.87
C GLY C 112 -9.85 -26.07 10.44
N LEU C 113 -10.18 -24.99 9.74
CA LEU C 113 -9.93 -24.82 8.30
C LEU C 113 -8.43 -24.70 7.96
N PHE C 114 -7.63 -24.38 8.97
CA PHE C 114 -6.24 -24.01 8.75
C PHE C 114 -5.28 -25.14 9.14
N GLY C 115 -5.84 -26.28 9.51
CA GLY C 115 -5.03 -27.36 10.06
C GLY C 115 -4.54 -27.00 11.45
N HIS C 116 -3.55 -27.77 11.92
CA HIS C 116 -3.16 -27.71 13.34
C HIS C 116 -2.06 -26.72 13.67
N SER C 117 -1.41 -26.18 12.64
CA SER C 117 -0.20 -25.40 12.86
C SER C 117 0.08 -24.42 11.72
N HIS C 118 -0.96 -23.71 11.29
CA HIS C 118 -0.83 -22.83 10.13
C HIS C 118 0.10 -21.66 10.45
N PRO C 119 1.15 -21.44 9.61
CA PRO C 119 2.13 -20.39 9.93
C PRO C 119 1.58 -18.96 9.94
N VAL C 120 0.54 -18.70 9.15
CA VAL C 120 -0.05 -17.37 9.10
C VAL C 120 -0.90 -17.14 10.35
N ILE C 121 -1.63 -18.17 10.80
CA ILE C 121 -2.34 -18.08 12.08
C ILE C 121 -1.33 -17.86 13.23
N ARG C 122 -0.24 -18.63 13.22
CA ARG C 122 0.81 -18.48 14.23
C ARG C 122 1.34 -17.04 14.26
N ALA C 123 1.62 -16.48 13.08
CA ALA C 123 2.10 -15.10 12.97
C ALA C 123 1.10 -14.11 13.56
N ALA C 124 -0.19 -14.36 13.32
CA ALA C 124 -1.26 -13.52 13.86
C ALA C 124 -1.33 -13.60 15.38
N VAL C 125 -1.12 -14.80 15.93
CA VAL C 125 -1.10 -15.00 17.39
C VAL C 125 0.08 -14.22 17.98
N GLU C 126 1.24 -14.34 17.34
CA GLU C 126 2.42 -13.56 17.75
C GLU C 126 2.18 -12.06 17.71
N ARG C 127 1.55 -11.57 16.63
CA ARG C 127 1.20 -10.14 16.54
C ARG C 127 0.25 -9.73 17.67
N ALA C 128 -0.73 -10.59 17.96
CA ALA C 128 -1.68 -10.33 19.05
C ALA C 128 -0.98 -10.19 20.41
N LEU C 129 -0.03 -11.10 20.69
CA LEU C 129 0.75 -11.01 21.94
C LEU C 129 1.55 -9.71 22.03
N ALA C 130 2.06 -9.27 20.88
CA ALA C 130 2.83 -8.03 20.78
C ALA C 130 1.96 -6.79 21.03
N VAL C 131 0.69 -6.83 20.61
CA VAL C 131 -0.26 -5.76 20.90
C VAL C 131 -0.56 -5.76 22.40
N GLY C 132 -0.79 -6.95 22.96
CA GLY C 132 -1.06 -7.05 24.39
C GLY C 132 -2.40 -7.72 24.65
N LEU C 133 -2.42 -8.58 25.67
CA LEU C 133 -3.62 -9.30 26.04
C LEU C 133 -4.45 -8.55 27.07
N ASN C 134 -5.77 -8.75 27.01
CA ASN C 134 -6.71 -8.23 28.02
C ASN C 134 -6.55 -6.74 28.28
N LEU C 135 -6.43 -5.98 27.19
CA LEU C 135 -6.17 -4.54 27.23
C LEU C 135 -7.34 -3.70 27.76
N SER C 136 -8.51 -4.33 27.91
CA SER C 136 -9.65 -3.71 28.60
C SER C 136 -10.27 -2.54 27.87
N THR C 137 -9.98 -2.44 26.57
CA THR C 137 -10.31 -1.29 25.75
C THR C 137 -10.43 -1.79 24.31
N GLN C 138 -10.93 -0.92 23.44
CA GLN C 138 -10.96 -1.21 22.00
C GLN C 138 -9.58 -1.09 21.40
N THR C 139 -9.30 -1.92 20.40
CA THR C 139 -8.11 -1.71 19.57
C THR C 139 -8.59 -1.59 18.14
N GLU C 140 -7.73 -1.06 17.28
CA GLU C 140 -8.04 -0.98 15.85
C GLU C 140 -8.33 -2.34 15.24
N ASN C 141 -7.76 -3.39 15.81
CA ASN C 141 -7.89 -4.74 15.26
C ASN C 141 -9.33 -5.22 15.13
N GLU C 142 -10.18 -4.85 16.09
CA GLU C 142 -11.57 -5.25 16.01
C GLU C 142 -12.29 -4.58 14.82
N ALA C 143 -11.97 -3.31 14.56
CA ALA C 143 -12.55 -2.60 13.42
C ALA C 143 -12.08 -3.17 12.09
N LEU C 144 -10.79 -3.50 12.00
CA LEU C 144 -10.24 -4.10 10.77
C LEU C 144 -10.89 -5.45 10.49
N PHE C 145 -11.07 -6.26 11.53
CA PHE C 145 -11.74 -7.55 11.40
C PHE C 145 -13.21 -7.38 10.97
N ALA C 146 -13.91 -6.42 11.58
CA ALA C 146 -15.31 -6.14 11.23
C ALA C 146 -15.44 -5.71 9.77
N GLU C 147 -14.51 -4.87 9.32
CA GLU C 147 -14.45 -4.48 7.91
C GLU C 147 -14.26 -5.69 7.00
N ALA C 148 -13.38 -6.63 7.37
CA ALA C 148 -13.15 -7.82 6.57
C ALA C 148 -14.42 -8.68 6.45
N VAL C 149 -15.15 -8.78 7.54
CA VAL C 149 -16.42 -9.52 7.55
C VAL C 149 -17.44 -8.82 6.65
N CYS C 150 -17.64 -7.52 6.86
CA CYS C 150 -18.64 -6.79 6.07
C CYS C 150 -18.31 -6.79 4.58
N ASP C 151 -17.03 -6.71 4.23
CA ASP C 151 -16.61 -6.69 2.82
C ASP C 151 -17.06 -7.91 2.05
N ARG C 152 -16.96 -9.08 2.66
CA ARG C 152 -17.21 -10.28 1.87
C ARG C 152 -18.59 -10.90 2.04
N PHE C 153 -19.30 -10.59 3.13
CA PHE C 153 -20.65 -11.13 3.31
C PHE C 153 -21.69 -10.11 2.86
N PRO C 154 -22.39 -10.41 1.75
CA PRO C 154 -23.16 -9.42 1.00
C PRO C 154 -24.39 -8.84 1.72
N SER C 155 -24.91 -9.56 2.72
CA SER C 155 -26.08 -9.07 3.46
C SER C 155 -25.75 -8.53 4.84
N ILE C 156 -24.45 -8.53 5.18
CA ILE C 156 -24.01 -8.02 6.48
C ILE C 156 -23.48 -6.60 6.31
N ASP C 157 -24.30 -5.63 6.71
CA ASP C 157 -23.95 -4.19 6.63
C ASP C 157 -23.16 -3.75 7.85
N LEU C 158 -23.53 -4.34 9.00
CA LEU C 158 -22.85 -4.11 10.28
C LEU C 158 -22.80 -5.43 11.01
N VAL C 159 -21.78 -5.62 11.84
CA VAL C 159 -21.57 -6.88 12.53
C VAL C 159 -21.14 -6.64 13.99
N ARG C 160 -21.47 -7.58 14.86
CA ARG C 160 -20.91 -7.62 16.21
C ARG C 160 -20.37 -9.01 16.48
N PHE C 161 -19.26 -9.08 17.22
CA PHE C 161 -18.60 -10.35 17.52
C PHE C 161 -19.07 -10.92 18.85
N THR C 162 -19.18 -12.24 18.88
CA THR C 162 -19.52 -12.97 20.09
C THR C 162 -18.42 -14.00 20.31
N ASN C 163 -18.61 -14.88 21.29
CA ASN C 163 -17.60 -15.87 21.65
C ASN C 163 -17.86 -17.29 21.17
N SER C 164 -18.95 -17.45 20.41
CA SER C 164 -19.38 -18.76 19.93
C SER C 164 -20.54 -18.58 18.96
N GLY C 165 -20.77 -19.59 18.13
CA GLY C 165 -21.99 -19.64 17.31
C GLY C 165 -23.26 -19.65 18.13
N THR C 166 -23.22 -20.31 19.29
CA THR C 166 -24.35 -20.32 20.23
C THR C 166 -24.75 -18.91 20.65
N GLU C 167 -23.77 -18.10 21.07
CA GLU C 167 -24.06 -16.71 21.45
C GLU C 167 -24.55 -15.89 20.27
N ALA C 168 -23.99 -16.13 19.08
CA ALA C 168 -24.41 -15.39 17.89
C ALA C 168 -25.90 -15.63 17.60
N ASN C 169 -26.33 -16.89 17.64
CA ASN C 169 -27.73 -17.22 17.37
C ASN C 169 -28.66 -16.73 18.47
N LEU C 170 -28.23 -16.84 19.73
CA LEU C 170 -29.00 -16.25 20.84
C LEU C 170 -29.20 -14.74 20.67
N MET C 171 -28.14 -14.04 20.27
CA MET C 171 -28.22 -12.59 20.05
C MET C 171 -29.07 -12.25 18.84
N ALA C 172 -29.04 -13.08 17.82
CA ALA C 172 -29.94 -12.89 16.68
C ALA C 172 -31.41 -13.01 17.09
N LEU C 173 -31.71 -14.02 17.92
CA LEU C 173 -33.06 -14.15 18.46
C LEU C 173 -33.43 -13.00 19.40
N ALA C 174 -32.47 -12.56 20.23
CA ALA C 174 -32.68 -11.39 21.09
C ALA C 174 -33.03 -10.15 20.26
N THR C 175 -32.33 -9.99 19.15
CA THR C 175 -32.58 -8.87 18.24
C THR C 175 -33.98 -8.94 17.63
N ALA C 176 -34.34 -10.11 17.10
CA ALA C 176 -35.61 -10.30 16.42
C ALA C 176 -36.81 -10.12 17.37
N THR C 177 -36.73 -10.74 18.54
CA THR C 177 -37.80 -10.63 19.53
C THR C 177 -37.91 -9.20 20.09
N ALA C 178 -36.78 -8.58 20.41
CA ALA C 178 -36.81 -7.21 20.94
C ALA C 178 -37.32 -6.18 19.93
N ILE C 179 -36.93 -6.33 18.67
CA ILE C 179 -37.37 -5.41 17.61
C ILE C 179 -38.87 -5.59 17.28
N THR C 180 -39.30 -6.83 17.11
CA THR C 180 -40.67 -7.12 16.66
C THR C 180 -41.69 -7.09 17.80
N GLY C 181 -41.22 -7.31 19.03
CA GLY C 181 -42.08 -7.44 20.18
C GLY C 181 -42.85 -8.76 20.19
N ARG C 182 -42.44 -9.68 19.31
CA ARG C 182 -43.12 -10.97 19.15
C ARG C 182 -42.33 -12.09 19.81
N LYS C 183 -42.99 -13.22 20.05
CA LYS C 183 -42.39 -14.32 20.81
C LYS C 183 -42.09 -15.59 20.02
N THR C 184 -42.78 -15.83 18.92
CA THR C 184 -42.66 -17.12 18.25
C THR C 184 -41.45 -17.16 17.31
N VAL C 185 -40.73 -18.28 17.35
CA VAL C 185 -39.59 -18.53 16.46
C VAL C 185 -39.86 -19.80 15.70
N LEU C 186 -39.81 -19.72 14.37
CA LEU C 186 -39.91 -20.90 13.53
C LEU C 186 -38.50 -21.41 13.26
N ALA C 187 -38.27 -22.68 13.61
CA ALA C 187 -37.04 -23.37 13.29
C ALA C 187 -37.40 -24.75 12.77
N PHE C 188 -36.40 -25.60 12.51
CA PHE C 188 -36.62 -26.86 11.84
C PHE C 188 -36.05 -28.05 12.55
N ASP C 189 -36.83 -29.13 12.57
CA ASP C 189 -36.41 -30.40 13.12
C ASP C 189 -35.11 -30.86 12.44
N GLY C 190 -34.12 -31.22 13.25
CA GLY C 190 -32.79 -31.53 12.74
C GLY C 190 -31.85 -30.33 12.78
N GLY C 191 -32.41 -29.13 12.96
CA GLY C 191 -31.62 -27.90 12.99
C GLY C 191 -30.78 -27.81 14.25
N TYR C 192 -29.56 -27.28 14.11
CA TYR C 192 -28.69 -27.10 15.27
C TYR C 192 -28.14 -25.67 15.28
N HIS C 193 -28.42 -24.94 16.36
CA HIS C 193 -28.07 -23.52 16.42
C HIS C 193 -27.26 -23.17 17.66
N GLY C 194 -26.82 -24.20 18.38
CA GLY C 194 -25.97 -23.98 19.55
C GLY C 194 -26.46 -24.76 20.75
N GLY C 195 -25.70 -24.67 21.85
CA GLY C 195 -25.99 -25.47 23.05
C GLY C 195 -27.33 -25.16 23.70
N LEU C 196 -27.87 -23.97 23.46
CA LEU C 196 -29.16 -23.58 24.02
C LEU C 196 -30.27 -23.61 22.97
N LEU C 197 -29.92 -24.00 21.74
CA LEU C 197 -30.86 -23.99 20.60
C LEU C 197 -30.63 -25.22 19.74
N ASN C 198 -30.77 -26.37 20.41
CA ASN C 198 -30.46 -27.65 19.82
C ASN C 198 -31.76 -28.35 19.44
N PHE C 199 -32.03 -28.45 18.14
CA PHE C 199 -33.25 -29.11 17.65
C PHE C 199 -32.91 -30.36 16.83
N ALA C 200 -31.71 -30.88 17.04
CA ALA C 200 -31.19 -32.01 16.28
C ALA C 200 -32.08 -33.25 16.44
N SER C 201 -32.67 -33.37 17.63
CA SER C 201 -33.59 -34.46 17.93
C SER C 201 -34.92 -33.91 18.45
N GLY C 202 -35.39 -32.82 17.84
CA GLY C 202 -36.58 -32.13 18.31
C GLY C 202 -36.27 -31.24 19.50
N HIS C 203 -37.28 -30.96 20.33
CA HIS C 203 -37.09 -30.07 21.49
C HIS C 203 -36.24 -30.75 22.57
N ALA C 204 -35.23 -30.04 23.06
CA ALA C 204 -34.37 -30.53 24.13
C ALA C 204 -34.77 -29.81 25.40
N PRO C 205 -34.84 -30.52 26.54
CA PRO C 205 -35.31 -29.88 27.76
C PRO C 205 -34.35 -28.79 28.28
N THR C 206 -33.11 -28.84 27.81
CA THR C 206 -32.09 -27.84 28.17
C THR C 206 -32.13 -26.57 27.29
N ASN C 207 -32.92 -26.57 26.22
CA ASN C 207 -32.95 -25.38 25.36
C ASN C 207 -33.45 -24.14 26.08
N ALA C 208 -32.91 -22.98 25.75
CA ALA C 208 -33.47 -21.73 26.27
C ALA C 208 -34.95 -21.67 25.84
N PRO C 209 -35.84 -21.22 26.74
CA PRO C 209 -37.29 -21.34 26.57
C PRO C 209 -37.92 -20.34 25.60
N TYR C 210 -37.25 -20.06 24.48
CA TYR C 210 -37.90 -19.35 23.38
C TYR C 210 -39.11 -20.16 22.93
N HIS C 211 -40.16 -19.47 22.49
CA HIS C 211 -41.34 -20.17 21.99
C HIS C 211 -41.06 -20.63 20.58
N VAL C 212 -40.53 -21.84 20.46
CA VAL C 212 -40.09 -22.36 19.16
C VAL C 212 -41.10 -23.36 18.61
N VAL C 213 -41.49 -23.13 17.36
CA VAL C 213 -42.31 -24.06 16.60
C VAL C 213 -41.39 -24.72 15.57
N LEU C 214 -41.37 -26.05 15.55
CA LEU C 214 -40.51 -26.77 14.61
C LEU C 214 -41.25 -27.29 13.38
N GLY C 215 -40.70 -26.95 12.21
CA GLY C 215 -41.15 -27.52 10.94
C GLY C 215 -40.24 -28.65 10.49
N VAL C 216 -40.58 -29.23 9.33
CA VAL C 216 -39.75 -30.23 8.68
C VAL C 216 -38.88 -29.53 7.64
N TYR C 217 -37.58 -29.76 7.70
CA TYR C 217 -36.65 -29.13 6.76
C TYR C 217 -37.05 -29.51 5.34
N ASN C 218 -37.03 -28.53 4.44
CA ASN C 218 -37.35 -28.72 3.01
C ASN C 218 -38.83 -29.02 2.70
N ASP C 219 -39.68 -28.98 3.72
CA ASP C 219 -41.10 -29.28 3.53
C ASP C 219 -41.85 -27.98 3.24
N VAL C 220 -42.10 -27.73 1.96
CA VAL C 220 -42.75 -26.47 1.56
C VAL C 220 -44.19 -26.35 2.04
N GLU C 221 -45.03 -27.33 1.72
CA GLU C 221 -46.44 -27.24 2.08
C GLU C 221 -46.68 -27.21 3.59
N GLY C 222 -45.99 -28.07 4.32
CA GLY C 222 -46.10 -28.11 5.79
C GLY C 222 -45.62 -26.81 6.43
N THR C 223 -44.52 -26.26 5.91
CA THR C 223 -43.98 -25.02 6.46
C THR C 223 -44.90 -23.84 6.12
N ALA C 224 -45.45 -23.84 4.91
CA ALA C 224 -46.40 -22.79 4.53
C ALA C 224 -47.60 -22.79 5.47
N ASP C 225 -48.05 -23.98 5.86
CA ASP C 225 -49.15 -24.12 6.80
C ASP C 225 -48.79 -23.52 8.18
N LEU C 226 -47.61 -23.87 8.68
CA LEU C 226 -47.14 -23.33 9.96
C LEU C 226 -47.06 -21.82 9.95
N LEU C 227 -46.64 -21.24 8.83
CA LEU C 227 -46.51 -19.78 8.71
C LEU C 227 -47.86 -19.06 8.60
N LYS C 228 -48.85 -19.75 8.04
CA LYS C 228 -50.24 -19.25 8.08
C LYS C 228 -50.75 -19.19 9.52
N ARG C 229 -50.45 -20.23 10.29
CA ARG C 229 -50.91 -20.36 11.69
C ARG C 229 -50.20 -19.39 12.64
N HIS C 230 -48.88 -19.27 12.47
CA HIS C 230 -48.02 -18.60 13.46
C HIS C 230 -47.40 -17.28 13.00
N GLY C 231 -47.48 -17.01 11.70
CA GLY C 231 -46.83 -15.83 11.10
C GLY C 231 -47.04 -14.51 11.81
N HIS C 232 -48.27 -14.29 12.28
CA HIS C 232 -48.65 -13.08 13.01
C HIS C 232 -47.82 -12.82 14.28
N ASP C 233 -47.42 -13.88 14.99
CA ASP C 233 -46.62 -13.77 16.21
C ASP C 233 -45.17 -14.24 16.00
N CYS C 234 -44.77 -14.34 14.74
N CYS C 234 -44.76 -14.40 14.75
CA CYS C 234 -43.43 -14.80 14.42
CA CYS C 234 -43.40 -14.86 14.46
C CYS C 234 -42.39 -13.69 14.48
C CYS C 234 -42.38 -13.72 14.46
N ALA C 235 -41.48 -13.76 15.45
CA ALA C 235 -40.39 -12.81 15.56
C ALA C 235 -39.31 -13.13 14.53
N ALA C 236 -39.11 -14.41 14.27
CA ALA C 236 -38.01 -14.86 13.43
C ALA C 236 -38.23 -16.23 12.82
N ILE C 237 -37.63 -16.44 11.65
CA ILE C 237 -37.43 -17.77 11.10
C ILE C 237 -35.92 -18.01 11.17
N LEU C 238 -35.52 -19.10 11.84
CA LEU C 238 -34.12 -19.44 12.03
C LEU C 238 -33.81 -20.73 11.29
N VAL C 239 -32.86 -20.65 10.35
CA VAL C 239 -32.62 -21.78 9.45
C VAL C 239 -31.18 -21.82 8.94
N GLU C 240 -30.61 -23.03 8.92
CA GLU C 240 -29.32 -23.28 8.26
C GLU C 240 -29.58 -23.47 6.77
N PRO C 241 -28.77 -22.84 5.90
CA PRO C 241 -28.93 -23.11 4.46
C PRO C 241 -28.57 -24.53 4.05
N MET C 242 -27.94 -25.28 4.95
CA MET C 242 -27.68 -26.70 4.80
C MET C 242 -27.61 -27.23 6.23
N LEU C 243 -28.39 -28.26 6.55
CA LEU C 243 -28.27 -28.86 7.89
C LEU C 243 -26.84 -29.31 8.05
N GLY C 244 -26.19 -28.88 9.14
CA GLY C 244 -24.76 -29.18 9.35
C GLY C 244 -24.60 -30.44 10.18
N ALA C 245 -24.71 -30.26 11.48
CA ALA C 245 -24.74 -31.36 12.44
C ALA C 245 -25.82 -32.38 12.08
N GLY C 246 -26.91 -31.90 11.48
CA GLY C 246 -28.05 -32.73 11.12
C GLY C 246 -27.89 -33.54 9.84
N GLY C 247 -26.72 -33.48 9.22
CA GLY C 247 -26.37 -34.44 8.16
C GLY C 247 -25.85 -33.91 6.83
N CYS C 248 -25.42 -32.65 6.79
CA CYS C 248 -24.97 -32.02 5.54
C CYS C 248 -26.08 -32.14 4.48
N VAL C 249 -27.25 -31.63 4.83
CA VAL C 249 -28.45 -31.73 4.00
C VAL C 249 -28.75 -30.36 3.37
N PRO C 250 -28.48 -30.18 2.07
CA PRO C 250 -28.73 -28.87 1.48
C PRO C 250 -30.21 -28.46 1.50
N ALA C 251 -30.48 -27.19 1.78
CA ALA C 251 -31.82 -26.66 1.59
C ALA C 251 -32.08 -26.58 0.11
N GLU C 252 -33.34 -26.82 -0.27
CA GLU C 252 -33.76 -26.61 -1.64
C GLU C 252 -34.19 -25.17 -1.83
N ARG C 253 -33.99 -24.64 -3.04
CA ARG C 253 -34.33 -23.24 -3.31
C ARG C 253 -35.79 -22.92 -3.04
N ALA C 254 -36.71 -23.82 -3.37
CA ALA C 254 -38.14 -23.57 -3.15
C ALA C 254 -38.44 -23.34 -1.68
N PHE C 255 -37.77 -24.13 -0.83
CA PHE C 255 -37.89 -24.03 0.61
C PHE C 255 -37.39 -22.66 1.10
N LEU C 256 -36.18 -22.29 0.71
CA LEU C 256 -35.64 -20.98 1.11
C LEU C 256 -36.41 -19.80 0.53
N ASP C 257 -36.91 -19.95 -0.71
CA ASP C 257 -37.77 -18.91 -1.31
C ASP C 257 -39.07 -18.70 -0.51
N LEU C 258 -39.65 -19.80 -0.04
CA LEU C 258 -40.82 -19.73 0.81
C LEU C 258 -40.51 -18.93 2.08
N LEU C 259 -39.42 -19.27 2.75
CA LEU C 259 -39.09 -18.58 3.99
C LEU C 259 -38.84 -17.08 3.81
N ARG C 260 -38.12 -16.72 2.75
CA ARG C 260 -37.85 -15.32 2.44
C ARG C 260 -39.14 -14.55 2.13
N ALA C 261 -40.00 -15.14 1.30
CA ALA C 261 -41.26 -14.47 0.98
C ALA C 261 -42.18 -14.32 2.19
N GLU C 262 -42.29 -15.38 2.98
CA GLU C 262 -43.18 -15.38 4.14
C GLU C 262 -42.66 -14.54 5.29
N ALA C 263 -41.34 -14.52 5.50
CA ALA C 263 -40.80 -13.62 6.53
C ALA C 263 -41.15 -12.16 6.19
N SER C 264 -40.94 -11.79 4.93
CA SER C 264 -41.22 -10.43 4.47
C SER C 264 -42.72 -10.11 4.60
N ARG C 265 -43.56 -11.08 4.24
CA ARG C 265 -45.01 -10.88 4.30
C ARG C 265 -45.52 -10.64 5.72
N CYS C 266 -45.05 -11.43 6.67
N CYS C 266 -45.03 -11.44 6.67
CA CYS C 266 -45.61 -11.39 8.02
CA CYS C 266 -45.56 -11.46 8.03
C CYS C 266 -44.83 -10.51 8.99
C CYS C 266 -44.83 -10.53 8.98
N GLY C 267 -43.68 -10.02 8.54
CA GLY C 267 -42.86 -9.12 9.36
C GLY C 267 -41.91 -9.82 10.32
N ALA C 268 -41.64 -11.10 10.08
CA ALA C 268 -40.63 -11.84 10.85
C ALA C 268 -39.27 -11.58 10.26
N LEU C 269 -38.23 -11.64 11.09
CA LEU C 269 -36.86 -11.54 10.59
C LEU C 269 -36.39 -12.93 10.14
N LEU C 270 -35.93 -13.00 8.91
CA LEU C 270 -35.32 -14.22 8.43
C LEU C 270 -33.85 -14.25 8.86
N ILE C 271 -33.51 -15.24 9.66
CA ILE C 271 -32.13 -15.41 10.14
C ILE C 271 -31.52 -16.64 9.48
N PHE C 272 -30.47 -16.43 8.67
CA PHE C 272 -29.72 -17.55 8.13
C PHE C 272 -28.56 -17.86 9.09
N ASP C 273 -28.58 -19.08 9.63
CA ASP C 273 -27.48 -19.56 10.44
C ASP C 273 -26.43 -20.11 9.49
N GLU C 274 -25.40 -19.29 9.23
CA GLU C 274 -24.29 -19.67 8.35
C GLU C 274 -23.03 -20.00 9.14
N VAL C 275 -23.21 -20.45 10.38
CA VAL C 275 -22.07 -20.83 11.23
C VAL C 275 -21.18 -21.84 10.51
N MET C 276 -21.80 -22.81 9.83
CA MET C 276 -21.04 -23.73 8.98
C MET C 276 -21.01 -23.29 7.53
N THR C 277 -22.14 -22.87 6.99
CA THR C 277 -22.24 -22.66 5.54
C THR C 277 -21.49 -21.43 5.00
N SER C 278 -21.08 -20.52 5.89
CA SER C 278 -20.43 -19.28 5.42
C SER C 278 -19.17 -19.56 4.58
N ARG C 279 -18.55 -20.73 4.79
CA ARG C 279 -17.32 -21.08 4.07
C ARG C 279 -17.53 -21.45 2.60
N LEU C 280 -18.78 -21.70 2.22
CA LEU C 280 -19.03 -22.35 0.92
C LEU C 280 -18.71 -21.49 -0.30
N SER C 281 -18.77 -20.18 -0.12
CA SER C 281 -18.24 -19.23 -1.09
C SER C 281 -17.68 -18.05 -0.31
N GLY C 282 -17.05 -17.12 -1.02
CA GLY C 282 -16.56 -15.90 -0.37
C GLY C 282 -17.63 -15.20 0.46
N GLY C 283 -18.86 -15.23 -0.05
CA GLY C 283 -20.02 -14.65 0.65
C GLY C 283 -21.03 -15.66 1.17
N GLY C 284 -20.55 -16.87 1.46
CA GLY C 284 -21.39 -17.92 2.04
C GLY C 284 -22.51 -18.38 1.14
N ALA C 285 -23.53 -18.99 1.75
CA ALA C 285 -24.65 -19.52 0.96
C ALA C 285 -25.44 -18.39 0.32
N GLN C 286 -25.53 -17.24 0.98
CA GLN C 286 -26.32 -16.13 0.44
C GLN C 286 -25.78 -15.63 -0.90
N GLU C 287 -24.45 -15.58 -1.02
CA GLU C 287 -23.85 -15.21 -2.32
C GLU C 287 -24.19 -16.25 -3.39
N MET C 288 -24.11 -17.53 -3.03
CA MET C 288 -24.41 -18.63 -3.95
C MET C 288 -25.87 -18.62 -4.41
N LEU C 289 -26.77 -18.31 -3.49
CA LEU C 289 -28.21 -18.38 -3.71
C LEU C 289 -28.83 -17.13 -4.32
N GLY C 290 -28.22 -15.97 -4.06
CA GLY C 290 -28.87 -14.69 -4.37
C GLY C 290 -30.14 -14.48 -3.55
N ILE C 291 -30.13 -15.00 -2.32
CA ILE C 291 -31.18 -14.74 -1.34
C ILE C 291 -30.50 -14.07 -0.15
N SER C 292 -31.08 -12.98 0.33
CA SER C 292 -30.54 -12.25 1.49
C SER C 292 -31.40 -12.43 2.72
N ALA C 293 -30.77 -12.86 3.81
CA ALA C 293 -31.43 -12.93 5.10
C ALA C 293 -31.38 -11.56 5.78
N ASP C 294 -32.30 -11.32 6.69
CA ASP C 294 -32.32 -10.08 7.47
C ASP C 294 -31.17 -10.02 8.47
N LEU C 295 -30.90 -11.15 9.11
CA LEU C 295 -29.72 -11.31 9.97
C LEU C 295 -29.01 -12.58 9.59
N THR C 296 -27.69 -12.60 9.78
CA THR C 296 -26.87 -13.75 9.48
C THR C 296 -26.00 -14.02 10.68
N THR C 297 -25.90 -15.29 11.07
CA THR C 297 -24.98 -15.65 12.13
C THR C 297 -23.78 -16.42 11.57
N LEU C 298 -22.63 -16.21 12.21
CA LEU C 298 -21.36 -16.72 11.73
C LEU C 298 -20.61 -17.35 12.88
N GLY C 299 -19.67 -18.22 12.56
CA GLY C 299 -18.85 -18.87 13.59
C GLY C 299 -17.67 -19.59 13.01
N LYS C 300 -17.23 -20.63 13.73
CA LYS C 300 -16.25 -21.59 13.20
C LYS C 300 -14.93 -20.94 12.77
N TYR C 301 -14.56 -21.06 11.49
CA TYR C 301 -13.22 -20.72 10.99
C TYR C 301 -12.90 -19.21 10.90
N ILE C 302 -13.92 -18.35 10.97
CA ILE C 302 -13.75 -16.93 10.65
C ILE C 302 -12.81 -16.21 11.63
N GLY C 303 -12.73 -16.71 12.86
CA GLY C 303 -11.80 -16.17 13.85
C GLY C 303 -10.42 -16.81 13.83
N GLY C 304 -10.09 -17.46 12.71
CA GLY C 304 -8.77 -18.09 12.57
C GLY C 304 -8.53 -19.33 13.41
N GLY C 305 -9.62 -19.93 13.90
CA GLY C 305 -9.54 -21.09 14.80
C GLY C 305 -9.55 -20.70 16.27
N MET C 306 -9.58 -19.39 16.53
CA MET C 306 -9.75 -18.85 17.90
C MET C 306 -11.25 -18.86 18.25
N SER C 307 -11.57 -18.73 19.54
CA SER C 307 -12.99 -18.56 19.93
C SER C 307 -13.66 -17.50 19.07
N PHE C 308 -14.85 -17.79 18.57
CA PHE C 308 -15.49 -16.87 17.64
C PHE C 308 -16.95 -17.19 17.39
N GLY C 309 -17.74 -16.13 17.31
CA GLY C 309 -19.04 -16.12 16.64
C GLY C 309 -19.28 -14.69 16.17
N ALA C 310 -20.33 -14.50 15.38
CA ALA C 310 -20.73 -13.12 15.04
C ALA C 310 -22.19 -13.11 14.61
N PHE C 311 -22.85 -11.97 14.86
CA PHE C 311 -24.16 -11.74 14.25
C PHE C 311 -24.15 -10.38 13.56
N GLY C 312 -24.75 -10.34 12.38
CA GLY C 312 -24.74 -9.15 11.56
C GLY C 312 -25.93 -9.17 10.64
N GLY C 313 -26.09 -8.14 9.83
CA GLY C 313 -27.19 -8.13 8.89
C GLY C 313 -27.53 -6.73 8.46
N ARG C 314 -28.81 -6.50 8.21
CA ARG C 314 -29.32 -5.22 7.74
C ARG C 314 -28.94 -4.09 8.67
N ARG C 315 -28.45 -2.99 8.10
CA ARG C 315 -28.03 -1.83 8.88
C ARG C 315 -29.10 -1.35 9.88
N ASP C 316 -30.34 -1.21 9.41
CA ASP C 316 -31.41 -0.66 10.26
C ASP C 316 -31.76 -1.55 11.45
N LEU C 317 -31.46 -2.84 11.35
CA LEU C 317 -31.65 -3.76 12.46
C LEU C 317 -30.45 -3.69 13.41
N MET C 318 -29.25 -3.79 12.85
CA MET C 318 -28.03 -3.80 13.67
C MET C 318 -27.77 -2.45 14.38
N GLU C 319 -28.23 -1.34 13.80
CA GLU C 319 -28.05 -0.02 14.43
C GLU C 319 -28.75 0.08 15.78
N ARG C 320 -29.69 -0.81 16.06
CA ARG C 320 -30.34 -0.85 17.36
C ARG C 320 -29.33 -1.12 18.49
N PHE C 321 -28.13 -1.59 18.12
CA PHE C 321 -27.05 -1.80 19.11
C PHE C 321 -26.05 -0.65 19.24
N ASP C 322 -26.25 0.43 18.49
CA ASP C 322 -25.37 1.60 18.63
C ASP C 322 -25.53 2.17 20.05
N PRO C 323 -24.47 2.08 20.89
CA PRO C 323 -24.61 2.46 22.31
C PRO C 323 -24.89 3.95 22.53
N ALA C 324 -24.67 4.76 21.49
CA ALA C 324 -24.94 6.21 21.57
C ALA C 324 -26.41 6.53 21.36
N ARG C 325 -27.17 5.54 20.89
CA ARG C 325 -28.60 5.71 20.59
C ARG C 325 -29.48 5.62 21.84
N ASP C 326 -30.52 6.47 21.86
CA ASP C 326 -31.59 6.35 22.84
C ASP C 326 -32.23 4.97 22.74
N GLY C 327 -32.30 4.28 23.87
CA GLY C 327 -32.93 2.96 23.95
C GLY C 327 -32.13 1.86 23.25
N ALA C 328 -30.81 2.04 23.19
CA ALA C 328 -29.92 1.04 22.60
C ALA C 328 -30.04 -0.31 23.29
N PHE C 329 -30.01 -1.39 22.50
CA PHE C 329 -29.88 -2.72 23.05
C PHE C 329 -28.45 -2.91 23.54
N ALA C 330 -28.31 -3.61 24.67
CA ALA C 330 -27.02 -3.91 25.29
C ALA C 330 -26.49 -5.26 24.82
N HIS C 331 -25.22 -5.28 24.45
CA HIS C 331 -24.55 -6.54 24.13
C HIS C 331 -23.10 -6.44 24.59
N ALA C 332 -22.86 -6.82 25.85
CA ALA C 332 -21.50 -6.91 26.37
C ALA C 332 -20.96 -8.32 26.10
N GLY C 333 -19.85 -8.67 26.74
CA GLY C 333 -19.24 -9.99 26.58
C GLY C 333 -17.74 -9.83 26.70
N THR C 334 -17.19 -10.32 27.80
CA THR C 334 -15.80 -10.09 28.18
C THR C 334 -14.83 -10.29 27.02
N PHE C 335 -15.01 -11.38 26.29
CA PHE C 335 -14.04 -11.80 25.28
C PHE C 335 -14.46 -11.47 23.86
N ASN C 336 -15.55 -10.71 23.68
CA ASN C 336 -16.07 -10.41 22.33
C ASN C 336 -14.99 -9.85 21.42
N ASN C 337 -14.20 -8.92 21.94
CA ASN C 337 -13.19 -8.23 21.15
C ASN C 337 -11.76 -8.69 21.46
N ASN C 338 -11.61 -9.91 21.95
CA ASN C 338 -10.28 -10.34 22.41
C ASN C 338 -9.27 -10.28 21.29
N ILE C 339 -8.04 -9.88 21.61
CA ILE C 339 -7.05 -9.58 20.57
C ILE C 339 -6.66 -10.79 19.71
N LEU C 340 -6.69 -12.00 20.30
CA LEU C 340 -6.33 -13.20 19.53
C LEU C 340 -7.32 -13.47 18.42
N THR C 341 -8.61 -13.44 18.75
CA THR C 341 -9.66 -13.61 17.73
C THR C 341 -9.62 -12.48 16.68
N MET C 342 -9.50 -11.23 17.14
CA MET C 342 -9.46 -10.11 16.20
C MET C 342 -8.30 -10.22 15.22
N SER C 343 -7.12 -10.57 15.72
N SER C 343 -7.13 -10.59 15.72
CA SER C 343 -5.92 -10.69 14.89
CA SER C 343 -5.92 -10.69 14.90
C SER C 343 -5.99 -11.89 13.96
C SER C 343 -5.93 -11.91 13.97
N ALA C 344 -6.23 -13.08 14.53
CA ALA C 344 -6.24 -14.33 13.75
C ALA C 344 -7.41 -14.32 12.77
N GLY C 345 -8.52 -13.70 13.15
CA GLY C 345 -9.69 -13.60 12.27
C GLY C 345 -9.43 -12.73 11.06
N HIS C 346 -8.80 -11.57 11.28
CA HIS C 346 -8.46 -10.70 10.15
C HIS C 346 -7.48 -11.44 9.21
N ALA C 347 -6.52 -12.15 9.78
CA ALA C 347 -5.57 -12.93 8.97
C ALA C 347 -6.30 -14.05 8.20
N ALA C 348 -7.21 -14.75 8.88
CA ALA C 348 -7.99 -15.82 8.24
C ALA C 348 -8.71 -15.36 6.98
N LEU C 349 -9.39 -14.22 7.08
CA LEU C 349 -10.22 -13.75 5.98
C LEU C 349 -9.45 -13.07 4.88
N THR C 350 -8.34 -12.41 5.23
CA THR C 350 -7.63 -11.55 4.26
C THR C 350 -6.32 -12.14 3.75
N GLN C 351 -5.71 -13.02 4.54
CA GLN C 351 -4.40 -13.56 4.16
C GLN C 351 -4.44 -15.03 3.78
N ILE C 352 -5.46 -15.75 4.25
CA ILE C 352 -5.49 -17.19 4.02
C ILE C 352 -6.69 -17.60 3.19
N TYR C 353 -7.87 -17.54 3.81
CA TYR C 353 -9.09 -17.98 3.16
C TYR C 353 -9.80 -16.82 2.51
N THR C 354 -9.18 -16.32 1.44
CA THR C 354 -9.75 -15.25 0.64
C THR C 354 -11.02 -15.76 -0.07
N ARG C 355 -11.72 -14.86 -0.73
CA ARG C 355 -12.91 -15.25 -1.49
C ARG C 355 -12.53 -16.29 -2.55
N GLN C 356 -11.43 -16.07 -3.26
CA GLN C 356 -10.97 -17.05 -4.25
C GLN C 356 -10.62 -18.39 -3.60
N ALA C 357 -9.97 -18.34 -2.43
CA ALA C 357 -9.63 -19.57 -1.72
C ALA C 357 -10.89 -20.36 -1.38
N ALA C 358 -11.97 -19.66 -1.05
CA ALA C 358 -13.24 -20.32 -0.71
C ALA C 358 -13.83 -21.01 -1.93
N SER C 359 -13.83 -20.31 -3.06
N SER C 359 -13.83 -20.31 -3.06
CA SER C 359 -14.30 -20.90 -4.33
CA SER C 359 -14.30 -20.89 -4.33
C SER C 359 -13.48 -22.14 -4.69
C SER C 359 -13.49 -22.13 -4.70
N ASP C 360 -12.16 -22.04 -4.54
CA ASP C 360 -11.25 -23.15 -4.87
C ASP C 360 -11.44 -24.35 -3.96
N LEU C 361 -11.59 -24.10 -2.65
CA LEU C 361 -11.79 -25.21 -1.72
C LEU C 361 -13.14 -25.89 -1.93
N SER C 362 -14.17 -25.10 -2.23
CA SER C 362 -15.49 -25.68 -2.47
C SER C 362 -15.48 -26.53 -3.74
N ALA C 363 -14.76 -26.07 -4.76
CA ALA C 363 -14.62 -26.85 -6.01
C ALA C 363 -13.85 -28.15 -5.76
N SER C 364 -12.77 -28.07 -4.99
CA SER C 364 -12.01 -29.26 -4.57
C SER C 364 -12.93 -30.23 -3.81
N GLY C 365 -13.73 -29.68 -2.88
CA GLY C 365 -14.66 -30.49 -2.10
C GLY C 365 -15.73 -31.15 -2.95
N ASP C 366 -16.24 -30.43 -3.93
CA ASP C 366 -17.23 -30.98 -4.87
C ASP C 366 -16.64 -32.16 -5.66
N ARG C 367 -15.39 -32.01 -6.12
CA ARG C 367 -14.70 -33.08 -6.85
C ARG C 367 -14.47 -34.29 -5.93
N PHE C 368 -14.08 -34.01 -4.68
CA PHE C 368 -13.89 -35.04 -3.69
C PHE C 368 -15.18 -35.81 -3.42
N ARG C 369 -16.27 -35.08 -3.13
CA ARG C 369 -17.54 -35.71 -2.86
C ARG C 369 -18.04 -36.51 -4.07
N ALA C 370 -17.83 -35.96 -5.26
CA ALA C 370 -18.24 -36.65 -6.50
C ALA C 370 -17.48 -37.96 -6.65
N ASN C 371 -16.19 -37.95 -6.30
CA ASN C 371 -15.37 -39.15 -6.39
C ASN C 371 -15.83 -40.22 -5.39
N LEU C 372 -16.15 -39.81 -4.16
CA LEU C 372 -16.70 -40.74 -3.18
C LEU C 372 -18.00 -41.37 -3.68
N ASN C 373 -18.89 -40.53 -4.21
CA ASN C 373 -20.15 -41.04 -4.74
C ASN C 373 -19.95 -41.94 -5.97
N ARG C 374 -18.95 -41.62 -6.79
CA ARG C 374 -18.58 -42.47 -7.92
C ARG C 374 -18.13 -43.86 -7.44
N ILE C 375 -17.32 -43.89 -6.39
CA ILE C 375 -16.88 -45.15 -5.80
C ILE C 375 -18.06 -45.97 -5.29
N ALA C 376 -19.02 -45.31 -4.65
CA ALA C 376 -20.21 -46.00 -4.17
C ALA C 376 -21.00 -46.62 -5.34
N VAL C 377 -21.25 -45.81 -6.36
CA VAL C 377 -22.02 -46.27 -7.53
C VAL C 377 -21.33 -47.41 -8.29
N GLU C 378 -20.02 -47.27 -8.50
CA GLU C 378 -19.19 -48.27 -9.19
C GLU C 378 -19.26 -49.62 -8.50
N ASN C 379 -19.43 -49.58 -7.17
CA ASN C 379 -19.44 -50.78 -6.34
C ASN C 379 -20.83 -51.23 -5.90
N GLN C 380 -21.87 -50.60 -6.44
CA GLN C 380 -23.26 -50.89 -6.08
C GLN C 380 -23.54 -50.77 -4.58
N ALA C 381 -22.84 -49.85 -3.93
CA ALA C 381 -22.93 -49.69 -2.48
C ALA C 381 -24.16 -48.88 -2.08
N PRO C 382 -24.91 -49.36 -1.08
CA PRO C 382 -26.10 -48.64 -0.60
C PRO C 382 -25.74 -47.51 0.36
N LEU C 383 -24.99 -46.54 -0.17
CA LEU C 383 -24.53 -45.39 0.61
C LEU C 383 -24.31 -44.20 -0.31
N GLN C 384 -24.33 -43.00 0.25
CA GLN C 384 -24.06 -41.78 -0.50
C GLN C 384 -23.41 -40.78 0.43
N PHE C 385 -22.74 -39.78 -0.15
CA PHE C 385 -22.28 -38.63 0.61
C PHE C 385 -23.07 -37.41 0.19
N THR C 386 -23.72 -36.76 1.15
CA THR C 386 -24.45 -35.51 0.88
C THR C 386 -23.63 -34.32 1.34
N GLY C 387 -23.93 -33.16 0.77
CA GLY C 387 -23.30 -31.92 1.20
C GLY C 387 -23.10 -30.90 0.11
N LEU C 388 -22.24 -29.94 0.41
CA LEU C 388 -21.93 -28.82 -0.48
C LEU C 388 -20.47 -28.48 -0.30
N GLY C 389 -19.80 -28.10 -1.39
CA GLY C 389 -18.40 -27.67 -1.32
C GLY C 389 -17.55 -28.66 -0.54
N SER C 390 -16.87 -28.15 0.49
CA SER C 390 -15.92 -28.93 1.26
C SER C 390 -16.52 -29.66 2.48
N LEU C 391 -17.85 -29.67 2.56
CA LEU C 391 -18.55 -30.33 3.68
C LEU C 391 -19.34 -31.52 3.17
N GLY C 392 -19.24 -32.64 3.88
CA GLY C 392 -20.03 -33.82 3.50
C GLY C 392 -20.25 -34.79 4.62
N THR C 393 -21.32 -35.59 4.50
CA THR C 393 -21.64 -36.63 5.47
C THR C 393 -22.09 -37.89 4.73
N ILE C 394 -21.60 -39.04 5.18
CA ILE C 394 -22.05 -40.33 4.65
C ILE C 394 -23.44 -40.69 5.20
N HIS C 395 -24.31 -41.23 4.34
CA HIS C 395 -25.59 -41.79 4.77
C HIS C 395 -25.77 -43.15 4.13
N PHE C 396 -26.13 -44.13 4.95
CA PHE C 396 -26.32 -45.49 4.45
C PHE C 396 -27.76 -45.68 3.96
N SER C 397 -28.01 -45.04 2.83
CA SER C 397 -29.28 -45.07 2.12
C SER C 397 -29.02 -44.49 0.73
N ARG C 398 -29.81 -44.91 -0.26
CA ARG C 398 -29.74 -44.26 -1.57
C ARG C 398 -31.03 -43.50 -1.85
N ALA C 399 -31.87 -43.35 -0.83
CA ALA C 399 -33.04 -42.48 -0.90
C ALA C 399 -32.57 -41.03 -0.93
N PRO C 400 -33.42 -40.10 -1.43
CA PRO C 400 -33.11 -38.69 -1.32
C PRO C 400 -32.99 -38.30 0.15
N ILE C 401 -31.94 -37.57 0.49
CA ILE C 401 -31.74 -37.11 1.86
C ILE C 401 -32.11 -35.63 1.88
N ARG C 402 -33.33 -35.34 2.35
CA ARG C 402 -33.89 -33.99 2.26
C ARG C 402 -34.31 -33.38 3.60
N SER C 403 -34.53 -34.22 4.61
CA SER C 403 -34.93 -33.74 5.93
C SER C 403 -34.32 -34.61 7.03
N ALA C 404 -34.49 -34.20 8.29
CA ALA C 404 -33.99 -34.96 9.43
C ALA C 404 -34.52 -36.40 9.45
N GLY C 405 -35.78 -36.58 9.07
CA GLY C 405 -36.37 -37.91 8.97
C GLY C 405 -35.59 -38.86 8.07
N ASP C 406 -35.14 -38.34 6.92
CA ASP C 406 -34.34 -39.12 5.97
C ASP C 406 -33.00 -39.55 6.55
N VAL C 407 -32.35 -38.64 7.27
CA VAL C 407 -31.06 -38.91 7.91
C VAL C 407 -31.23 -40.00 8.96
N ARG C 408 -32.25 -39.86 9.81
CA ARG C 408 -32.55 -40.82 10.87
C ARG C 408 -32.90 -42.21 10.34
N ALA C 409 -33.59 -42.26 9.20
CA ALA C 409 -34.03 -43.53 8.60
C ALA C 409 -32.90 -44.33 7.96
N ALA C 410 -31.80 -43.66 7.62
CA ALA C 410 -30.64 -44.36 7.04
C ALA C 410 -30.00 -45.24 8.11
N ASP C 411 -29.22 -46.23 7.68
CA ASP C 411 -28.68 -47.25 8.59
C ASP C 411 -27.64 -46.63 9.53
N GLN C 412 -27.97 -46.62 10.84
CA GLN C 412 -27.11 -46.03 11.87
C GLN C 412 -26.02 -46.98 12.35
N GLN C 413 -26.27 -48.28 12.23
CA GLN C 413 -25.26 -49.28 12.62
C GLN C 413 -24.09 -49.31 11.65
N LEU C 414 -24.39 -49.25 10.35
CA LEU C 414 -23.34 -49.18 9.34
C LEU C 414 -22.53 -47.90 9.49
N LYS C 415 -23.19 -46.81 9.89
CA LYS C 415 -22.51 -45.55 10.16
C LYS C 415 -21.43 -45.68 11.26
N GLU C 416 -21.78 -46.38 12.34
CA GLU C 416 -20.82 -46.62 13.41
C GLU C 416 -19.66 -47.48 12.93
N LEU C 417 -19.98 -48.56 12.19
CA LEU C 417 -18.94 -49.42 11.62
C LEU C 417 -17.97 -48.65 10.72
N PHE C 418 -18.52 -47.72 9.93
CA PHE C 418 -17.70 -46.89 9.04
C PHE C 418 -16.68 -46.06 9.82
N PHE C 419 -17.12 -45.43 10.91
CA PHE C 419 -16.23 -44.63 11.74
C PHE C 419 -15.03 -45.44 12.23
N PHE C 420 -15.29 -46.60 12.82
CA PHE C 420 -14.20 -47.45 13.32
C PHE C 420 -13.30 -47.95 12.20
N HIS C 421 -13.89 -48.31 11.06
CA HIS C 421 -13.10 -48.72 9.90
C HIS C 421 -12.12 -47.63 9.47
N MET C 422 -12.64 -46.41 9.31
CA MET C 422 -11.79 -45.31 8.88
C MET C 422 -10.65 -45.04 9.86
N LEU C 423 -10.95 -45.09 11.16
CA LEU C 423 -9.90 -44.99 12.19
C LEU C 423 -8.79 -46.00 12.00
N ARG C 424 -9.16 -47.25 11.72
CA ARG C 424 -8.16 -48.32 11.53
C ARG C 424 -7.29 -48.07 10.31
N LYS C 425 -7.82 -47.29 9.37
CA LYS C 425 -7.10 -46.89 8.16
C LYS C 425 -6.33 -45.57 8.31
N GLY C 426 -6.33 -45.00 9.51
CA GLY C 426 -5.59 -43.77 9.76
C GLY C 426 -6.30 -42.54 9.23
N ILE C 427 -7.62 -42.64 9.11
CA ILE C 427 -8.44 -41.52 8.65
C ILE C 427 -9.41 -41.16 9.76
N TYR C 428 -9.34 -39.91 10.23
CA TYR C 428 -10.22 -39.44 11.29
C TYR C 428 -11.32 -38.52 10.75
N LEU C 429 -12.56 -38.94 10.92
CA LEU C 429 -13.70 -38.05 10.68
C LEU C 429 -14.68 -38.16 11.84
N ALA C 430 -15.77 -37.38 11.79
CA ALA C 430 -16.72 -37.39 12.91
C ALA C 430 -17.31 -38.78 13.10
N PRO C 431 -17.60 -39.16 14.36
CA PRO C 431 -18.38 -40.37 14.60
C PRO C 431 -19.65 -40.43 13.74
N ARG C 432 -20.30 -39.28 13.54
CA ARG C 432 -21.53 -39.24 12.72
C ARG C 432 -21.28 -39.28 11.21
N GLY C 433 -20.03 -39.45 10.80
CA GLY C 433 -19.70 -39.64 9.38
C GLY C 433 -19.54 -38.35 8.58
N MET C 434 -19.32 -37.25 9.28
CA MET C 434 -19.08 -35.95 8.64
C MET C 434 -17.59 -35.63 8.48
N TYR C 435 -17.23 -35.11 7.31
CA TYR C 435 -15.91 -34.48 7.09
C TYR C 435 -16.09 -33.00 6.78
N ALA C 436 -15.06 -32.23 7.07
CA ALA C 436 -15.04 -30.82 6.72
C ALA C 436 -13.60 -30.54 6.31
N LEU C 437 -13.36 -30.48 5.00
CA LEU C 437 -11.99 -30.41 4.50
C LEU C 437 -11.30 -29.13 4.92
N SER C 438 -10.10 -29.28 5.48
CA SER C 438 -9.28 -28.13 5.77
C SER C 438 -8.44 -27.79 4.54
N LEU C 439 -7.78 -26.63 4.60
CA LEU C 439 -6.89 -26.19 3.53
C LEU C 439 -5.61 -27.03 3.47
N GLU C 440 -5.39 -27.87 4.48
CA GLU C 440 -4.18 -28.69 4.57
C GLU C 440 -4.37 -30.10 4.00
N ILE C 441 -5.61 -30.48 3.71
CA ILE C 441 -5.91 -31.76 3.06
C ILE C 441 -5.35 -31.70 1.64
N ALA C 442 -4.57 -32.69 1.27
CA ALA C 442 -3.97 -32.70 -0.06
C ALA C 442 -4.27 -34.00 -0.77
N ASP C 443 -3.63 -34.21 -1.93
CA ASP C 443 -3.83 -35.42 -2.72
C ASP C 443 -3.68 -36.71 -1.91
N ALA C 444 -2.60 -36.83 -1.14
CA ALA C 444 -2.35 -38.06 -0.38
C ALA C 444 -3.50 -38.41 0.57
N GLY C 445 -4.01 -37.41 1.27
CA GLY C 445 -5.12 -37.60 2.22
C GLY C 445 -6.41 -37.98 1.50
N ARG C 446 -6.72 -37.26 0.42
CA ARG C 446 -7.93 -37.55 -0.35
C ARG C 446 -7.88 -38.95 -0.98
N ASP C 447 -6.73 -39.30 -1.53
CA ASP C 447 -6.52 -40.66 -2.05
C ASP C 447 -6.72 -41.73 -0.97
N ALA C 448 -6.13 -41.51 0.22
CA ALA C 448 -6.26 -42.46 1.32
C ALA C 448 -7.71 -42.64 1.77
N PHE C 449 -8.46 -41.54 1.85
CA PHE C 449 -9.88 -41.60 2.21
C PHE C 449 -10.65 -42.46 1.20
N ALA C 450 -10.46 -42.15 -0.09
CA ALA C 450 -11.13 -42.86 -1.18
C ALA C 450 -10.81 -44.35 -1.17
N GLU C 451 -9.53 -44.68 -0.95
CA GLU C 451 -9.13 -46.09 -0.88
C GLU C 451 -9.73 -46.78 0.32
N ALA C 452 -9.78 -46.09 1.46
CA ALA C 452 -10.38 -46.63 2.67
C ALA C 452 -11.88 -46.87 2.50
N LEU C 453 -12.57 -45.96 1.80
CA LEU C 453 -13.99 -46.17 1.47
C LEU C 453 -14.18 -47.43 0.62
N ALA C 454 -13.35 -47.58 -0.41
CA ALA C 454 -13.43 -48.76 -1.29
C ALA C 454 -13.19 -50.04 -0.47
N ASP C 455 -12.22 -49.99 0.43
CA ASP C 455 -11.91 -51.13 1.30
C ASP C 455 -13.07 -51.49 2.22
N PHE C 456 -13.76 -50.46 2.75
CA PHE C 456 -14.92 -50.68 3.60
C PHE C 456 -16.01 -51.41 2.83
N ILE C 457 -16.26 -50.96 1.61
CA ILE C 457 -17.31 -51.54 0.76
C ILE C 457 -16.99 -53.02 0.49
N GLY C 458 -15.74 -53.31 0.17
CA GLY C 458 -15.29 -54.69 -0.06
C GLY C 458 -15.36 -55.58 1.16
N GLU C 459 -14.78 -55.10 2.27
CA GLU C 459 -14.67 -55.89 3.49
C GLU C 459 -16.01 -56.09 4.22
N GLN C 460 -16.95 -55.16 4.02
CA GLN C 460 -18.25 -55.24 4.70
C GLN C 460 -19.39 -55.61 3.74
N ARG C 461 -19.03 -56.19 2.59
CA ARG C 461 -19.98 -56.58 1.54
C ARG C 461 -21.19 -57.38 2.07
N ALA C 462 -20.94 -58.33 2.97
CA ALA C 462 -22.00 -59.16 3.53
C ALA C 462 -23.05 -58.36 4.32
N LEU C 463 -22.64 -57.23 4.87
CA LEU C 463 -23.54 -56.36 5.63
C LEU C 463 -24.21 -55.24 4.79
N LEU C 464 -23.84 -55.17 3.51
CA LEU C 464 -24.33 -54.11 2.61
C LEU C 464 -25.35 -54.60 1.58
#